data_8Y2L
#
_entry.id   8Y2L
#
_cell.length_a   155.166
_cell.length_b   268.755
_cell.length_c   194.862
_cell.angle_alpha   90.000
_cell.angle_beta   90.000
_cell.angle_gamma   90.000
#
_symmetry.space_group_name_H-M   'C 2 2 21'
#
loop_
_entity.id
_entity.type
_entity.pdbx_description
1 polymer 'Glucosyltransferase TcdB'
2 non-polymer 'MANGANESE (II) ION'
3 non-polymer "URIDINE-5'-DIPHOSPHATE"
4 water water
#
_entity_poly.entity_id   1
_entity_poly.type   'polypeptide(L)'
_entity_poly.pdbx_seq_one_letter_code
;GSGGSLVNRKQLEKMANVRFRTQEDEYVAILDALEEYHNMSENTVVEKYLKLKDINSLTDICIDTYKKSGRNKALKKFKE
YLVTEVLELKNNNLTPVEKNLHFVWIGGQINDTAINYINQWKDVNSDYNVNVFYDSNAFLINTLKKTVVESAINDTLESF
RENLNDPRFDYNKFFRKRMEIIYDKQKNFINYYKAQREENPELIIDDIVKTYLSNEYSKEIDELNTYIEESLNKITQNSG
NDVRNFGEFKNGESFNLYEQELVERWNLAAASDILRISALKEIGGMYLDVDMLPGIQPDLFESIEKPSSVTVDFWEMTKL
EAIMKYKEYIPEYTSEHFDMLDEEVQSSFESVLASKSDKSEIFSSLGDMEASPLEVKIAFNSKGIINQGLISVKDSYCSN
LIVKQIENRYKILNNSLNPAISEDNDFNTTTNTFIDSIMAEANADNGRFMMELGKYLRVGFFPDVKTTINLSGPEAYAAA
YQDLLMFKEGSMNIHLIEADLRNFEISKTNISQSTEQEMASLWSFDDARAKAQFEEYKRNYFEGAL
;
_entity_poly.pdbx_strand_id   A,B,C
#
# COMPACT_ATOMS: atom_id res chain seq x y z
N GLY A 1 77.10 5.99 -19.95
CA GLY A 1 77.18 5.58 -18.55
C GLY A 1 76.85 6.74 -17.60
N SER A 2 75.56 7.07 -17.51
CA SER A 2 75.08 8.16 -16.68
C SER A 2 75.22 7.79 -15.21
N GLY A 3 75.81 8.69 -14.42
CA GLY A 3 75.97 8.48 -12.99
C GLY A 3 74.65 8.65 -12.24
N GLY A 4 73.82 9.59 -12.71
CA GLY A 4 72.52 9.86 -12.11
C GLY A 4 72.64 10.67 -10.83
N SER A 5 71.50 10.86 -10.16
CA SER A 5 71.44 11.66 -8.93
C SER A 5 72.06 10.91 -7.76
N LEU A 6 72.12 9.58 -7.86
CA LEU A 6 72.56 8.75 -6.74
C LEU A 6 73.99 9.14 -6.36
N VAL A 7 74.23 9.25 -5.06
CA VAL A 7 75.45 9.81 -4.52
C VAL A 7 76.58 8.78 -4.63
N ASN A 8 77.81 9.27 -4.68
CA ASN A 8 79.00 8.44 -4.71
C ASN A 8 79.41 8.09 -3.29
N ARG A 9 80.12 6.97 -3.12
CA ARG A 9 80.58 6.51 -1.82
C ARG A 9 80.97 7.70 -0.94
N LYS A 10 81.90 8.52 -1.43
CA LYS A 10 82.52 9.58 -0.63
C LYS A 10 81.45 10.59 -0.20
N GLN A 11 80.44 10.79 -1.05
CA GLN A 11 79.35 11.70 -0.76
C GLN A 11 78.52 11.16 0.40
N LEU A 12 78.17 9.87 0.32
CA LEU A 12 77.36 9.23 1.35
C LEU A 12 78.12 9.21 2.68
N GLU A 13 79.44 8.96 2.60
CA GLU A 13 80.28 9.05 3.78
C GLU A 13 80.11 10.43 4.42
N LYS A 14 80.12 11.48 3.59
CA LYS A 14 79.98 12.85 4.06
C LYS A 14 78.58 13.11 4.59
N MET A 15 77.58 12.42 4.02
CA MET A 15 76.18 12.56 4.45
C MET A 15 76.00 12.10 5.89
N ALA A 16 76.70 11.04 6.28
CA ALA A 16 76.48 10.39 7.57
C ALA A 16 77.61 10.74 8.55
N ASN A 17 78.85 10.44 8.15
CA ASN A 17 80.02 10.56 9.00
C ASN A 17 79.73 11.44 10.21
N VAL A 18 79.36 10.81 11.33
CA VAL A 18 79.25 11.48 12.62
C VAL A 18 80.64 11.50 13.25
N ARG A 19 80.95 12.59 13.99
CA ARG A 19 82.30 12.82 14.47
C ARG A 19 82.61 11.86 15.62
N PHE A 20 83.85 11.33 15.61
CA PHE A 20 84.33 10.39 16.60
C PHE A 20 83.39 9.18 16.66
N ARG A 21 83.40 8.40 15.58
CA ARG A 21 82.74 7.11 15.49
C ARG A 21 83.28 6.35 14.28
N THR A 22 83.70 5.10 14.51
CA THR A 22 84.28 4.29 13.44
C THR A 22 83.16 3.67 12.61
N GLN A 23 83.55 3.07 11.48
CA GLN A 23 82.63 2.45 10.56
C GLN A 23 82.51 0.96 10.87
N GLU A 24 81.27 0.45 10.88
CA GLU A 24 80.98 -0.90 11.32
C GLU A 24 81.16 -1.87 10.16
N ASP A 25 81.15 -3.18 10.48
CA ASP A 25 81.14 -4.22 9.46
C ASP A 25 79.89 -4.06 8.59
N GLU A 26 78.80 -3.53 9.17
CA GLU A 26 77.50 -3.45 8.51
C GLU A 26 77.27 -2.12 7.80
N TYR A 27 78.04 -1.08 8.15
CA TYR A 27 77.88 0.23 7.51
C TYR A 27 78.70 0.27 6.23
N VAL A 28 79.93 -0.25 6.30
CA VAL A 28 80.82 -0.31 5.15
C VAL A 28 80.17 -1.15 4.06
N ALA A 29 79.29 -2.07 4.47
CA ALA A 29 78.54 -2.91 3.56
C ALA A 29 77.87 -2.08 2.46
N ILE A 30 77.29 -0.94 2.85
CA ILE A 30 76.59 -0.07 1.91
C ILE A 30 77.63 0.60 1.00
N LEU A 31 78.71 1.07 1.60
CA LEU A 31 79.72 1.87 0.90
C LEU A 31 80.40 1.04 -0.18
N ASP A 32 80.81 -0.18 0.17
CA ASP A 32 81.48 -1.07 -0.78
C ASP A 32 80.53 -1.45 -1.92
N ALA A 33 79.22 -1.53 -1.61
CA ALA A 33 78.21 -1.91 -2.60
C ALA A 33 77.83 -0.72 -3.48
N LEU A 34 77.75 0.47 -2.86
CA LEU A 34 77.39 1.69 -3.58
C LEU A 34 78.51 2.06 -4.56
N GLU A 35 79.77 1.87 -4.12
CA GLU A 35 80.93 2.12 -4.95
C GLU A 35 80.85 1.22 -6.20
N GLU A 36 80.50 -0.06 -5.98
CA GLU A 36 80.38 -1.02 -7.06
C GLU A 36 79.34 -0.55 -8.08
N TYR A 37 78.20 -0.06 -7.60
CA TYR A 37 77.08 0.31 -8.46
C TYR A 37 77.52 1.32 -9.50
N HIS A 38 78.33 2.31 -9.09
CA HIS A 38 78.71 3.42 -9.95
C HIS A 38 79.69 2.97 -11.04
N ASN A 39 80.22 1.73 -10.91
CA ASN A 39 81.18 1.20 -11.88
C ASN A 39 80.51 0.22 -12.85
N MET A 40 79.17 0.27 -12.94
CA MET A 40 78.42 -0.68 -13.75
C MET A 40 77.84 0.02 -14.98
N SER A 41 78.70 0.72 -15.72
CA SER A 41 78.28 1.46 -16.90
C SER A 41 77.85 0.51 -18.01
N GLU A 42 78.62 -0.57 -18.19
CA GLU A 42 78.44 -1.50 -19.30
C GLU A 42 77.25 -2.43 -19.04
N ASN A 43 76.82 -2.55 -17.78
CA ASN A 43 75.82 -3.52 -17.39
C ASN A 43 74.42 -3.02 -17.76
N THR A 44 73.45 -3.95 -17.72
CA THR A 44 72.07 -3.70 -18.14
C THR A 44 71.38 -2.85 -17.09
N VAL A 45 70.31 -2.15 -17.50
CA VAL A 45 69.53 -1.32 -16.60
C VAL A 45 68.88 -2.18 -15.53
N VAL A 46 68.49 -3.41 -15.89
CA VAL A 46 67.85 -4.33 -14.96
C VAL A 46 68.87 -4.78 -13.92
N GLU A 47 70.13 -4.97 -14.34
CA GLU A 47 71.20 -5.39 -13.45
C GLU A 47 71.53 -4.25 -12.48
N LYS A 48 71.41 -3.01 -12.97
CA LYS A 48 71.62 -1.83 -12.14
C LYS A 48 70.55 -1.78 -11.04
N TYR A 49 69.30 -2.15 -11.40
CA TYR A 49 68.20 -2.10 -10.46
C TYR A 49 68.43 -3.10 -9.33
N LEU A 50 68.83 -4.32 -9.68
CA LEU A 50 69.05 -5.36 -8.68
C LEU A 50 70.17 -4.97 -7.72
N LYS A 51 71.12 -4.15 -8.20
CA LYS A 51 72.20 -3.67 -7.36
C LYS A 51 71.66 -2.61 -6.39
N LEU A 52 70.71 -1.79 -6.85
CA LEU A 52 70.02 -0.86 -5.99
C LEU A 52 69.18 -1.63 -4.97
N LYS A 53 68.48 -2.67 -5.44
CA LYS A 53 67.68 -3.53 -4.58
C LYS A 53 68.51 -3.98 -3.38
N ASP A 54 69.71 -4.48 -3.67
CA ASP A 54 70.60 -5.00 -2.64
C ASP A 54 71.09 -3.86 -1.75
N ILE A 55 71.38 -2.69 -2.36
CA ILE A 55 71.81 -1.53 -1.61
C ILE A 55 70.70 -1.11 -0.65
N ASN A 56 69.47 -0.99 -1.16
CA ASN A 56 68.34 -0.57 -0.35
C ASN A 56 68.20 -1.49 0.85
N SER A 57 68.36 -2.79 0.61
CA SER A 57 68.21 -3.80 1.65
C SER A 57 69.36 -3.69 2.67
N LEU A 58 70.57 -3.40 2.18
CA LEU A 58 71.73 -3.29 3.05
C LEU A 58 71.58 -2.11 4.02
N THR A 59 71.00 -1.01 3.54
CA THR A 59 70.88 0.21 4.32
C THR A 59 69.85 0.01 5.44
N ASP A 60 68.75 -0.68 5.14
CA ASP A 60 67.67 -0.86 6.10
C ASP A 60 68.05 -1.91 7.14
N ILE A 61 69.12 -2.68 6.89
CA ILE A 61 69.72 -3.52 7.90
C ILE A 61 70.53 -2.65 8.85
N CYS A 62 71.33 -1.75 8.28
CA CYS A 62 72.25 -0.91 9.03
C CYS A 62 71.50 0.04 9.98
N ILE A 63 70.27 0.43 9.61
CA ILE A 63 69.46 1.31 10.44
C ILE A 63 68.72 0.48 11.48
N ASP A 64 68.43 -0.79 11.15
CA ASP A 64 67.68 -1.67 12.05
C ASP A 64 68.64 -2.32 13.06
N THR A 65 69.88 -2.57 12.64
CA THR A 65 70.88 -3.16 13.51
C THR A 65 71.14 -2.23 14.69
N TYR A 66 71.51 -0.99 14.38
CA TYR A 66 71.75 0.03 15.40
C TYR A 66 70.66 1.09 15.25
N LYS A 67 69.73 1.14 16.21
CA LYS A 67 68.64 2.11 16.18
C LYS A 67 69.02 3.39 16.93
N LYS A 68 70.18 3.35 17.61
CA LYS A 68 70.76 4.54 18.23
C LYS A 68 71.45 5.39 17.17
N SER A 69 72.26 4.74 16.34
CA SER A 69 73.09 5.38 15.32
C SER A 69 72.45 6.68 14.83
N GLY A 70 73.18 7.79 15.00
CA GLY A 70 72.74 9.09 14.51
C GLY A 70 72.74 9.14 12.99
N ARG A 71 73.49 8.23 12.35
CA ARG A 71 73.52 8.09 10.90
C ARG A 71 72.10 7.93 10.34
N ASN A 72 71.28 7.11 11.03
CA ASN A 72 69.98 6.68 10.55
C ASN A 72 69.29 7.77 9.73
N LYS A 73 69.10 8.95 10.32
CA LYS A 73 68.32 10.01 9.70
C LYS A 73 68.87 10.36 8.32
N ALA A 74 70.20 10.26 8.16
CA ALA A 74 70.84 10.48 6.88
C ALA A 74 70.60 9.29 5.94
N LEU A 75 70.70 8.07 6.49
CA LEU A 75 70.49 6.84 5.72
C LEU A 75 69.00 6.69 5.37
N LYS A 76 68.12 7.24 6.21
CA LYS A 76 66.70 7.32 5.90
C LYS A 76 66.50 8.16 4.64
N LYS A 77 67.33 9.20 4.49
CA LYS A 77 67.27 10.09 3.35
C LYS A 77 67.92 9.41 2.14
N PHE A 78 68.95 8.58 2.37
CA PHE A 78 69.64 7.88 1.30
C PHE A 78 68.68 6.92 0.59
N LYS A 79 67.69 6.39 1.33
CA LYS A 79 66.69 5.50 0.76
C LYS A 79 65.88 6.24 -0.30
N GLU A 80 65.57 7.53 -0.04
CA GLU A 80 64.78 8.34 -0.95
C GLU A 80 65.49 8.45 -2.30
N TYR A 81 66.82 8.69 -2.27
CA TYR A 81 67.60 8.86 -3.48
C TYR A 81 67.51 7.60 -4.35
N LEU A 82 67.56 6.43 -3.70
CA LEU A 82 67.54 5.15 -4.40
C LEU A 82 66.28 5.04 -5.25
N VAL A 83 65.15 5.48 -4.70
CA VAL A 83 63.87 5.47 -5.41
C VAL A 83 63.99 6.36 -6.64
N THR A 84 64.41 7.61 -6.43
CA THR A 84 64.57 8.58 -7.49
C THR A 84 65.50 8.02 -8.57
N GLU A 85 66.59 7.36 -8.13
CA GLU A 85 67.57 6.77 -9.04
C GLU A 85 66.91 5.66 -9.87
N VAL A 86 66.00 4.90 -9.25
CA VAL A 86 65.24 3.88 -9.97
C VAL A 86 64.38 4.54 -11.03
N LEU A 87 63.75 5.67 -10.68
CA LEU A 87 62.90 6.40 -11.61
C LEU A 87 63.75 7.01 -12.71
N GLU A 88 64.95 7.49 -12.36
CA GLU A 88 65.86 8.06 -13.34
C GLU A 88 66.35 6.97 -14.29
N LEU A 89 66.59 5.75 -13.77
CA LEU A 89 66.95 4.62 -14.60
C LEU A 89 65.82 4.33 -15.59
N LYS A 90 64.58 4.33 -15.07
CA LYS A 90 63.41 4.02 -15.87
C LYS A 90 63.33 4.98 -17.07
N ASN A 91 63.28 6.28 -16.77
CA ASN A 91 62.99 7.28 -17.78
C ASN A 91 64.13 7.40 -18.80
N ASN A 92 65.38 7.43 -18.31
CA ASN A 92 66.51 7.84 -19.12
C ASN A 92 66.91 6.75 -20.12
N ASN A 93 66.95 5.49 -19.67
CA ASN A 93 67.47 4.39 -20.49
C ASN A 93 66.30 3.59 -21.05
N LEU A 94 65.91 3.91 -22.29
CA LEU A 94 64.71 3.35 -22.91
C LEU A 94 65.10 2.34 -23.99
N THR A 95 64.13 1.49 -24.35
CA THR A 95 64.29 0.44 -25.34
C THR A 95 63.07 0.44 -26.26
N PRO A 96 63.23 0.17 -27.57
CA PRO A 96 62.07 0.06 -28.47
C PRO A 96 61.20 -1.14 -28.12
N VAL A 97 59.87 -0.92 -28.10
CA VAL A 97 58.92 -1.96 -27.74
C VAL A 97 58.53 -2.71 -29.02
N GLU A 98 58.18 -3.99 -28.86
CA GLU A 98 57.77 -4.83 -29.97
C GLU A 98 56.40 -4.35 -30.46
N LYS A 99 56.27 -4.16 -31.78
CA LYS A 99 55.05 -3.61 -32.36
C LYS A 99 53.99 -4.71 -32.46
N ASN A 100 53.34 -5.00 -31.33
CA ASN A 100 52.30 -6.02 -31.27
C ASN A 100 51.11 -5.50 -30.47
N LEU A 101 50.03 -5.15 -31.17
CA LEU A 101 48.75 -4.92 -30.52
C LEU A 101 48.16 -6.26 -30.11
N HIS A 102 47.79 -6.38 -28.82
CA HIS A 102 47.15 -7.59 -28.31
C HIS A 102 45.71 -7.26 -27.94
N PHE A 103 44.79 -8.15 -28.34
CA PHE A 103 43.41 -8.14 -27.86
C PHE A 103 43.10 -9.56 -27.37
N VAL A 104 42.06 -9.68 -26.53
CA VAL A 104 41.65 -10.99 -26.04
C VAL A 104 40.13 -11.03 -25.98
N TRP A 105 39.57 -12.16 -26.41
CA TRP A 105 38.16 -12.47 -26.22
C TRP A 105 37.99 -13.99 -26.18
N ILE A 106 37.60 -14.49 -25.00
CA ILE A 106 37.46 -15.92 -24.76
C ILE A 106 36.15 -16.19 -24.04
N GLY A 107 35.64 -17.42 -24.17
CA GLY A 107 34.45 -17.84 -23.47
C GLY A 107 33.27 -18.05 -24.41
N GLY A 108 33.19 -17.21 -25.46
CA GLY A 108 32.11 -17.28 -26.42
C GLY A 108 32.55 -16.76 -27.79
N GLN A 109 31.57 -16.60 -28.69
CA GLN A 109 31.81 -16.05 -30.01
C GLN A 109 32.18 -14.58 -29.87
N ILE A 110 33.12 -14.12 -30.71
CA ILE A 110 33.52 -12.72 -30.73
C ILE A 110 32.39 -11.90 -31.35
N ASN A 111 32.07 -10.78 -30.69
CA ASN A 111 31.01 -9.88 -31.12
C ASN A 111 31.53 -8.99 -32.24
N ASP A 112 30.62 -8.55 -33.12
CA ASP A 112 30.98 -7.78 -34.30
C ASP A 112 31.38 -6.36 -33.89
N THR A 113 30.70 -5.79 -32.89
CA THR A 113 31.00 -4.45 -32.42
C THR A 113 32.42 -4.41 -31.85
N ALA A 114 32.85 -5.53 -31.28
CA ALA A 114 34.22 -5.68 -30.78
C ALA A 114 35.21 -5.66 -31.95
N ILE A 115 34.88 -6.41 -33.02
CA ILE A 115 35.74 -6.53 -34.18
C ILE A 115 35.87 -5.18 -34.88
N ASN A 116 34.78 -4.42 -34.93
CA ASN A 116 34.78 -3.10 -35.55
C ASN A 116 35.77 -2.19 -34.83
N TYR A 117 35.79 -2.28 -33.49
CA TYR A 117 36.69 -1.49 -32.67
C TYR A 117 38.14 -1.89 -32.97
N ILE A 118 38.38 -3.19 -33.08
CA ILE A 118 39.71 -3.73 -33.36
C ILE A 118 40.21 -3.19 -34.69
N ASN A 119 39.36 -3.28 -35.73
CA ASN A 119 39.76 -2.93 -37.09
C ASN A 119 40.24 -1.48 -37.14
N GLN A 120 39.63 -0.60 -36.34
CA GLN A 120 40.03 0.80 -36.30
C GLN A 120 41.52 0.90 -36.04
N TRP A 121 41.99 0.20 -35.00
CA TRP A 121 43.42 0.12 -34.70
C TRP A 121 44.16 -0.45 -35.91
N LYS A 122 43.69 -1.61 -36.38
CA LYS A 122 44.37 -2.39 -37.40
C LYS A 122 44.59 -1.57 -38.66
N ASP A 123 43.62 -0.71 -39.00
CA ASP A 123 43.69 0.10 -40.21
C ASP A 123 44.83 1.11 -40.11
N VAL A 124 44.77 1.97 -39.08
CA VAL A 124 45.69 3.10 -38.97
C VAL A 124 47.10 2.60 -38.64
N ASN A 125 47.20 1.46 -37.95
CA ASN A 125 48.48 0.87 -37.58
C ASN A 125 48.73 -0.35 -38.45
N SER A 126 49.36 -0.12 -39.61
CA SER A 126 49.65 -1.18 -40.57
C SER A 126 50.89 -1.96 -40.16
N ASP A 127 51.82 -1.29 -39.47
CA ASP A 127 53.11 -1.86 -39.11
C ASP A 127 52.96 -2.85 -37.95
N TYR A 128 52.00 -2.60 -37.05
CA TYR A 128 51.82 -3.44 -35.87
C TYR A 128 51.20 -4.78 -36.28
N ASN A 129 51.78 -5.86 -35.72
CA ASN A 129 51.22 -7.19 -35.85
C ASN A 129 50.15 -7.38 -34.77
N VAL A 130 48.88 -7.32 -35.16
CA VAL A 130 47.77 -7.47 -34.23
C VAL A 130 47.57 -8.96 -33.96
N ASN A 131 47.19 -9.28 -32.71
CA ASN A 131 46.89 -10.64 -32.30
C ASN A 131 45.68 -10.63 -31.36
N VAL A 132 44.50 -10.95 -31.91
CA VAL A 132 43.29 -11.10 -31.13
C VAL A 132 43.24 -12.54 -30.59
N PHE A 133 43.56 -12.70 -29.29
CA PHE A 133 43.64 -14.01 -28.67
C PHE A 133 42.24 -14.61 -28.58
N TYR A 134 42.19 -15.95 -28.64
CA TYR A 134 40.96 -16.69 -28.40
C TYR A 134 41.32 -18.04 -27.80
N ASP A 135 40.31 -18.86 -27.51
CA ASP A 135 40.51 -20.20 -26.98
C ASP A 135 39.58 -21.16 -27.70
N SER A 136 40.17 -22.09 -28.46
CA SER A 136 39.42 -23.08 -29.21
C SER A 136 38.69 -24.04 -28.28
N ASN A 137 39.37 -24.40 -27.17
CA ASN A 137 38.83 -25.36 -26.22
C ASN A 137 37.58 -24.81 -25.54
N ALA A 138 37.51 -23.48 -25.38
CA ALA A 138 36.42 -22.84 -24.64
C ALA A 138 35.73 -21.77 -25.49
N PHE A 139 34.72 -22.19 -26.25
CA PHE A 139 33.80 -21.28 -26.91
C PHE A 139 32.44 -21.31 -26.21
N LEU A 140 32.22 -22.28 -25.31
CA LEU A 140 30.91 -22.55 -24.75
C LEU A 140 30.88 -22.26 -23.25
N ILE A 141 31.91 -21.59 -22.72
CA ILE A 141 31.92 -21.23 -21.31
C ILE A 141 30.82 -20.20 -21.06
N ASN A 142 30.72 -19.21 -21.96
CA ASN A 142 29.81 -18.10 -21.77
C ASN A 142 28.35 -18.60 -21.84
N THR A 143 28.09 -19.52 -22.77
CA THR A 143 26.75 -20.07 -22.94
C THR A 143 26.40 -21.00 -21.78
N LEU A 144 27.41 -21.63 -21.18
CA LEU A 144 27.23 -22.48 -20.00
C LEU A 144 26.72 -21.64 -18.83
N LYS A 145 27.39 -20.51 -18.59
CA LYS A 145 26.98 -19.55 -17.57
C LYS A 145 25.57 -19.05 -17.87
N LYS A 146 25.37 -18.53 -19.09
CA LYS A 146 24.10 -17.98 -19.55
C LYS A 146 22.95 -18.94 -19.26
N THR A 147 23.16 -20.24 -19.52
CA THR A 147 22.14 -21.26 -19.33
C THR A 147 21.86 -21.45 -17.84
N VAL A 148 22.92 -21.46 -17.03
CA VAL A 148 22.80 -21.74 -15.60
C VAL A 148 22.10 -20.58 -14.91
N VAL A 149 22.72 -19.39 -14.96
CA VAL A 149 22.25 -18.22 -14.23
C VAL A 149 20.78 -17.97 -14.53
N GLU A 150 20.40 -18.07 -15.82
CA GLU A 150 19.03 -17.84 -16.23
C GLU A 150 18.12 -18.93 -15.65
N SER A 151 18.60 -20.17 -15.66
CA SER A 151 17.86 -21.30 -15.12
C SER A 151 17.84 -21.25 -13.59
N ALA A 152 18.74 -20.46 -12.99
CA ALA A 152 18.75 -20.25 -11.56
C ALA A 152 17.82 -19.11 -11.15
N ILE A 153 17.66 -18.11 -12.04
CA ILE A 153 16.73 -17.02 -11.81
C ILE A 153 15.30 -17.58 -11.84
N ASN A 154 15.00 -18.38 -12.86
CA ASN A 154 13.67 -18.95 -13.04
C ASN A 154 13.26 -19.75 -11.80
N ASP A 155 14.20 -20.52 -11.25
CA ASP A 155 13.93 -21.33 -10.06
C ASP A 155 13.69 -20.43 -8.86
N THR A 156 14.47 -19.35 -8.74
CA THR A 156 14.44 -18.48 -7.57
C THR A 156 13.12 -17.72 -7.51
N LEU A 157 12.65 -17.21 -8.65
CA LEU A 157 11.44 -16.43 -8.72
C LEU A 157 10.23 -17.27 -8.29
N GLU A 158 10.22 -18.56 -8.67
CA GLU A 158 9.09 -19.43 -8.40
C GLU A 158 9.06 -19.83 -6.93
N SER A 159 10.22 -19.77 -6.26
CA SER A 159 10.30 -20.06 -4.84
C SER A 159 9.62 -18.95 -4.03
N PHE A 160 9.50 -17.77 -4.64
CA PHE A 160 8.87 -16.62 -3.98
C PHE A 160 7.35 -16.71 -4.14
N ARG A 161 6.88 -16.59 -5.39
CA ARG A 161 5.47 -16.44 -5.74
C ARG A 161 4.62 -16.19 -4.49
N GLU A 162 4.48 -17.22 -3.64
CA GLU A 162 3.56 -17.19 -2.51
C GLU A 162 4.09 -16.26 -1.40
N ASN A 163 5.09 -15.42 -1.72
CA ASN A 163 5.62 -14.45 -0.78
C ASN A 163 6.04 -13.19 -1.52
N LEU A 164 5.32 -12.81 -2.58
CA LEU A 164 5.81 -11.81 -3.52
C LEU A 164 5.67 -10.41 -2.92
N ASN A 165 4.64 -10.19 -2.11
CA ASN A 165 4.39 -8.89 -1.49
C ASN A 165 4.97 -8.83 -0.08
N ASP A 166 5.61 -9.92 0.35
CA ASP A 166 6.21 -10.00 1.68
C ASP A 166 7.55 -9.26 1.66
N PRO A 167 7.72 -8.19 2.47
CA PRO A 167 8.88 -7.31 2.33
C PRO A 167 10.21 -7.87 2.83
N ARG A 168 10.18 -9.11 3.33
CA ARG A 168 11.38 -9.85 3.67
C ARG A 168 12.10 -10.28 2.39
N PHE A 169 11.33 -10.63 1.36
CA PHE A 169 11.87 -11.11 0.10
C PHE A 169 12.24 -9.91 -0.77
N ASP A 170 13.34 -9.24 -0.42
CA ASP A 170 13.82 -8.06 -1.12
C ASP A 170 14.88 -8.50 -2.13
N TYR A 171 15.53 -7.53 -2.76
CA TYR A 171 16.55 -7.81 -3.77
C TYR A 171 17.70 -8.59 -3.15
N ASN A 172 18.04 -8.29 -1.90
CA ASN A 172 19.14 -8.95 -1.22
C ASN A 172 18.84 -10.44 -1.03
N LYS A 173 17.63 -10.75 -0.56
CA LYS A 173 17.25 -12.12 -0.30
C LYS A 173 17.15 -12.92 -1.60
N PHE A 174 16.91 -12.22 -2.71
CA PHE A 174 16.76 -12.86 -4.01
C PHE A 174 18.10 -13.38 -4.50
N PHE A 175 19.09 -12.49 -4.62
CA PHE A 175 20.40 -12.83 -5.12
C PHE A 175 21.06 -13.87 -4.22
N ARG A 176 20.78 -13.79 -2.91
CA ARG A 176 21.34 -14.71 -1.93
C ARG A 176 20.81 -16.12 -2.19
N LYS A 177 19.51 -16.22 -2.50
CA LYS A 177 18.88 -17.49 -2.82
C LYS A 177 19.34 -17.98 -4.19
N ARG A 178 19.54 -17.05 -5.13
CA ARG A 178 19.96 -17.38 -6.48
C ARG A 178 21.37 -17.99 -6.43
N MET A 179 22.29 -17.31 -5.73
CA MET A 179 23.67 -17.73 -5.66
C MET A 179 23.76 -19.12 -5.05
N GLU A 180 22.90 -19.40 -4.07
CA GLU A 180 22.86 -20.69 -3.39
C GLU A 180 22.63 -21.80 -4.41
N ILE A 181 21.76 -21.54 -5.39
CA ILE A 181 21.48 -22.49 -6.46
C ILE A 181 22.63 -22.47 -7.47
N ILE A 182 23.04 -21.26 -7.90
CA ILE A 182 24.09 -21.11 -8.89
C ILE A 182 25.33 -21.89 -8.46
N TYR A 183 25.70 -21.78 -7.19
CA TYR A 183 26.86 -22.48 -6.66
C TYR A 183 26.69 -23.99 -6.84
N ASP A 184 25.50 -24.48 -6.51
CA ASP A 184 25.21 -25.91 -6.56
C ASP A 184 25.30 -26.42 -8.00
N LYS A 185 24.77 -25.64 -8.95
CA LYS A 185 24.83 -25.97 -10.36
C LYS A 185 26.27 -25.91 -10.85
N GLN A 186 26.96 -24.81 -10.51
CA GLN A 186 28.32 -24.56 -10.94
C GLN A 186 29.27 -25.65 -10.42
N LYS A 187 29.05 -26.06 -9.17
CA LYS A 187 29.87 -27.09 -8.54
C LYS A 187 29.62 -28.44 -9.20
N ASN A 188 28.35 -28.74 -9.48
CA ASN A 188 27.95 -30.00 -10.10
C ASN A 188 28.71 -30.18 -11.42
N PHE A 189 28.73 -29.12 -12.23
CA PHE A 189 29.44 -29.11 -13.50
C PHE A 189 30.93 -29.39 -13.29
N ILE A 190 31.48 -28.85 -12.19
CA ILE A 190 32.89 -29.03 -11.87
C ILE A 190 33.16 -30.52 -11.59
N ASN A 191 32.35 -31.13 -10.71
CA ASN A 191 32.56 -32.51 -10.31
C ASN A 191 32.45 -33.43 -11.52
N TYR A 192 31.59 -33.05 -12.48
CA TYR A 192 31.47 -33.76 -13.75
C TYR A 192 32.75 -33.54 -14.57
N TYR A 193 33.18 -32.28 -14.68
CA TYR A 193 34.36 -31.93 -15.46
C TYR A 193 35.60 -32.64 -14.92
N LYS A 194 35.78 -32.63 -13.59
CA LYS A 194 36.96 -33.19 -12.96
C LYS A 194 36.82 -34.69 -12.73
N ALA A 195 35.76 -35.30 -13.28
CA ALA A 195 35.64 -36.74 -13.37
C ALA A 195 35.75 -37.19 -14.83
N GLN A 196 35.32 -36.34 -15.76
CA GLN A 196 35.41 -36.64 -17.18
C GLN A 196 36.85 -36.50 -17.66
N ARG A 197 37.55 -35.46 -17.17
CA ARG A 197 38.93 -35.22 -17.55
C ARG A 197 39.84 -36.23 -16.85
N GLU A 198 39.46 -36.66 -15.65
CA GLU A 198 40.18 -37.68 -14.92
C GLU A 198 40.06 -39.02 -15.63
N GLU A 199 38.92 -39.24 -16.29
CA GLU A 199 38.63 -40.48 -17.00
C GLU A 199 39.35 -40.49 -18.35
N ASN A 200 39.18 -39.41 -19.14
CA ASN A 200 39.71 -39.34 -20.49
C ASN A 200 40.51 -38.06 -20.68
N PRO A 201 41.79 -38.00 -20.24
CA PRO A 201 42.61 -36.80 -20.40
C PRO A 201 42.96 -36.39 -21.84
N GLU A 202 42.06 -36.71 -22.79
CA GLU A 202 42.16 -36.21 -24.15
C GLU A 202 40.79 -35.67 -24.58
N LEU A 203 40.04 -35.12 -23.60
CA LEU A 203 38.79 -34.43 -23.87
C LEU A 203 38.98 -32.94 -23.57
N ILE A 204 38.52 -32.08 -24.48
CA ILE A 204 38.67 -30.65 -24.33
C ILE A 204 37.52 -30.12 -23.47
N ILE A 205 37.51 -28.81 -23.21
CA ILE A 205 36.55 -28.17 -22.33
C ILE A 205 35.15 -28.30 -22.93
N ASP A 206 35.01 -27.81 -24.18
CA ASP A 206 33.72 -27.75 -24.86
C ASP A 206 33.02 -29.11 -24.87
N ASP A 207 33.78 -30.17 -25.17
CA ASP A 207 33.24 -31.52 -25.26
C ASP A 207 32.54 -31.89 -23.94
N ILE A 208 33.08 -31.42 -22.82
CA ILE A 208 32.48 -31.64 -21.51
C ILE A 208 31.28 -30.72 -21.35
N VAL A 209 31.40 -29.48 -21.83
CA VAL A 209 30.34 -28.50 -21.74
C VAL A 209 29.11 -28.99 -22.51
N LYS A 210 29.28 -29.21 -23.83
CA LYS A 210 28.17 -29.51 -24.71
C LYS A 210 27.39 -30.72 -24.20
N THR A 211 28.10 -31.72 -23.66
CA THR A 211 27.48 -32.92 -23.13
C THR A 211 26.70 -32.58 -21.85
N TYR A 212 27.24 -31.66 -21.05
CA TYR A 212 26.61 -31.24 -19.80
C TYR A 212 25.29 -30.53 -20.09
N LEU A 213 25.29 -29.69 -21.14
CA LEU A 213 24.09 -28.98 -21.54
C LEU A 213 23.06 -29.96 -22.11
N SER A 214 23.55 -31.00 -22.80
CA SER A 214 22.69 -31.96 -23.46
C SER A 214 21.89 -32.78 -22.44
N ASN A 215 22.59 -33.29 -21.42
CA ASN A 215 21.99 -34.19 -20.46
C ASN A 215 21.05 -33.43 -19.52
N GLU A 216 21.50 -32.26 -19.05
CA GLU A 216 20.84 -31.57 -17.95
C GLU A 216 19.87 -30.51 -18.49
N TYR A 217 20.40 -29.56 -19.29
CA TYR A 217 19.64 -28.38 -19.67
C TYR A 217 19.02 -28.55 -21.06
N SER A 218 18.98 -29.80 -21.56
CA SER A 218 18.18 -30.16 -22.74
C SER A 218 18.55 -29.28 -23.93
N LYS A 219 19.83 -29.37 -24.36
CA LYS A 219 20.31 -28.63 -25.51
C LYS A 219 20.77 -29.62 -26.58
N GLU A 220 20.42 -29.31 -27.84
CA GLU A 220 20.86 -30.11 -28.98
C GLU A 220 22.29 -29.73 -29.34
N ILE A 221 23.16 -30.76 -29.44
CA ILE A 221 24.59 -30.58 -29.55
C ILE A 221 24.94 -29.95 -30.90
N ASP A 222 24.22 -30.35 -31.96
CA ASP A 222 24.51 -29.93 -33.32
C ASP A 222 24.39 -28.41 -33.46
N GLU A 223 23.48 -27.80 -32.69
CA GLU A 223 23.30 -26.36 -32.69
C GLU A 223 24.53 -25.66 -32.10
N LEU A 224 25.18 -26.33 -31.13
CA LEU A 224 26.38 -25.79 -30.50
C LEU A 224 27.57 -25.95 -31.45
N ASN A 225 27.59 -27.06 -32.21
CA ASN A 225 28.69 -27.37 -33.10
C ASN A 225 28.73 -26.40 -34.28
N THR A 226 27.56 -25.85 -34.66
CA THR A 226 27.49 -24.81 -35.66
C THR A 226 27.97 -23.48 -35.04
N TYR A 227 27.66 -23.28 -33.75
CA TYR A 227 28.06 -22.07 -33.04
C TYR A 227 29.58 -22.00 -32.96
N ILE A 228 30.23 -23.09 -32.49
CA ILE A 228 31.67 -23.13 -32.34
C ILE A 228 32.33 -22.99 -33.70
N GLU A 229 31.71 -23.57 -34.74
CA GLU A 229 32.24 -23.51 -36.10
C GLU A 229 32.13 -22.08 -36.62
N GLU A 230 30.95 -21.46 -36.41
CA GLU A 230 30.72 -20.09 -36.84
C GLU A 230 31.67 -19.15 -36.11
N SER A 231 32.00 -19.48 -34.86
CA SER A 231 32.90 -18.68 -34.05
C SER A 231 34.34 -18.80 -34.57
N LEU A 232 34.80 -20.04 -34.75
CA LEU A 232 36.19 -20.31 -35.11
C LEU A 232 36.52 -19.64 -36.43
N ASN A 233 35.59 -19.72 -37.40
CA ASN A 233 35.71 -19.02 -38.66
C ASN A 233 35.87 -17.52 -38.42
N LYS A 234 34.98 -16.97 -37.60
CA LYS A 234 34.87 -15.52 -37.41
C LYS A 234 36.16 -14.96 -36.80
N ILE A 235 36.78 -15.71 -35.89
CA ILE A 235 38.00 -15.25 -35.24
C ILE A 235 39.20 -15.51 -36.15
N THR A 236 39.24 -16.69 -36.78
CA THR A 236 40.35 -17.06 -37.64
C THR A 236 40.53 -16.01 -38.74
N GLN A 237 39.41 -15.52 -39.28
CA GLN A 237 39.42 -14.51 -40.34
C GLN A 237 39.94 -13.17 -39.79
N ASN A 238 39.71 -12.91 -38.50
CA ASN A 238 40.13 -11.68 -37.86
C ASN A 238 41.34 -11.92 -36.96
N SER A 239 42.48 -12.26 -37.57
CA SER A 239 43.77 -12.25 -36.89
C SER A 239 43.72 -12.99 -35.56
N GLY A 240 43.20 -14.22 -35.60
CA GLY A 240 42.97 -15.00 -34.38
C GLY A 240 44.20 -15.78 -33.95
N ASN A 241 44.74 -15.45 -32.77
CA ASN A 241 45.79 -16.24 -32.14
C ASN A 241 45.16 -17.12 -31.07
N ASP A 242 45.45 -18.42 -31.12
CA ASP A 242 44.93 -19.36 -30.15
C ASP A 242 45.87 -19.37 -28.94
N VAL A 243 45.31 -19.63 -27.75
CA VAL A 243 46.07 -19.68 -26.52
C VAL A 243 46.74 -21.05 -26.38
N ARG A 244 46.20 -22.05 -27.10
CA ARG A 244 46.71 -23.41 -27.02
C ARG A 244 48.02 -23.51 -27.82
N ASN A 245 48.20 -22.64 -28.81
CA ASN A 245 49.45 -22.52 -29.55
C ASN A 245 50.49 -21.83 -28.67
N PHE A 246 50.06 -20.84 -27.88
CA PHE A 246 50.91 -20.13 -26.95
C PHE A 246 51.15 -21.01 -25.73
N GLY A 247 51.95 -22.08 -25.92
CA GLY A 247 52.18 -23.08 -24.90
C GLY A 247 53.14 -22.59 -23.81
N GLU A 248 53.86 -21.50 -24.11
CA GLU A 248 54.77 -20.87 -23.16
C GLU A 248 53.99 -20.47 -21.91
N PHE A 249 52.74 -20.06 -22.10
CA PHE A 249 51.85 -19.68 -21.02
C PHE A 249 51.31 -20.93 -20.32
N LYS A 250 50.93 -21.95 -21.10
CA LYS A 250 50.36 -23.17 -20.59
C LYS A 250 51.36 -23.92 -19.71
N ASN A 251 52.65 -23.82 -20.05
CA ASN A 251 53.71 -24.44 -19.28
C ASN A 251 53.97 -23.66 -17.99
N GLY A 252 53.69 -22.35 -18.01
CA GLY A 252 53.82 -21.50 -16.84
C GLY A 252 52.81 -21.86 -15.75
N GLU A 253 53.01 -21.30 -14.55
CA GLU A 253 52.20 -21.66 -13.39
C GLU A 253 50.85 -20.93 -13.43
N SER A 254 50.81 -19.78 -14.10
CA SER A 254 49.63 -18.94 -14.14
C SER A 254 48.50 -19.57 -14.94
N PHE A 255 48.77 -20.68 -15.65
CA PHE A 255 47.77 -21.31 -16.49
C PHE A 255 46.68 -21.93 -15.63
N ASN A 256 47.06 -22.67 -14.58
CA ASN A 256 46.10 -23.22 -13.64
C ASN A 256 45.05 -22.16 -13.31
N LEU A 257 45.53 -20.94 -13.05
CA LEU A 257 44.66 -19.83 -12.66
C LEU A 257 43.74 -19.45 -13.83
N TYR A 258 44.30 -19.38 -15.03
CA TYR A 258 43.53 -19.06 -16.22
C TYR A 258 42.33 -19.99 -16.35
N GLU A 259 42.59 -21.31 -16.26
CA GLU A 259 41.54 -22.31 -16.36
C GLU A 259 40.58 -22.18 -15.19
N GLN A 260 41.12 -21.95 -13.98
CA GLN A 260 40.32 -21.85 -12.77
C GLN A 260 39.20 -20.83 -12.96
N GLU A 261 39.56 -19.63 -13.42
CA GLU A 261 38.60 -18.55 -13.60
C GLU A 261 37.75 -18.78 -14.86
N LEU A 262 38.24 -19.60 -15.79
CA LEU A 262 37.53 -19.88 -17.03
C LEU A 262 36.52 -21.00 -16.84
N VAL A 263 36.99 -22.16 -16.37
CA VAL A 263 36.18 -23.37 -16.38
C VAL A 263 35.43 -23.52 -15.06
N GLU A 264 36.06 -23.13 -13.94
CA GLU A 264 35.49 -23.38 -12.62
C GLU A 264 34.57 -22.24 -12.22
N ARG A 265 34.90 -20.99 -12.59
CA ARG A 265 34.17 -19.83 -12.09
C ARG A 265 33.44 -19.09 -13.22
N TRP A 266 33.74 -19.40 -14.49
CA TRP A 266 33.10 -18.76 -15.62
C TRP A 266 33.26 -17.24 -15.52
N ASN A 267 34.46 -16.82 -15.11
CA ASN A 267 34.80 -15.41 -15.00
C ASN A 267 35.77 -15.06 -16.11
N LEU A 268 35.21 -14.70 -17.27
CA LEU A 268 35.99 -14.43 -18.47
C LEU A 268 36.88 -13.21 -18.23
N ALA A 269 36.33 -12.22 -17.53
CA ALA A 269 37.04 -10.99 -17.19
C ALA A 269 38.34 -11.31 -16.46
N ALA A 270 38.27 -12.22 -15.48
CA ALA A 270 39.43 -12.58 -14.69
C ALA A 270 40.47 -13.28 -15.58
N ALA A 271 40.02 -14.27 -16.35
CA ALA A 271 40.89 -15.03 -17.23
C ALA A 271 41.65 -14.08 -18.17
N SER A 272 40.93 -13.09 -18.71
CA SER A 272 41.51 -12.13 -19.65
C SER A 272 42.44 -11.16 -18.94
N ASP A 273 42.20 -10.91 -17.65
CA ASP A 273 43.03 -10.05 -16.84
C ASP A 273 44.38 -10.72 -16.53
N ILE A 274 44.41 -12.06 -16.64
CA ILE A 274 45.64 -12.83 -16.43
C ILE A 274 46.43 -12.89 -17.74
N LEU A 275 45.74 -13.31 -18.80
CA LEU A 275 46.39 -13.61 -20.08
C LEU A 275 47.11 -12.39 -20.61
N ARG A 276 46.49 -11.21 -20.44
CA ARG A 276 46.97 -9.97 -21.02
C ARG A 276 48.41 -9.69 -20.60
N ILE A 277 48.70 -9.81 -19.29
CA ILE A 277 50.01 -9.46 -18.77
C ILE A 277 50.99 -10.59 -19.04
N SER A 278 50.50 -11.84 -18.96
CA SER A 278 51.32 -13.01 -19.27
C SER A 278 51.72 -12.99 -20.75
N ALA A 279 50.88 -12.37 -21.58
CA ALA A 279 51.18 -12.16 -22.99
C ALA A 279 52.31 -11.13 -23.14
N LEU A 280 52.15 -9.98 -22.46
CA LEU A 280 53.12 -8.89 -22.54
C LEU A 280 54.49 -9.35 -22.07
N LYS A 281 54.52 -10.26 -21.09
CA LYS A 281 55.76 -10.71 -20.49
C LYS A 281 56.58 -11.49 -21.53
N GLU A 282 55.89 -12.29 -22.36
CA GLU A 282 56.57 -13.26 -23.20
C GLU A 282 56.55 -12.87 -24.68
N ILE A 283 55.80 -11.80 -25.01
CA ILE A 283 55.68 -11.34 -26.40
C ILE A 283 56.17 -9.90 -26.50
N GLY A 284 55.57 -9.02 -25.70
CA GLY A 284 55.92 -7.60 -25.69
C GLY A 284 55.07 -6.83 -26.70
N GLY A 285 54.47 -5.72 -26.25
CA GLY A 285 53.66 -4.87 -27.10
C GLY A 285 52.71 -4.01 -26.28
N MET A 286 51.54 -3.71 -26.87
CA MET A 286 50.49 -2.99 -26.17
C MET A 286 49.22 -3.84 -26.13
N TYR A 287 48.76 -4.15 -24.91
CA TYR A 287 47.49 -4.82 -24.72
C TYR A 287 46.39 -3.77 -24.60
N LEU A 288 45.25 -4.05 -25.23
CA LEU A 288 44.07 -3.20 -25.14
C LEU A 288 42.85 -4.07 -24.85
N ASP A 289 41.94 -3.54 -24.03
CA ASP A 289 40.59 -4.04 -23.97
C ASP A 289 39.92 -3.76 -25.31
N VAL A 290 38.94 -4.59 -25.67
CA VAL A 290 38.33 -4.52 -26.99
C VAL A 290 37.42 -3.29 -27.09
N ASP A 291 36.98 -2.77 -25.94
CA ASP A 291 36.09 -1.63 -25.88
C ASP A 291 36.83 -0.32 -26.14
N MET A 292 38.15 -0.39 -26.38
CA MET A 292 38.99 0.79 -26.53
C MET A 292 39.06 1.18 -28.01
N LEU A 293 39.35 2.47 -28.26
CA LEU A 293 39.53 2.99 -29.60
C LEU A 293 40.79 3.86 -29.64
N PRO A 294 41.42 4.03 -30.83
CA PRO A 294 42.69 4.76 -30.93
C PRO A 294 42.53 6.26 -30.66
N GLY A 295 43.68 6.92 -30.47
CA GLY A 295 43.71 8.30 -30.02
C GLY A 295 43.35 9.28 -31.14
N ILE A 296 42.48 10.25 -30.81
CA ILE A 296 42.18 11.36 -31.70
C ILE A 296 43.38 12.30 -31.73
N GLN A 297 43.62 12.91 -32.89
CA GLN A 297 44.78 13.78 -33.10
C GLN A 297 44.69 14.99 -32.17
N PRO A 298 45.82 15.47 -31.61
CA PRO A 298 45.85 16.73 -30.85
C PRO A 298 45.33 17.93 -31.64
N ASP A 299 45.68 17.98 -32.93
CA ASP A 299 45.40 19.13 -33.78
C ASP A 299 43.93 19.15 -34.20
N LEU A 300 43.41 17.98 -34.61
CA LEU A 300 42.13 17.86 -35.30
C LEU A 300 41.14 18.91 -34.79
N PHE A 301 40.80 18.84 -33.49
CA PHE A 301 39.78 19.71 -32.90
C PHE A 301 40.44 20.64 -31.88
N GLU A 302 41.47 21.39 -32.33
CA GLU A 302 42.15 22.33 -31.45
C GLU A 302 41.55 23.74 -31.60
N SER A 303 40.75 23.94 -32.66
CA SER A 303 40.16 25.25 -32.94
C SER A 303 38.88 25.44 -32.14
N ILE A 304 38.18 24.33 -31.84
CA ILE A 304 36.89 24.39 -31.15
C ILE A 304 37.16 24.53 -29.64
N GLU A 305 36.21 25.17 -28.94
CA GLU A 305 36.31 25.38 -27.50
C GLU A 305 35.15 24.67 -26.82
N LYS A 306 35.34 24.34 -25.54
CA LYS A 306 34.40 23.52 -24.79
C LYS A 306 33.28 24.39 -24.22
N PRO A 307 32.04 23.86 -24.06
CA PRO A 307 30.99 24.55 -23.31
C PRO A 307 31.29 24.56 -21.80
N SER A 308 30.66 25.50 -21.09
CA SER A 308 30.93 25.71 -19.67
C SER A 308 30.18 24.68 -18.82
N SER A 309 28.94 24.37 -19.22
CA SER A 309 28.05 23.54 -18.41
C SER A 309 28.48 22.08 -18.45
N VAL A 310 28.68 21.54 -19.66
CA VAL A 310 28.95 20.13 -19.84
C VAL A 310 30.38 19.82 -19.36
N THR A 311 30.57 18.58 -18.87
CA THR A 311 31.83 18.18 -18.25
C THR A 311 32.82 17.77 -19.33
N VAL A 312 34.07 17.53 -18.90
CA VAL A 312 35.20 17.33 -19.82
C VAL A 312 35.12 15.95 -20.44
N ASP A 313 34.66 14.95 -19.67
CA ASP A 313 34.52 13.59 -20.15
C ASP A 313 33.39 13.49 -21.17
N PHE A 314 32.41 14.39 -21.07
CA PHE A 314 31.30 14.47 -22.00
C PHE A 314 31.83 14.95 -23.35
N TRP A 315 32.78 15.91 -23.29
CA TRP A 315 33.37 16.51 -24.47
C TRP A 315 34.15 15.47 -25.28
N GLU A 316 34.98 14.69 -24.58
CA GLU A 316 35.79 13.66 -25.20
C GLU A 316 34.91 12.55 -25.77
N MET A 317 33.75 12.33 -25.15
CA MET A 317 32.84 11.27 -25.56
C MET A 317 32.16 11.63 -26.87
N THR A 318 31.90 12.94 -27.07
CA THR A 318 31.22 13.42 -28.26
C THR A 318 32.23 13.54 -29.41
N LYS A 319 33.46 13.95 -29.10
CA LYS A 319 34.53 13.98 -30.10
C LYS A 319 34.54 12.67 -30.88
N LEU A 320 34.34 11.55 -30.16
CA LEU A 320 34.25 10.23 -30.77
C LEU A 320 32.94 10.09 -31.54
N GLU A 321 31.82 10.48 -30.93
CA GLU A 321 30.50 10.33 -31.53
C GLU A 321 30.44 11.10 -32.85
N ALA A 322 31.09 12.28 -32.89
CA ALA A 322 31.10 13.12 -34.08
C ALA A 322 31.67 12.35 -35.28
N ILE A 323 32.78 11.65 -35.06
CA ILE A 323 33.44 10.88 -36.11
C ILE A 323 32.44 9.92 -36.75
N MET A 324 31.69 9.19 -35.91
CA MET A 324 30.93 8.04 -36.37
C MET A 324 29.57 8.46 -36.94
N LYS A 325 29.25 9.76 -36.92
CA LYS A 325 28.02 10.25 -37.50
C LYS A 325 28.23 10.56 -38.98
N TYR A 326 29.36 11.20 -39.30
CA TYR A 326 29.60 11.77 -40.63
C TYR A 326 30.49 10.84 -41.45
N LYS A 327 31.61 10.39 -40.88
CA LYS A 327 32.53 9.52 -41.58
C LYS A 327 31.99 8.07 -41.57
N GLU A 328 31.18 7.75 -40.55
CA GLU A 328 30.41 6.52 -40.51
C GLU A 328 31.30 5.30 -40.70
N TYR A 329 32.23 5.08 -39.75
CA TYR A 329 33.13 3.94 -39.80
C TYR A 329 32.49 2.72 -39.16
N ILE A 330 31.53 2.94 -38.25
CA ILE A 330 30.98 1.89 -37.41
C ILE A 330 29.45 2.00 -37.42
N PRO A 331 28.70 0.88 -37.53
CA PRO A 331 27.25 0.91 -37.68
C PRO A 331 26.48 1.36 -36.43
N GLU A 332 25.89 2.56 -36.53
CA GLU A 332 25.01 3.10 -35.50
C GLU A 332 25.73 3.18 -34.16
N TYR A 333 26.94 3.76 -34.17
CA TYR A 333 27.60 4.17 -32.94
C TYR A 333 26.81 5.34 -32.38
N THR A 334 26.11 5.10 -31.26
CA THR A 334 25.05 5.96 -30.78
C THR A 334 25.45 7.44 -30.89
N SER A 335 24.56 8.24 -31.49
CA SER A 335 24.72 9.68 -31.57
C SER A 335 23.85 10.35 -30.51
N GLU A 336 23.99 9.87 -29.26
CA GLU A 336 23.15 10.32 -28.16
C GLU A 336 23.57 11.71 -27.74
N HIS A 337 24.83 11.83 -27.28
CA HIS A 337 25.32 13.05 -26.64
C HIS A 337 25.62 14.13 -27.68
N PHE A 338 25.76 13.73 -28.95
CA PHE A 338 25.96 14.68 -30.03
C PHE A 338 24.65 15.39 -30.35
N ASP A 339 23.53 14.70 -30.13
CA ASP A 339 22.20 15.27 -30.37
C ASP A 339 21.69 15.99 -29.11
N MET A 340 22.51 16.02 -28.04
CA MET A 340 22.23 16.84 -26.87
C MET A 340 23.17 18.05 -26.87
N LEU A 341 23.27 18.71 -28.03
CA LEU A 341 24.22 19.79 -28.25
C LEU A 341 23.52 20.96 -28.96
N ASP A 342 24.20 22.11 -29.00
CA ASP A 342 23.78 23.26 -29.77
C ASP A 342 24.02 22.97 -31.25
N GLU A 343 23.07 23.38 -32.10
CA GLU A 343 23.11 23.10 -33.53
C GLU A 343 24.22 23.89 -34.21
N GLU A 344 24.54 25.07 -33.65
CA GLU A 344 25.58 25.94 -34.20
C GLU A 344 26.94 25.24 -34.09
N VAL A 345 27.18 24.56 -32.96
CA VAL A 345 28.44 23.87 -32.71
C VAL A 345 28.39 22.48 -33.35
N GLN A 346 27.20 21.89 -33.48
CA GLN A 346 27.03 20.65 -34.23
C GLN A 346 27.53 20.83 -35.66
N SER A 347 27.19 21.98 -36.25
CA SER A 347 27.60 22.31 -37.61
C SER A 347 29.09 22.66 -37.64
N SER A 348 29.63 23.17 -36.52
CA SER A 348 31.05 23.44 -36.41
C SER A 348 31.85 22.16 -36.56
N PHE A 349 31.36 21.07 -35.94
CA PHE A 349 31.94 19.74 -36.11
C PHE A 349 31.75 19.30 -37.56
N GLU A 350 30.49 19.19 -37.98
CA GLU A 350 30.13 18.72 -39.31
C GLU A 350 31.05 19.34 -40.37
N SER A 351 31.28 20.65 -40.24
CA SER A 351 32.08 21.41 -41.18
C SER A 351 33.55 21.00 -41.10
N VAL A 352 34.16 21.16 -39.92
CA VAL A 352 35.59 21.00 -39.75
C VAL A 352 35.98 19.53 -39.78
N LEU A 353 35.05 18.64 -39.41
CA LEU A 353 35.30 17.20 -39.37
C LEU A 353 35.31 16.64 -40.79
N ALA A 354 34.36 17.09 -41.61
CA ALA A 354 34.23 16.64 -42.99
C ALA A 354 35.30 17.28 -43.88
N SER A 355 36.10 18.21 -43.31
CA SER A 355 37.17 18.87 -44.03
C SER A 355 38.47 18.06 -43.95
N LYS A 356 38.34 16.73 -43.83
CA LYS A 356 39.48 15.83 -43.91
C LYS A 356 39.07 14.60 -44.74
N SER A 357 40.05 14.04 -45.46
CA SER A 357 39.79 13.07 -46.51
C SER A 357 39.57 11.67 -45.92
N ASP A 358 40.66 11.03 -45.46
CA ASP A 358 40.64 9.64 -45.03
C ASP A 358 40.93 9.58 -43.53
N LYS A 359 41.28 8.38 -43.04
CA LYS A 359 41.25 8.08 -41.62
C LYS A 359 42.55 8.54 -40.93
N SER A 360 43.64 8.65 -41.71
CA SER A 360 44.95 8.99 -41.17
C SER A 360 44.95 10.39 -40.56
N GLU A 361 44.06 11.27 -41.05
CA GLU A 361 43.98 12.64 -40.57
C GLU A 361 43.16 12.70 -39.28
N ILE A 362 42.40 11.64 -38.98
CA ILE A 362 41.54 11.58 -37.80
C ILE A 362 42.34 11.04 -36.61
N PHE A 363 42.67 9.75 -36.66
CA PHE A 363 43.28 9.06 -35.54
C PHE A 363 44.80 9.11 -35.65
N SER A 364 45.46 9.45 -34.54
CA SER A 364 46.92 9.39 -34.46
C SER A 364 47.35 7.93 -34.27
N SER A 365 48.38 7.53 -35.01
CA SER A 365 48.92 6.18 -34.95
C SER A 365 50.03 6.12 -33.90
N LEU A 366 50.48 4.90 -33.59
CA LEU A 366 51.44 4.66 -32.53
C LEU A 366 52.86 4.78 -33.07
N GLY A 367 53.14 3.99 -34.12
CA GLY A 367 54.44 4.00 -34.77
C GLY A 367 55.53 3.40 -33.88
N ASP A 368 56.63 4.15 -33.72
CA ASP A 368 57.73 3.73 -32.87
C ASP A 368 57.38 4.05 -31.42
N MET A 369 57.71 3.11 -30.52
CA MET A 369 57.34 3.18 -29.12
C MET A 369 58.56 2.82 -28.26
N GLU A 370 58.88 3.70 -27.29
CA GLU A 370 59.97 3.46 -26.37
C GLU A 370 59.43 3.32 -24.95
N ALA A 371 60.03 2.39 -24.20
CA ALA A 371 59.69 2.18 -22.80
C ALA A 371 60.83 1.44 -22.11
N SER A 372 60.95 1.62 -20.80
CA SER A 372 62.02 1.01 -20.02
C SER A 372 61.76 -0.50 -19.88
N PRO A 373 62.81 -1.33 -19.75
CA PRO A 373 62.64 -2.74 -19.38
C PRO A 373 62.25 -2.96 -17.92
N LEU A 374 62.16 -1.88 -17.14
CA LEU A 374 61.75 -1.97 -15.74
C LEU A 374 60.27 -1.66 -15.59
N GLU A 375 59.65 -1.04 -16.61
CA GLU A 375 58.32 -0.47 -16.46
C GLU A 375 57.30 -1.18 -17.34
N VAL A 376 56.03 -1.04 -16.95
CA VAL A 376 54.88 -1.47 -17.73
C VAL A 376 53.81 -0.39 -17.60
N LYS A 377 53.67 0.44 -18.64
CA LYS A 377 52.80 1.61 -18.58
C LYS A 377 51.35 1.15 -18.58
N ILE A 378 50.51 1.88 -17.84
CA ILE A 378 49.13 1.47 -17.58
C ILE A 378 48.22 2.71 -17.66
N ALA A 379 46.97 2.48 -18.08
CA ALA A 379 46.03 3.56 -18.35
C ALA A 379 45.43 4.08 -17.03
N PHE A 380 44.89 5.30 -17.11
CA PHE A 380 44.25 5.97 -15.99
C PHE A 380 42.86 6.44 -16.41
N ASN A 381 41.82 5.82 -15.81
CA ASN A 381 40.48 6.37 -15.89
C ASN A 381 40.34 7.40 -14.77
N SER A 382 39.11 7.89 -14.55
CA SER A 382 38.85 8.91 -13.55
C SER A 382 39.20 8.39 -12.15
N LYS A 383 38.88 7.12 -11.89
CA LYS A 383 38.86 6.59 -10.54
C LYS A 383 40.27 6.29 -10.06
N GLY A 384 41.11 5.76 -10.95
CA GLY A 384 42.48 5.36 -10.62
C GLY A 384 43.15 4.78 -11.86
N ILE A 385 44.04 3.78 -11.69
CA ILE A 385 44.62 3.08 -12.82
C ILE A 385 43.60 2.09 -13.37
N ILE A 386 43.91 1.51 -14.53
CA ILE A 386 43.06 0.48 -15.12
C ILE A 386 43.89 -0.30 -16.15
N ASN A 387 43.64 -1.61 -16.23
CA ASN A 387 44.45 -2.51 -17.02
C ASN A 387 43.82 -2.71 -18.40
N GLN A 388 43.24 -1.63 -18.96
CA GLN A 388 42.65 -1.68 -20.29
C GLN A 388 43.67 -1.20 -21.33
N GLY A 389 44.73 -0.53 -20.86
CA GLY A 389 45.80 -0.07 -21.74
C GLY A 389 47.17 -0.34 -21.11
N LEU A 390 47.87 -1.37 -21.63
CA LEU A 390 49.13 -1.81 -21.07
C LEU A 390 50.21 -1.81 -22.15
N ILE A 391 51.12 -0.84 -22.10
CA ILE A 391 52.35 -0.88 -22.87
C ILE A 391 53.40 -1.62 -22.05
N SER A 392 54.24 -2.42 -22.72
CA SER A 392 55.31 -3.13 -22.06
C SER A 392 56.36 -3.59 -23.07
N VAL A 393 57.60 -3.75 -22.59
CA VAL A 393 58.69 -4.32 -23.36
C VAL A 393 58.74 -5.82 -23.03
N LYS A 394 59.25 -6.62 -23.98
CA LYS A 394 59.35 -8.05 -23.80
C LYS A 394 60.10 -8.35 -22.51
N ASP A 395 59.51 -9.20 -21.66
CA ASP A 395 60.12 -9.66 -20.43
C ASP A 395 60.63 -8.46 -19.63
N SER A 396 59.73 -7.50 -19.38
CA SER A 396 60.02 -6.37 -18.51
C SER A 396 60.14 -6.86 -17.06
N TYR A 397 60.82 -6.08 -16.22
CA TYR A 397 60.99 -6.44 -14.82
C TYR A 397 59.67 -6.24 -14.08
N CYS A 398 58.91 -5.20 -14.46
CA CYS A 398 57.57 -5.00 -13.92
C CYS A 398 56.63 -6.09 -14.41
N SER A 399 56.64 -6.36 -15.72
CA SER A 399 55.76 -7.36 -16.30
C SER A 399 55.89 -8.67 -15.53
N ASN A 400 57.13 -9.05 -15.20
CA ASN A 400 57.39 -10.18 -14.33
C ASN A 400 56.67 -10.00 -13.00
N LEU A 401 57.02 -8.93 -12.28
CA LEU A 401 56.51 -8.66 -10.94
C LEU A 401 54.98 -8.81 -10.90
N ILE A 402 54.31 -8.27 -11.93
CA ILE A 402 52.86 -8.25 -11.95
C ILE A 402 52.31 -9.68 -11.97
N VAL A 403 52.98 -10.56 -12.72
CA VAL A 403 52.54 -11.95 -12.82
C VAL A 403 52.79 -12.64 -11.47
N LYS A 404 53.96 -12.38 -10.87
CA LYS A 404 54.32 -12.97 -9.59
C LYS A 404 53.37 -12.49 -8.50
N GLN A 405 52.86 -11.26 -8.66
CA GLN A 405 51.84 -10.74 -7.77
C GLN A 405 50.55 -11.54 -7.91
N ILE A 406 50.07 -11.68 -9.15
CA ILE A 406 48.84 -12.39 -9.44
C ILE A 406 48.97 -13.83 -8.95
N GLU A 407 50.10 -14.48 -9.27
CA GLU A 407 50.35 -15.85 -8.86
C GLU A 407 50.17 -16.00 -7.35
N ASN A 408 50.75 -15.05 -6.58
CA ASN A 408 50.81 -15.15 -5.14
C ASN A 408 49.44 -14.89 -4.53
N ARG A 409 48.67 -13.98 -5.13
CA ARG A 409 47.33 -13.67 -4.65
C ARG A 409 46.46 -14.92 -4.75
N TYR A 410 46.44 -15.54 -5.93
CA TYR A 410 45.68 -16.76 -6.14
C TYR A 410 46.21 -17.88 -5.24
N LYS A 411 47.50 -17.84 -4.92
CA LYS A 411 48.07 -18.77 -3.95
C LYS A 411 47.31 -18.62 -2.63
N ILE A 412 47.27 -17.39 -2.09
CA ILE A 412 46.64 -17.12 -0.81
C ILE A 412 45.16 -17.49 -0.88
N LEU A 413 44.52 -17.22 -2.02
CA LEU A 413 43.11 -17.51 -2.22
C LEU A 413 42.86 -19.01 -2.11
N ASN A 414 43.55 -19.79 -2.96
CA ASN A 414 43.30 -21.22 -3.09
C ASN A 414 43.75 -21.94 -1.81
N ASN A 415 44.80 -21.44 -1.16
CA ASN A 415 45.35 -22.06 0.03
C ASN A 415 44.44 -21.82 1.22
N SER A 416 43.35 -21.07 1.03
CA SER A 416 42.29 -20.93 2.01
C SER A 416 40.97 -21.48 1.46
N LEU A 417 40.74 -21.32 0.15
CA LEU A 417 39.48 -21.68 -0.49
C LEU A 417 39.38 -23.20 -0.67
N ASN A 418 40.41 -23.79 -1.31
CA ASN A 418 40.35 -25.18 -1.74
C ASN A 418 40.08 -26.11 -0.56
N PRO A 419 40.66 -25.88 0.64
CA PRO A 419 40.25 -26.62 1.84
C PRO A 419 38.73 -26.65 2.04
N ALA A 420 38.11 -25.47 1.97
CA ALA A 420 36.70 -25.30 2.30
C ALA A 420 35.81 -25.93 1.24
N ILE A 421 36.16 -25.73 -0.05
CA ILE A 421 35.33 -26.18 -1.15
C ILE A 421 35.33 -27.71 -1.23
N SER A 422 36.45 -28.34 -0.86
CA SER A 422 36.64 -29.77 -1.03
C SER A 422 35.60 -30.56 -0.24
N GLU A 423 35.51 -30.27 1.08
CA GLU A 423 34.48 -30.84 1.93
C GLU A 423 33.14 -30.22 1.58
N ASP A 424 32.47 -30.78 0.56
CA ASP A 424 31.36 -30.10 -0.10
C ASP A 424 30.22 -29.87 0.90
N ASN A 425 29.68 -28.65 0.89
CA ASN A 425 28.59 -28.24 1.76
C ASN A 425 27.68 -27.27 0.99
N ASP A 426 26.68 -26.73 1.68
CA ASP A 426 25.86 -25.65 1.17
C ASP A 426 26.74 -24.44 0.90
N PHE A 427 26.33 -23.62 -0.09
CA PHE A 427 27.06 -22.41 -0.45
C PHE A 427 27.41 -21.61 0.81
N ASN A 428 26.38 -21.35 1.64
CA ASN A 428 26.52 -20.44 2.77
C ASN A 428 27.57 -20.97 3.74
N THR A 429 27.49 -22.27 4.06
CA THR A 429 28.40 -22.89 5.02
C THR A 429 29.82 -22.95 4.46
N THR A 430 29.94 -23.01 3.13
CA THR A 430 31.24 -22.96 2.47
C THR A 430 31.84 -21.57 2.65
N THR A 431 31.03 -20.53 2.35
CA THR A 431 31.49 -19.16 2.40
C THR A 431 31.93 -18.80 3.82
N ASN A 432 31.18 -19.30 4.82
CA ASN A 432 31.47 -18.98 6.21
C ASN A 432 32.69 -19.76 6.71
N THR A 433 33.12 -20.79 5.98
CA THR A 433 34.37 -21.46 6.26
C THR A 433 35.51 -20.68 5.61
N PHE A 434 35.36 -20.45 4.29
CA PHE A 434 36.36 -19.79 3.46
C PHE A 434 36.83 -18.48 4.09
N ILE A 435 35.86 -17.68 4.56
CA ILE A 435 36.18 -16.37 5.11
C ILE A 435 36.84 -16.54 6.47
N ASP A 436 36.23 -17.36 7.35
CA ASP A 436 36.78 -17.60 8.69
C ASP A 436 38.28 -17.90 8.60
N SER A 437 38.66 -18.77 7.65
CA SER A 437 40.03 -19.20 7.50
C SER A 437 40.91 -18.05 6.97
N ILE A 438 40.35 -17.21 6.10
CA ILE A 438 41.06 -16.05 5.60
C ILE A 438 41.42 -15.12 6.76
N MET A 439 40.44 -14.85 7.64
CA MET A 439 40.62 -13.90 8.72
C MET A 439 41.62 -14.41 9.75
N ALA A 440 41.81 -15.73 9.81
CA ALA A 440 42.83 -16.33 10.67
C ALA A 440 44.22 -16.04 10.12
N GLU A 441 44.37 -16.16 8.79
CA GLU A 441 45.66 -16.06 8.13
C GLU A 441 45.85 -14.66 7.56
N ALA A 442 45.38 -13.64 8.29
CA ALA A 442 45.31 -12.28 7.78
C ALA A 442 45.93 -11.31 8.78
N ASN A 443 47.08 -10.73 8.41
CA ASN A 443 47.80 -9.78 9.25
C ASN A 443 47.34 -8.36 8.92
N ALA A 444 48.05 -7.36 9.46
CA ALA A 444 47.66 -5.97 9.34
C ALA A 444 48.16 -5.36 8.03
N ASP A 445 48.91 -6.14 7.25
CA ASP A 445 49.32 -5.72 5.91
C ASP A 445 48.24 -6.12 4.91
N ASN A 446 47.98 -7.44 4.80
CA ASN A 446 47.09 -7.96 3.79
C ASN A 446 45.62 -7.76 4.17
N GLY A 447 45.38 -7.11 5.31
CA GLY A 447 44.02 -6.92 5.82
C GLY A 447 43.08 -6.32 4.78
N ARG A 448 43.49 -5.18 4.19
CA ARG A 448 42.65 -4.44 3.28
C ARG A 448 42.38 -5.25 2.01
N PHE A 449 43.35 -6.07 1.61
CA PHE A 449 43.20 -6.97 0.47
C PHE A 449 42.25 -8.11 0.84
N MET A 450 42.53 -8.77 1.97
CA MET A 450 41.83 -9.98 2.38
C MET A 450 40.33 -9.74 2.46
N MET A 451 39.91 -8.55 2.92
CA MET A 451 38.50 -8.21 2.99
C MET A 451 37.85 -8.55 1.65
N GLU A 452 38.39 -8.00 0.57
CA GLU A 452 37.79 -8.14 -0.75
C GLU A 452 37.86 -9.59 -1.21
N LEU A 453 38.92 -10.31 -0.82
CA LEU A 453 39.13 -11.68 -1.26
C LEU A 453 38.01 -12.58 -0.77
N GLY A 454 37.44 -12.26 0.40
CA GLY A 454 36.42 -13.10 1.02
C GLY A 454 35.12 -13.16 0.21
N LYS A 455 34.95 -12.25 -0.75
CA LYS A 455 33.75 -12.20 -1.57
C LYS A 455 33.96 -12.95 -2.89
N TYR A 456 34.99 -13.81 -2.95
CA TYR A 456 35.45 -14.37 -4.21
C TYR A 456 34.39 -15.25 -4.85
N LEU A 457 33.61 -15.95 -4.02
CA LEU A 457 32.57 -16.84 -4.53
C LEU A 457 31.46 -16.02 -5.19
N ARG A 458 31.25 -14.80 -4.70
CA ARG A 458 30.11 -13.99 -5.11
C ARG A 458 30.41 -13.21 -6.39
N VAL A 459 31.62 -13.32 -6.93
CA VAL A 459 32.02 -12.52 -8.08
C VAL A 459 31.10 -12.86 -9.26
N GLY A 460 30.31 -11.88 -9.69
CA GLY A 460 29.54 -11.97 -10.92
C GLY A 460 28.06 -12.26 -10.68
N PHE A 461 27.69 -12.55 -9.41
CA PHE A 461 26.31 -12.89 -9.08
C PHE A 461 25.84 -12.08 -7.88
N PHE A 462 26.48 -10.93 -7.64
CA PHE A 462 26.20 -10.08 -6.48
C PHE A 462 26.59 -8.65 -6.82
N PRO A 463 25.98 -7.65 -6.15
CA PRO A 463 26.44 -6.26 -6.28
C PRO A 463 27.64 -5.97 -5.38
N ASP A 464 28.49 -5.03 -5.81
CA ASP A 464 29.57 -4.51 -4.99
C ASP A 464 30.53 -5.64 -4.61
N VAL A 465 31.23 -6.16 -5.62
CA VAL A 465 32.21 -7.21 -5.42
C VAL A 465 33.47 -6.86 -6.22
N LYS A 466 34.51 -6.40 -5.50
CA LYS A 466 35.72 -5.88 -6.12
C LYS A 466 36.84 -6.90 -6.02
N THR A 467 36.50 -8.17 -5.77
CA THR A 467 37.49 -9.20 -5.51
C THR A 467 38.41 -9.33 -6.72
N THR A 468 37.79 -9.46 -7.89
CA THR A 468 38.50 -9.71 -9.15
C THR A 468 39.53 -8.61 -9.41
N ILE A 469 39.26 -7.39 -8.92
CA ILE A 469 40.17 -6.27 -9.07
C ILE A 469 41.41 -6.48 -8.20
N ASN A 470 41.25 -7.15 -7.05
CA ASN A 470 42.34 -7.36 -6.11
C ASN A 470 43.12 -8.63 -6.42
N LEU A 471 42.68 -9.39 -7.43
CA LEU A 471 43.36 -10.61 -7.83
C LEU A 471 44.16 -10.36 -9.10
N SER A 472 43.46 -10.22 -10.23
CA SER A 472 44.07 -10.15 -11.54
C SER A 472 44.07 -8.72 -12.08
N GLY A 473 43.43 -7.79 -11.35
CA GLY A 473 43.14 -6.46 -11.84
C GLY A 473 44.08 -5.40 -11.25
N PRO A 474 43.76 -4.11 -11.43
CA PRO A 474 44.63 -2.99 -11.03
C PRO A 474 45.51 -3.14 -9.78
N GLU A 475 44.89 -3.49 -8.66
CA GLU A 475 45.60 -3.58 -7.38
C GLU A 475 46.94 -4.28 -7.57
N ALA A 476 46.92 -5.43 -8.25
CA ALA A 476 48.11 -6.22 -8.50
C ALA A 476 49.18 -5.38 -9.19
N TYR A 477 48.77 -4.61 -10.21
CA TYR A 477 49.67 -3.76 -10.96
C TYR A 477 50.23 -2.68 -10.04
N ALA A 478 49.37 -2.16 -9.14
CA ALA A 478 49.79 -1.19 -8.14
C ALA A 478 50.84 -1.81 -7.23
N ALA A 479 50.55 -3.03 -6.74
CA ALA A 479 51.47 -3.75 -5.88
C ALA A 479 52.82 -3.88 -6.56
N ALA A 480 52.82 -4.32 -7.82
CA ALA A 480 54.04 -4.55 -8.58
C ALA A 480 54.90 -3.30 -8.62
N TYR A 481 54.25 -2.13 -8.74
CA TYR A 481 54.96 -0.85 -8.72
C TYR A 481 55.53 -0.62 -7.33
N GLN A 482 54.76 -0.94 -6.30
CA GLN A 482 55.22 -0.83 -4.93
C GLN A 482 56.40 -1.77 -4.71
N ASP A 483 56.29 -3.00 -5.22
CA ASP A 483 57.39 -3.96 -5.20
C ASP A 483 58.64 -3.32 -5.81
N LEU A 484 58.46 -2.59 -6.91
CA LEU A 484 59.57 -1.97 -7.62
C LEU A 484 60.21 -0.91 -6.71
N LEU A 485 59.41 0.06 -6.27
CA LEU A 485 59.92 1.26 -5.66
C LEU A 485 60.33 1.01 -4.20
N MET A 486 59.71 0.01 -3.55
CA MET A 486 60.07 -0.36 -2.19
C MET A 486 61.19 -1.41 -2.21
N PHE A 487 61.69 -1.75 -3.40
CA PHE A 487 62.75 -2.73 -3.56
C PHE A 487 62.38 -4.00 -2.81
N LYS A 488 61.14 -4.44 -2.98
CA LYS A 488 60.57 -5.57 -2.28
C LYS A 488 59.94 -6.50 -3.32
N GLU A 489 59.30 -7.56 -2.84
CA GLU A 489 58.55 -8.46 -3.70
C GLU A 489 57.46 -9.11 -2.84
N GLY A 490 56.21 -8.97 -3.27
CA GLY A 490 55.07 -9.52 -2.54
C GLY A 490 54.51 -8.52 -1.53
N SER A 491 54.47 -7.24 -1.90
CA SER A 491 53.68 -6.25 -1.18
C SER A 491 52.22 -6.47 -1.54
N MET A 492 51.34 -6.45 -0.53
CA MET A 492 49.92 -6.74 -0.74
C MET A 492 49.08 -5.50 -0.44
N ASN A 493 49.41 -4.80 0.65
CA ASN A 493 48.77 -3.53 0.95
C ASN A 493 49.49 -2.42 0.18
N ILE A 494 48.72 -1.55 -0.48
CA ILE A 494 49.29 -0.48 -1.28
C ILE A 494 49.26 0.83 -0.50
N HIS A 495 50.40 1.52 -0.49
CA HIS A 495 50.52 2.83 0.16
C HIS A 495 51.02 3.87 -0.85
N LEU A 496 50.92 3.55 -2.15
CA LEU A 496 51.34 4.46 -3.19
C LEU A 496 50.20 5.45 -3.47
N ILE A 497 50.55 6.73 -3.59
CA ILE A 497 49.58 7.79 -3.88
C ILE A 497 49.53 7.98 -5.39
N GLU A 498 48.38 8.47 -5.89
CA GLU A 498 48.15 8.67 -7.31
C GLU A 498 49.38 9.23 -8.01
N ALA A 499 49.98 10.27 -7.42
CA ALA A 499 51.12 10.96 -8.00
C ALA A 499 52.27 9.99 -8.30
N ASP A 500 52.46 9.01 -7.41
CA ASP A 500 53.55 8.04 -7.54
C ASP A 500 53.27 7.10 -8.71
N LEU A 501 52.00 6.77 -8.94
CA LEU A 501 51.59 5.84 -9.98
C LEU A 501 51.70 6.50 -11.35
N ARG A 502 51.60 7.83 -11.41
CA ARG A 502 51.65 8.56 -12.66
C ARG A 502 52.97 8.28 -13.40
N ASN A 503 53.99 7.85 -12.65
CA ASN A 503 55.29 7.52 -13.22
C ASN A 503 55.17 6.38 -14.25
N PHE A 504 54.04 5.66 -14.25
CA PHE A 504 53.83 4.55 -15.16
C PHE A 504 52.56 4.75 -15.98
N GLU A 505 52.25 6.02 -16.32
CA GLU A 505 51.02 6.30 -17.06
C GLU A 505 51.34 6.27 -18.56
N ILE A 506 50.50 5.54 -19.31
CA ILE A 506 50.52 5.59 -20.77
C ILE A 506 49.92 6.94 -21.19
N SER A 507 50.70 7.72 -21.95
CA SER A 507 50.29 9.06 -22.34
C SER A 507 48.86 9.02 -22.88
N LYS A 508 48.07 10.02 -22.46
CA LYS A 508 46.63 10.03 -22.64
C LYS A 508 46.25 10.04 -24.12
N THR A 509 47.16 10.59 -24.95
CA THR A 509 46.87 10.85 -26.35
C THR A 509 46.89 9.55 -27.17
N ASN A 510 47.48 8.47 -26.62
CA ASN A 510 47.59 7.22 -27.35
C ASN A 510 46.27 6.46 -27.36
N ILE A 511 45.49 6.57 -26.28
CA ILE A 511 44.26 5.80 -26.12
C ILE A 511 43.09 6.76 -25.96
N SER A 512 42.08 6.62 -26.85
CA SER A 512 40.78 7.24 -26.65
C SER A 512 39.91 6.29 -25.82
N GLN A 513 39.81 6.59 -24.52
CA GLN A 513 39.19 5.69 -23.55
C GLN A 513 37.67 5.88 -23.53
N SER A 514 37.21 7.08 -23.91
CA SER A 514 35.83 7.49 -23.67
C SER A 514 34.91 6.96 -24.76
N THR A 515 34.92 5.63 -24.97
CA THR A 515 34.18 5.01 -26.05
C THR A 515 32.75 4.72 -25.59
N GLU A 516 31.91 4.25 -26.53
CA GLU A 516 30.54 3.88 -26.21
C GLU A 516 30.55 2.65 -25.32
N GLN A 517 31.24 1.59 -25.76
CA GLN A 517 31.18 0.30 -25.11
C GLN A 517 31.82 0.35 -23.72
N GLU A 518 32.70 1.33 -23.49
CA GLU A 518 33.33 1.48 -22.19
C GLU A 518 32.33 2.08 -21.20
N MET A 519 31.43 2.94 -21.68
CA MET A 519 30.36 3.46 -20.83
C MET A 519 29.32 2.37 -20.58
N ALA A 520 29.28 1.38 -21.49
CA ALA A 520 28.46 0.18 -21.31
C ALA A 520 29.16 -0.79 -20.36
N SER A 521 30.50 -0.80 -20.34
CA SER A 521 31.24 -1.65 -19.41
C SER A 521 31.31 -1.00 -18.03
N LEU A 522 31.08 0.31 -17.96
CA LEU A 522 31.20 1.08 -16.72
C LEU A 522 29.86 1.17 -16.00
N TRP A 523 28.85 0.42 -16.48
CA TRP A 523 27.54 0.35 -15.85
C TRP A 523 27.66 0.31 -14.32
N SER A 524 28.59 -0.52 -13.81
CA SER A 524 28.91 -0.62 -12.40
C SER A 524 27.72 -1.19 -11.62
N PHE A 525 27.88 -2.43 -11.13
CA PHE A 525 26.81 -3.14 -10.45
C PHE A 525 26.58 -2.51 -9.08
N ASP A 526 25.85 -1.39 -9.08
CA ASP A 526 25.49 -0.68 -7.86
C ASP A 526 24.35 -1.44 -7.18
N ASP A 527 24.26 -1.34 -5.84
CA ASP A 527 23.25 -2.04 -5.08
C ASP A 527 21.86 -1.64 -5.57
N ALA A 528 21.71 -0.37 -5.99
CA ALA A 528 20.44 0.17 -6.46
C ALA A 528 20.06 -0.42 -7.81
N ARG A 529 21.02 -0.46 -8.74
CA ARG A 529 20.78 -1.03 -10.07
C ARG A 529 20.31 -2.47 -9.94
N ALA A 530 20.82 -3.16 -8.92
CA ALA A 530 20.42 -4.53 -8.63
C ALA A 530 18.92 -4.61 -8.35
N LYS A 531 18.42 -3.70 -7.52
CA LYS A 531 17.02 -3.71 -7.10
C LYS A 531 16.11 -3.65 -8.32
N ALA A 532 16.41 -2.73 -9.25
CA ALA A 532 15.59 -2.55 -10.44
C ALA A 532 15.61 -3.81 -11.31
N GLN A 533 16.72 -4.55 -11.29
CA GLN A 533 16.85 -5.79 -12.04
C GLN A 533 15.95 -6.86 -11.43
N PHE A 534 15.87 -6.88 -10.08
CA PHE A 534 15.00 -7.80 -9.37
C PHE A 534 13.55 -7.52 -9.75
N GLU A 535 13.17 -6.22 -9.76
CA GLU A 535 11.83 -5.81 -10.14
C GLU A 535 11.55 -6.21 -11.59
N GLU A 536 12.59 -6.12 -12.44
CA GLU A 536 12.46 -6.45 -13.84
C GLU A 536 12.27 -7.96 -14.01
N TYR A 537 13.05 -8.76 -13.28
CA TYR A 537 12.91 -10.21 -13.31
C TYR A 537 11.53 -10.60 -12.78
N LYS A 538 11.05 -9.87 -11.77
CA LYS A 538 9.78 -10.16 -11.12
C LYS A 538 8.63 -9.81 -12.05
N ARG A 539 8.86 -8.84 -12.95
CA ARG A 539 7.90 -8.49 -13.99
C ARG A 539 7.75 -9.63 -14.99
N ASN A 540 8.87 -10.28 -15.35
CA ASN A 540 8.92 -11.20 -16.47
C ASN A 540 7.97 -12.38 -16.27
N TYR A 541 8.16 -13.12 -15.17
CA TYR A 541 7.44 -14.36 -14.95
C TYR A 541 5.95 -14.08 -14.77
N PHE A 542 5.62 -12.90 -14.23
CA PHE A 542 4.24 -12.46 -14.12
C PHE A 542 4.03 -11.31 -15.11
N GLY B 1 -27.93 26.77 -11.35
CA GLY B 1 -28.19 25.32 -11.34
C GLY B 1 -27.87 24.69 -12.69
N SER B 2 -26.58 24.51 -12.96
CA SER B 2 -26.11 23.89 -14.19
C SER B 2 -26.45 22.40 -14.18
N GLY B 3 -27.04 21.93 -15.29
CA GLY B 3 -27.43 20.54 -15.43
C GLY B 3 -26.22 19.62 -15.64
N GLY B 4 -25.21 20.13 -16.36
CA GLY B 4 -23.97 19.40 -16.58
C GLY B 4 -24.12 18.36 -17.69
N SER B 5 -23.08 17.56 -17.88
CA SER B 5 -23.04 16.56 -18.93
C SER B 5 -23.91 15.36 -18.58
N LEU B 6 -24.18 15.17 -17.27
CA LEU B 6 -24.89 14.00 -16.80
C LEU B 6 -26.27 13.95 -17.45
N VAL B 7 -26.66 12.75 -17.90
CA VAL B 7 -27.83 12.56 -18.73
C VAL B 7 -29.09 12.62 -17.85
N ASN B 8 -30.21 12.99 -18.48
CA ASN B 8 -31.51 13.04 -17.82
C ASN B 8 -32.15 11.65 -17.89
N ARG B 9 -33.06 11.38 -16.93
CA ARG B 9 -33.74 10.11 -16.85
C ARG B 9 -34.04 9.57 -18.26
N LYS B 10 -34.76 10.38 -19.06
CA LYS B 10 -35.28 9.92 -20.34
C LYS B 10 -34.13 9.56 -21.29
N GLN B 11 -33.00 10.26 -21.14
CA GLN B 11 -31.82 9.99 -21.95
C GLN B 11 -31.25 8.62 -21.59
N LEU B 12 -31.11 8.36 -20.29
CA LEU B 12 -30.56 7.11 -19.80
C LEU B 12 -31.48 5.95 -20.20
N GLU B 13 -32.79 6.18 -20.12
CA GLU B 13 -33.76 5.21 -20.59
C GLU B 13 -33.45 4.86 -22.05
N LYS B 14 -33.17 5.90 -22.87
CA LYS B 14 -32.88 5.71 -24.28
C LYS B 14 -31.52 5.02 -24.46
N MET B 15 -30.59 5.25 -23.53
CA MET B 15 -29.26 4.65 -23.59
C MET B 15 -29.34 3.13 -23.46
N ALA B 16 -30.25 2.64 -22.61
CA ALA B 16 -30.31 1.23 -22.26
C ALA B 16 -31.47 0.54 -22.98
N ASN B 17 -32.69 1.06 -22.77
CA ASN B 17 -33.93 0.45 -23.22
C ASN B 17 -33.66 -0.60 -24.30
N VAL B 18 -33.55 -1.86 -23.86
CA VAL B 18 -33.46 -3.00 -24.76
C VAL B 18 -34.88 -3.40 -25.16
N ARG B 19 -35.03 -3.86 -26.41
CA ARG B 19 -36.34 -4.08 -26.99
C ARG B 19 -36.98 -5.32 -26.37
N PHE B 20 -38.29 -5.22 -26.10
CA PHE B 20 -39.09 -6.29 -25.50
C PHE B 20 -38.44 -6.72 -24.19
N ARG B 21 -38.47 -5.82 -23.19
CA ARG B 21 -38.03 -6.12 -21.83
C ARG B 21 -38.53 -5.02 -20.90
N THR B 22 -39.16 -5.43 -19.79
CA THR B 22 -39.73 -4.49 -18.83
C THR B 22 -38.62 -3.98 -17.91
N GLN B 23 -38.96 -2.95 -17.12
CA GLN B 23 -38.04 -2.34 -16.16
C GLN B 23 -38.22 -3.00 -14.79
N GLU B 24 -37.09 -3.32 -14.14
CA GLU B 24 -37.08 -4.08 -12.91
C GLU B 24 -37.28 -3.14 -11.72
N ASP B 25 -37.54 -3.72 -10.53
CA ASP B 25 -37.57 -2.97 -9.29
C ASP B 25 -36.21 -2.29 -9.07
N GLU B 26 -35.13 -2.92 -9.58
CA GLU B 26 -33.76 -2.49 -9.30
C GLU B 26 -33.21 -1.56 -10.39
N TYR B 27 -33.83 -1.54 -11.58
CA TYR B 27 -33.37 -0.68 -12.66
C TYR B 27 -34.01 0.70 -12.50
N VAL B 28 -35.30 0.72 -12.19
CA VAL B 28 -36.03 1.97 -11.99
C VAL B 28 -35.39 2.73 -10.83
N ALA B 29 -34.73 1.99 -9.93
CA ALA B 29 -34.02 2.57 -8.79
C ALA B 29 -33.08 3.69 -9.25
N ILE B 30 -32.38 3.46 -10.37
CA ILE B 30 -31.43 4.44 -10.89
C ILE B 30 -32.20 5.63 -11.45
N LEU B 31 -33.28 5.33 -12.19
CA LEU B 31 -34.02 6.34 -12.93
C LEU B 31 -34.69 7.32 -11.96
N ASP B 32 -35.33 6.79 -10.92
CA ASP B 32 -36.01 7.62 -9.93
C ASP B 32 -35.00 8.47 -9.17
N ALA B 33 -33.77 7.96 -8.99
CA ALA B 33 -32.72 8.65 -8.25
C ALA B 33 -32.03 9.68 -9.15
N LEU B 34 -31.84 9.35 -10.42
CA LEU B 34 -31.20 10.24 -11.39
C LEU B 34 -32.10 11.44 -11.65
N GLU B 35 -33.41 11.18 -11.74
CA GLU B 35 -34.41 12.23 -11.93
C GLU B 35 -34.31 13.22 -10.77
N GLU B 36 -34.21 12.69 -9.55
CA GLU B 36 -34.11 13.50 -8.34
C GLU B 36 -32.89 14.41 -8.42
N TYR B 37 -31.75 13.86 -8.85
CA TYR B 37 -30.48 14.57 -8.86
C TYR B 37 -30.60 15.88 -9.64
N HIS B 38 -31.28 15.83 -10.80
CA HIS B 38 -31.36 16.95 -11.71
C HIS B 38 -32.25 18.07 -11.15
N ASN B 39 -32.99 17.77 -10.06
CA ASN B 39 -33.89 18.75 -9.44
C ASN B 39 -33.27 19.36 -8.18
N MET B 40 -31.94 19.24 -8.04
CA MET B 40 -31.25 19.69 -6.83
C MET B 40 -30.41 20.93 -7.13
N SER B 41 -31.04 21.93 -7.74
CA SER B 41 -30.36 23.17 -8.13
C SER B 41 -29.94 23.95 -6.88
N GLU B 42 -30.85 24.02 -5.90
CA GLU B 42 -30.67 24.87 -4.73
C GLU B 42 -29.70 24.22 -3.73
N ASN B 43 -29.47 22.91 -3.87
CA ASN B 43 -28.69 22.16 -2.89
C ASN B 43 -27.20 22.39 -3.10
N THR B 44 -26.41 21.99 -2.09
CA THR B 44 -24.97 22.23 -2.06
C THR B 44 -24.29 21.26 -3.02
N VAL B 45 -23.08 21.64 -3.47
CA VAL B 45 -22.30 20.83 -4.38
C VAL B 45 -21.95 19.49 -3.72
N VAL B 46 -21.71 19.52 -2.40
CA VAL B 46 -21.38 18.32 -1.65
C VAL B 46 -22.58 17.38 -1.59
N GLU B 47 -23.78 17.97 -1.47
CA GLU B 47 -25.01 17.19 -1.43
C GLU B 47 -25.29 16.57 -2.79
N LYS B 48 -24.90 17.28 -3.86
CA LYS B 48 -25.00 16.76 -5.22
C LYS B 48 -24.09 15.54 -5.38
N TYR B 49 -22.90 15.60 -4.78
CA TYR B 49 -21.92 14.53 -4.90
C TYR B 49 -22.47 13.26 -4.24
N LEU B 50 -23.02 13.39 -3.03
CA LEU B 50 -23.54 12.25 -2.29
C LEU B 50 -24.69 11.60 -3.05
N LYS B 51 -25.42 12.38 -3.85
CA LYS B 51 -26.50 11.85 -4.65
C LYS B 51 -25.93 11.06 -5.83
N LEU B 52 -24.80 11.53 -6.38
CA LEU B 52 -24.08 10.78 -7.40
C LEU B 52 -23.53 9.49 -6.79
N LYS B 53 -22.95 9.62 -5.58
CA LYS B 53 -22.42 8.47 -4.85
C LYS B 53 -23.47 7.36 -4.81
N ASP B 54 -24.69 7.72 -4.42
CA ASP B 54 -25.77 6.76 -4.28
C ASP B 54 -26.19 6.25 -5.66
N ILE B 55 -26.19 7.12 -6.66
CA ILE B 55 -26.52 6.72 -8.03
C ILE B 55 -25.49 5.70 -8.51
N ASN B 56 -24.20 6.02 -8.35
CA ASN B 56 -23.13 5.14 -8.79
C ASN B 56 -23.31 3.76 -8.18
N SER B 57 -23.65 3.74 -6.88
CA SER B 57 -23.81 2.50 -6.14
C SER B 57 -25.04 1.74 -6.64
N LEU B 58 -26.11 2.47 -6.96
CA LEU B 58 -27.35 1.85 -7.42
C LEU B 58 -27.14 1.15 -8.76
N THR B 59 -26.32 1.75 -9.64
CA THR B 59 -26.10 1.23 -10.97
C THR B 59 -25.29 -0.06 -10.92
N ASP B 60 -24.27 -0.10 -10.03
CA ASP B 60 -23.39 -1.24 -9.95
C ASP B 60 -24.07 -2.41 -9.24
N ILE B 61 -25.20 -2.15 -8.57
CA ILE B 61 -26.05 -3.22 -8.08
C ILE B 61 -26.83 -3.81 -9.25
N CYS B 62 -27.39 -2.93 -10.09
CA CYS B 62 -28.25 -3.32 -11.20
C CYS B 62 -27.48 -4.16 -12.22
N ILE B 63 -26.17 -3.91 -12.36
CA ILE B 63 -25.34 -4.67 -13.29
C ILE B 63 -24.88 -5.97 -12.64
N ASP B 64 -24.77 -5.97 -11.30
CA ASP B 64 -24.31 -7.14 -10.57
C ASP B 64 -25.48 -8.10 -10.32
N THR B 65 -26.68 -7.55 -10.14
CA THR B 65 -27.87 -8.34 -9.90
C THR B 65 -28.13 -9.24 -11.12
N TYR B 66 -28.25 -8.62 -12.29
CA TYR B 66 -28.44 -9.33 -13.54
C TYR B 66 -27.18 -9.15 -14.39
N LYS B 67 -26.39 -10.21 -14.54
CA LYS B 67 -25.16 -10.15 -15.31
C LYS B 67 -25.43 -10.55 -16.77
N LYS B 68 -26.65 -11.01 -17.05
CA LYS B 68 -27.10 -11.26 -18.41
C LYS B 68 -27.49 -9.95 -19.08
N SER B 69 -28.29 -9.15 -18.36
CA SER B 69 -28.85 -7.90 -18.84
C SER B 69 -27.94 -7.25 -19.89
N GLY B 70 -28.50 -7.06 -21.09
CA GLY B 70 -27.80 -6.38 -22.18
C GLY B 70 -27.56 -4.90 -21.85
N ARG B 71 -28.37 -4.36 -20.92
CA ARG B 71 -28.23 -2.99 -20.45
C ARG B 71 -26.81 -2.72 -19.98
N ASN B 72 -26.23 -3.69 -19.25
CA ASN B 72 -24.97 -3.53 -18.55
C ASN B 72 -24.01 -2.62 -19.31
N LYS B 73 -23.70 -2.97 -20.56
CA LYS B 73 -22.68 -2.28 -21.34
C LYS B 73 -22.98 -0.78 -21.42
N ALA B 74 -24.28 -0.43 -21.45
CA ALA B 74 -24.71 0.95 -21.44
C ALA B 74 -24.54 1.57 -20.05
N LEU B 75 -24.91 0.79 -19.01
CA LEU B 75 -24.80 1.24 -17.64
C LEU B 75 -23.34 1.29 -17.20
N LYS B 76 -22.49 0.46 -17.82
CA LYS B 76 -21.04 0.54 -17.65
C LYS B 76 -20.56 1.90 -18.13
N LYS B 77 -21.18 2.40 -19.20
CA LYS B 77 -20.82 3.68 -19.78
C LYS B 77 -21.40 4.81 -18.93
N PHE B 78 -22.59 4.58 -18.33
CA PHE B 78 -23.24 5.57 -17.48
C PHE B 78 -22.36 5.89 -16.27
N LYS B 79 -21.58 4.91 -15.80
CA LYS B 79 -20.68 5.11 -14.67
C LYS B 79 -19.62 6.15 -15.04
N GLU B 80 -19.14 6.12 -16.28
CA GLU B 80 -18.12 7.04 -16.75
C GLU B 80 -18.62 8.48 -16.63
N TYR B 81 -19.88 8.72 -17.05
CA TYR B 81 -20.46 10.05 -17.03
C TYR B 81 -20.46 10.60 -15.61
N LEU B 82 -20.79 9.74 -14.64
CA LEU B 82 -20.88 10.13 -13.24
C LEU B 82 -19.55 10.72 -12.76
N VAL B 83 -18.44 10.09 -13.17
CA VAL B 83 -17.11 10.56 -12.83
C VAL B 83 -16.93 11.96 -13.40
N THR B 84 -17.15 12.09 -14.71
CA THR B 84 -17.01 13.36 -15.41
C THR B 84 -17.88 14.42 -14.74
N GLU B 85 -19.10 14.04 -14.35
CA GLU B 85 -20.03 14.95 -13.70
C GLU B 85 -19.47 15.41 -12.35
N VAL B 86 -18.78 14.50 -11.64
CA VAL B 86 -18.12 14.83 -10.39
C VAL B 86 -17.03 15.87 -10.66
N LEU B 87 -16.27 15.66 -11.75
CA LEU B 87 -15.21 16.57 -12.13
C LEU B 87 -15.78 17.91 -12.57
N GLU B 88 -16.93 17.87 -13.26
CA GLU B 88 -17.60 19.09 -13.69
C GLU B 88 -18.14 19.85 -12.48
N LEU B 89 -18.63 19.12 -11.47
CA LEU B 89 -19.06 19.75 -10.23
C LEU B 89 -17.87 20.44 -9.57
N LYS B 90 -16.73 19.75 -9.52
CA LYS B 90 -15.53 20.26 -8.89
C LYS B 90 -15.14 21.59 -9.52
N ASN B 91 -14.91 21.58 -10.83
CA ASN B 91 -14.33 22.72 -11.53
C ASN B 91 -15.29 23.91 -11.55
N ASN B 92 -16.58 23.64 -11.85
CA ASN B 92 -17.51 24.71 -12.21
C ASN B 92 -17.94 25.50 -10.97
N ASN B 93 -18.26 24.81 -9.87
CA ASN B 93 -18.83 25.44 -8.69
C ASN B 93 -17.74 25.62 -7.63
N LEU B 94 -17.15 26.82 -7.59
CA LEU B 94 -15.99 27.10 -6.75
C LEU B 94 -16.39 27.98 -5.58
N THR B 95 -15.53 27.98 -4.54
CA THR B 95 -15.74 28.74 -3.31
C THR B 95 -14.42 29.42 -2.95
N PRO B 96 -14.45 30.66 -2.40
CA PRO B 96 -13.22 31.31 -1.92
C PRO B 96 -12.61 30.57 -0.74
N VAL B 97 -11.28 30.39 -0.79
CA VAL B 97 -10.57 29.67 0.26
C VAL B 97 -10.14 30.66 1.33
N GLU B 98 -10.03 30.17 2.57
CA GLU B 98 -9.62 31.00 3.69
C GLU B 98 -8.15 31.35 3.53
N LYS B 99 -7.81 32.63 3.67
CA LYS B 99 -6.45 33.11 3.45
C LYS B 99 -5.58 32.79 4.66
N ASN B 100 -5.14 31.54 4.75
CA ASN B 100 -4.31 31.09 5.86
C ASN B 100 -3.16 30.23 5.33
N LEU B 101 -1.95 30.80 5.29
CA LEU B 101 -0.75 30.01 5.08
C LEU B 101 -0.44 29.24 6.35
N HIS B 102 -0.27 27.92 6.21
CA HIS B 102 0.10 27.07 7.34
C HIS B 102 1.51 26.54 7.12
N PHE B 103 2.31 26.58 8.19
CA PHE B 103 3.59 25.90 8.25
C PHE B 103 3.61 25.07 9.53
N VAL B 104 4.50 24.06 9.58
CA VAL B 104 4.63 23.24 10.77
C VAL B 104 6.09 22.90 10.99
N TRP B 105 6.52 22.99 12.25
CA TRP B 105 7.82 22.51 12.70
C TRP B 105 7.72 22.11 14.17
N ILE B 106 7.88 20.80 14.43
CA ILE B 106 7.73 20.26 15.77
C ILE B 106 8.89 19.29 16.03
N GLY B 107 9.19 19.06 17.32
CA GLY B 107 10.20 18.11 17.72
C GLY B 107 11.45 18.78 18.29
N GLY B 108 11.79 19.95 17.75
CA GLY B 108 12.97 20.68 18.18
C GLY B 108 12.81 22.19 17.94
N GLN B 109 13.90 22.93 18.12
CA GLN B 109 13.92 24.36 17.88
C GLN B 109 13.79 24.60 16.38
N ILE B 110 13.05 25.66 16.01
CA ILE B 110 12.88 26.04 14.63
C ILE B 110 14.20 26.63 14.12
N ASN B 111 14.61 26.18 12.92
CA ASN B 111 15.86 26.60 12.31
C ASN B 111 15.64 27.96 11.63
N ASP B 112 16.71 28.75 11.53
CA ASP B 112 16.65 30.11 11.02
C ASP B 112 16.44 30.09 9.50
N THR B 113 17.06 29.13 8.80
CA THR B 113 16.93 29.01 7.36
C THR B 113 15.47 28.71 7.01
N ALA B 114 14.78 27.99 7.91
CA ALA B 114 13.36 27.72 7.76
C ALA B 114 12.56 29.01 7.88
N ILE B 115 12.89 29.81 8.90
CA ILE B 115 12.18 31.06 9.18
C ILE B 115 12.37 32.04 8.03
N ASN B 116 13.57 32.07 7.44
CA ASN B 116 13.86 32.95 6.33
C ASN B 116 12.95 32.61 5.15
N TYR B 117 12.74 31.31 4.92
CA TYR B 117 11.88 30.85 3.84
C TYR B 117 10.45 31.28 4.11
N ILE B 118 10.01 31.15 5.37
CA ILE B 118 8.66 31.52 5.77
C ILE B 118 8.43 33.01 5.50
N ASN B 119 9.38 33.85 5.95
CA ASN B 119 9.22 35.29 5.89
C ASN B 119 8.99 35.73 4.44
N GLN B 120 9.63 35.05 3.48
CA GLN B 120 9.47 35.38 2.07
C GLN B 120 7.98 35.40 1.71
N TRP B 121 7.27 34.33 2.08
CA TRP B 121 5.84 34.26 1.91
C TRP B 121 5.17 35.41 2.65
N LYS B 122 5.51 35.54 3.93
CA LYS B 122 4.85 36.47 4.85
C LYS B 122 4.93 37.90 4.32
N ASP B 123 6.05 38.25 3.70
CA ASP B 123 6.29 39.59 3.19
C ASP B 123 5.32 39.91 2.05
N VAL B 124 5.38 39.09 0.98
CA VAL B 124 4.65 39.38 -0.25
C VAL B 124 3.14 39.19 -0.03
N ASN B 125 2.78 38.28 0.89
CA ASN B 125 1.38 38.02 1.20
C ASN B 125 1.05 38.64 2.56
N SER B 126 0.62 39.91 2.54
CA SER B 126 0.29 40.65 3.75
C SER B 126 -1.11 40.29 4.24
N ASP B 127 -1.99 39.92 3.30
CA ASP B 127 -3.39 39.66 3.60
C ASP B 127 -3.56 38.32 4.30
N TYR B 128 -2.70 37.35 3.98
CA TYR B 128 -2.80 36.00 4.53
C TYR B 128 -2.37 36.00 5.99
N ASN B 129 -3.18 35.33 6.83
CA ASN B 129 -2.83 35.08 8.22
C ASN B 129 -1.97 33.82 8.27
N VAL B 130 -0.66 34.00 8.48
CA VAL B 130 0.28 32.88 8.55
C VAL B 130 0.20 32.26 9.94
N ASN B 131 0.36 30.93 9.99
CA ASN B 131 0.37 30.19 11.25
C ASN B 131 1.43 29.10 11.17
N VAL B 132 2.60 29.36 11.77
CA VAL B 132 3.65 28.37 11.88
C VAL B 132 3.40 27.54 13.14
N PHE B 133 2.89 26.32 12.94
CA PHE B 133 2.53 25.44 14.05
C PHE B 133 3.79 24.99 14.79
N TYR B 134 3.63 24.76 16.10
CA TYR B 134 4.68 24.17 16.93
C TYR B 134 4.02 23.36 18.04
N ASP B 135 4.85 22.74 18.88
CA ASP B 135 4.36 21.98 20.02
C ASP B 135 5.20 22.31 21.24
N SER B 136 4.56 22.95 22.23
CA SER B 136 5.24 23.34 23.46
C SER B 136 5.67 22.11 24.26
N ASN B 137 4.81 21.08 24.26
CA ASN B 137 5.05 19.87 25.03
C ASN B 137 6.28 19.12 24.49
N ALA B 138 6.54 19.24 23.19
CA ALA B 138 7.61 18.49 22.55
C ALA B 138 8.57 19.42 21.80
N PHE B 139 9.59 19.89 22.52
CA PHE B 139 10.73 20.58 21.92
C PHE B 139 11.96 19.68 21.96
N LEU B 140 11.89 18.57 22.71
CA LEU B 140 13.06 17.76 23.00
C LEU B 140 12.94 16.37 22.37
N ILE B 141 11.97 16.16 21.47
CA ILE B 141 11.83 14.89 20.79
C ILE B 141 13.04 14.69 19.88
N ASN B 142 13.42 15.75 19.16
CA ASN B 142 14.48 15.66 18.17
C ASN B 142 15.82 15.38 18.84
N THR B 143 16.05 16.02 19.99
CA THR B 143 17.29 15.85 20.74
C THR B 143 17.33 14.48 21.39
N LEU B 144 16.15 13.93 21.73
CA LEU B 144 16.04 12.58 22.29
C LEU B 144 16.52 11.56 21.27
N LYS B 145 16.02 11.68 20.03
CA LYS B 145 16.44 10.83 18.93
C LYS B 145 17.94 11.00 18.70
N LYS B 146 18.38 12.25 18.51
CA LYS B 146 19.77 12.60 18.25
C LYS B 146 20.70 11.91 19.26
N THR B 147 20.31 11.93 20.55
CA THR B 147 21.13 11.36 21.60
C THR B 147 21.18 9.84 21.48
N VAL B 148 20.03 9.22 21.16
CA VAL B 148 19.91 7.77 21.11
C VAL B 148 20.70 7.24 19.91
N VAL B 149 20.29 7.65 18.71
CA VAL B 149 20.83 7.11 17.46
C VAL B 149 22.36 7.22 17.49
N GLU B 150 22.89 8.37 17.93
CA GLU B 150 24.31 8.59 17.98
C GLU B 150 24.96 7.66 19.00
N SER B 151 24.28 7.48 20.14
CA SER B 151 24.76 6.60 21.19
C SER B 151 24.58 5.13 20.81
N ALA B 152 23.76 4.88 19.78
CA ALA B 152 23.58 3.54 19.25
C ALA B 152 24.64 3.24 18.18
N ILE B 153 25.06 4.27 17.44
CA ILE B 153 26.12 4.15 16.45
C ILE B 153 27.43 3.82 17.18
N ASN B 154 27.73 4.59 18.23
CA ASN B 154 28.97 4.42 18.98
C ASN B 154 29.08 3.00 19.52
N ASP B 155 27.96 2.45 20.02
CA ASP B 155 27.95 1.09 20.55
C ASP B 155 28.17 0.07 19.43
N THR B 156 27.57 0.32 18.27
CA THR B 156 27.58 -0.63 17.17
C THR B 156 29.00 -0.74 16.59
N LEU B 157 29.67 0.40 16.43
CA LEU B 157 31.01 0.43 15.84
C LEU B 157 31.99 -0.35 16.71
N GLU B 158 31.84 -0.26 18.05
CA GLU B 158 32.77 -0.89 18.96
C GLU B 158 32.55 -2.40 19.01
N SER B 159 31.33 -2.84 18.65
CA SER B 159 31.03 -4.26 18.59
C SER B 159 31.78 -4.92 17.43
N PHE B 160 32.16 -4.11 16.43
CA PHE B 160 32.88 -4.59 15.27
C PHE B 160 34.37 -4.70 15.58
N ARG B 161 35.01 -3.55 15.82
CA ARG B 161 36.46 -3.41 15.94
C ARG B 161 37.18 -4.70 15.52
N GLU B 162 37.04 -5.75 16.34
CA GLU B 162 37.79 -6.99 16.16
C GLU B 162 37.30 -7.76 14.93
N ASN B 163 36.50 -7.12 14.07
CA ASN B 163 36.01 -7.73 12.85
C ASN B 163 35.89 -6.66 11.74
N LEU B 164 36.81 -5.70 11.73
CA LEU B 164 36.61 -4.50 10.93
C LEU B 164 36.88 -4.79 9.45
N ASN B 165 37.84 -5.69 9.18
CA ASN B 165 38.21 -6.03 7.81
C ASN B 165 37.48 -7.28 7.35
N ASP B 166 36.61 -7.84 8.20
CA ASP B 166 35.86 -9.04 7.89
C ASP B 166 34.66 -8.65 7.01
N PRO B 167 34.56 -9.17 5.76
CA PRO B 167 33.59 -8.66 4.80
C PRO B 167 32.14 -9.06 5.05
N ARG B 168 31.91 -9.81 6.14
CA ARG B 168 30.56 -10.11 6.60
C ARG B 168 29.94 -8.87 7.23
N PHE B 169 30.78 -8.07 7.92
CA PHE B 169 30.33 -6.86 8.60
C PHE B 169 30.28 -5.70 7.61
N ASP B 170 29.26 -5.73 6.74
CA ASP B 170 29.08 -4.72 5.71
C ASP B 170 28.11 -3.66 6.23
N TYR B 171 27.70 -2.74 5.35
CA TYR B 171 26.81 -1.66 5.73
C TYR B 171 25.47 -2.24 6.18
N ASN B 172 25.02 -3.34 5.55
CA ASN B 172 23.74 -3.95 5.87
C ASN B 172 23.77 -4.49 7.31
N LYS B 173 24.84 -5.21 7.65
CA LYS B 173 24.95 -5.83 8.97
C LYS B 173 25.08 -4.75 10.05
N PHE B 174 25.58 -3.57 9.67
CA PHE B 174 25.79 -2.48 10.61
C PHE B 174 24.45 -1.90 11.05
N PHE B 175 23.65 -1.44 10.09
CA PHE B 175 22.37 -0.81 10.36
C PHE B 175 21.44 -1.79 11.07
N ARG B 176 21.56 -3.09 10.72
CA ARG B 176 20.73 -4.13 11.29
C ARG B 176 21.04 -4.28 12.78
N LYS B 177 22.34 -4.22 13.13
CA LYS B 177 22.78 -4.28 14.51
C LYS B 177 22.43 -2.99 15.24
N ARG B 178 22.52 -1.86 14.53
CA ARG B 178 22.22 -0.55 15.12
C ARG B 178 20.74 -0.50 15.51
N MET B 179 19.86 -0.88 14.57
CA MET B 179 18.43 -0.81 14.78
C MET B 179 18.03 -1.69 15.97
N GLU B 180 18.70 -2.83 16.11
CA GLU B 180 18.44 -3.76 17.20
C GLU B 180 18.61 -3.05 18.54
N ILE B 181 19.63 -2.19 18.64
CA ILE B 181 19.89 -1.42 19.84
C ILE B 181 18.90 -0.25 19.90
N ILE B 182 18.76 0.49 18.79
CA ILE B 182 17.89 1.65 18.74
C ILE B 182 16.49 1.27 19.23
N TYR B 183 15.98 0.13 18.77
CA TYR B 183 14.66 -0.33 19.17
C TYR B 183 14.60 -0.51 20.69
N ASP B 184 15.65 -1.13 21.24
CA ASP B 184 15.69 -1.43 22.67
C ASP B 184 15.71 -0.14 23.48
N LYS B 185 16.48 0.85 23.02
CA LYS B 185 16.55 2.14 23.67
C LYS B 185 15.22 2.87 23.54
N GLN B 186 14.68 2.89 22.31
CA GLN B 186 13.44 3.59 21.99
C GLN B 186 12.28 3.00 22.80
N LYS B 187 12.25 1.68 22.93
CA LYS B 187 11.20 0.99 23.67
C LYS B 187 11.31 1.29 25.16
N ASN B 188 12.55 1.29 25.68
CA ASN B 188 12.80 1.55 27.09
C ASN B 188 12.22 2.91 27.47
N PHE B 189 12.47 3.91 26.64
CA PHE B 189 11.94 5.26 26.83
C PHE B 189 10.42 5.23 26.87
N ILE B 190 9.81 4.40 26.01
CA ILE B 190 8.37 4.27 25.94
C ILE B 190 7.83 3.73 27.26
N ASN B 191 8.41 2.62 27.75
CA ASN B 191 7.92 1.98 28.96
C ASN B 191 8.03 2.93 30.14
N TYR B 192 9.06 3.79 30.12
CA TYR B 192 9.23 4.83 31.11
C TYR B 192 8.13 5.88 30.94
N TYR B 193 7.92 6.33 29.69
CA TYR B 193 6.94 7.36 29.39
C TYR B 193 5.54 6.89 29.78
N LYS B 194 5.19 5.64 29.44
CA LYS B 194 3.85 5.12 29.68
C LYS B 194 3.72 4.55 31.09
N ALA B 195 4.73 4.78 31.93
CA ALA B 195 4.63 4.52 33.36
C ALA B 195 4.63 5.84 34.13
N GLN B 196 5.33 6.86 33.59
CA GLN B 196 5.38 8.18 34.20
C GLN B 196 4.06 8.91 33.99
N ARG B 197 3.48 8.78 32.78
CA ARG B 197 2.21 9.42 32.46
C ARG B 197 1.06 8.70 33.16
N GLU B 198 1.21 7.37 33.32
CA GLU B 198 0.23 6.57 34.04
C GLU B 198 0.22 6.95 35.52
N GLU B 199 1.40 7.34 36.03
CA GLU B 199 1.56 7.72 37.43
C GLU B 199 1.04 9.13 37.67
N ASN B 200 1.48 10.09 36.85
CA ASN B 200 1.17 11.50 37.03
C ASN B 200 0.62 12.09 35.74
N PRO B 201 -0.68 11.90 35.42
CA PRO B 201 -1.28 12.45 34.20
C PRO B 201 -1.36 13.97 34.11
N GLU B 202 -0.41 14.68 34.76
CA GLU B 202 -0.23 16.10 34.55
C GLU B 202 1.26 16.40 34.33
N LEU B 203 1.94 15.45 33.67
CA LEU B 203 3.31 15.64 33.21
C LEU B 203 3.31 15.71 31.68
N ILE B 204 4.03 16.70 31.14
CA ILE B 204 4.10 16.88 29.70
C ILE B 204 5.21 15.99 29.14
N ILE B 205 5.38 16.02 27.81
CA ILE B 205 6.32 15.14 27.12
C ILE B 205 7.74 15.47 27.57
N ASP B 206 8.12 16.74 27.41
CA ASP B 206 9.48 17.21 27.68
C ASP B 206 9.94 16.80 29.08
N ASP B 207 9.06 16.99 30.08
CA ASP B 207 9.40 16.69 31.46
C ASP B 207 9.84 15.24 31.59
N ILE B 208 9.23 14.34 30.81
CA ILE B 208 9.62 12.94 30.79
C ILE B 208 10.92 12.77 30.01
N VAL B 209 11.06 13.53 28.92
CA VAL B 209 12.26 13.47 28.08
C VAL B 209 13.48 13.91 28.89
N LYS B 210 13.45 15.15 29.39
CA LYS B 210 14.60 15.76 30.05
C LYS B 210 15.10 14.87 31.18
N THR B 211 14.17 14.25 31.93
CA THR B 211 14.51 13.38 33.04
C THR B 211 15.16 12.10 32.51
N TYR B 212 14.66 11.61 31.37
CA TYR B 212 15.19 10.39 30.75
C TYR B 212 16.63 10.60 30.31
N LEU B 213 16.92 11.79 29.74
CA LEU B 213 18.26 12.12 29.31
C LEU B 213 19.18 12.29 30.52
N SER B 214 18.62 12.82 31.63
CA SER B 214 19.39 13.10 32.82
C SER B 214 19.89 11.81 33.47
N ASN B 215 19.00 10.84 33.63
CA ASN B 215 19.30 9.62 34.35
C ASN B 215 20.21 8.71 33.51
N GLU B 216 19.91 8.60 32.21
CA GLU B 216 20.54 7.59 31.36
C GLU B 216 21.72 8.17 30.61
N TYR B 217 21.47 9.21 29.81
CA TYR B 217 22.47 9.72 28.87
C TYR B 217 23.23 10.92 29.46
N SER B 218 23.12 11.13 30.78
CA SER B 218 23.99 12.04 31.50
C SER B 218 23.93 13.45 30.90
N LYS B 219 22.74 14.04 30.93
CA LYS B 219 22.53 15.39 30.41
C LYS B 219 22.06 16.30 31.55
N GLU B 220 22.62 17.52 31.59
CA GLU B 220 22.22 18.52 32.56
C GLU B 220 20.93 19.18 32.11
N ILE B 221 19.94 19.21 33.01
CA ILE B 221 18.57 19.60 32.66
C ILE B 221 18.52 21.09 32.34
N ASP B 222 19.30 21.90 33.07
CA ASP B 222 19.26 23.35 32.96
C ASP B 222 19.64 23.79 31.54
N GLU B 223 20.53 23.03 30.88
CA GLU B 223 20.93 23.31 29.52
C GLU B 223 19.76 23.09 28.56
N LEU B 224 18.89 22.13 28.87
CA LEU B 224 17.72 21.84 28.07
C LEU B 224 16.66 22.92 28.29
N ASN B 225 16.55 23.41 29.54
CA ASN B 225 15.54 24.39 29.91
C ASN B 225 15.83 25.73 29.24
N THR B 226 17.10 26.01 28.96
CA THR B 226 17.47 27.20 28.20
C THR B 226 17.14 26.97 26.73
N TYR B 227 17.30 25.73 26.26
CA TYR B 227 17.02 25.37 24.88
C TYR B 227 15.52 25.55 24.60
N ILE B 228 14.66 24.97 25.45
CA ILE B 228 13.23 25.06 25.26
C ILE B 228 12.78 26.51 25.37
N GLU B 229 13.42 27.28 26.26
CA GLU B 229 13.09 28.68 26.45
C GLU B 229 13.51 29.48 25.22
N GLU B 230 14.73 29.22 24.72
CA GLU B 230 15.24 29.88 23.53
C GLU B 230 14.37 29.54 22.32
N SER B 231 13.82 28.32 22.31
CA SER B 231 12.96 27.86 21.23
C SER B 231 11.61 28.57 21.28
N LEU B 232 10.98 28.55 22.46
CA LEU B 232 9.62 29.06 22.63
C LEU B 232 9.58 30.55 22.25
N ASN B 233 10.60 31.30 22.67
CA ASN B 233 10.76 32.70 22.28
C ASN B 233 10.82 32.80 20.75
N LYS B 234 11.67 31.98 20.14
CA LYS B 234 11.99 32.08 18.72
C LYS B 234 10.74 31.83 17.87
N ILE B 235 9.89 30.89 18.30
CA ILE B 235 8.69 30.56 17.56
C ILE B 235 7.59 31.58 17.86
N THR B 236 7.45 31.96 19.14
CA THR B 236 6.40 32.88 19.54
C THR B 236 6.55 34.19 18.76
N GLN B 237 7.79 34.64 18.57
CA GLN B 237 8.08 35.86 17.85
C GLN B 237 7.73 35.71 16.37
N ASN B 238 7.83 34.49 15.84
CA ASN B 238 7.54 34.20 14.45
C ASN B 238 6.20 33.49 14.31
N SER B 239 5.11 34.19 14.63
CA SER B 239 3.76 33.76 14.28
C SER B 239 3.51 32.31 14.69
N GLY B 240 3.82 31.99 15.95
CA GLY B 240 3.77 30.62 16.43
C GLY B 240 2.37 30.24 16.93
N ASN B 241 1.75 29.27 16.26
CA ASN B 241 0.52 28.66 16.73
C ASN B 241 0.84 27.34 17.42
N ASP B 242 0.36 27.16 18.65
CA ASP B 242 0.58 25.93 19.38
C ASP B 242 -0.49 24.93 19.00
N VAL B 243 -0.14 23.63 19.03
CA VAL B 243 -1.06 22.56 18.68
C VAL B 243 -1.94 22.24 19.89
N ARG B 244 -1.49 22.63 21.09
CA ARG B 244 -2.22 22.35 22.32
C ARG B 244 -3.41 23.31 22.45
N ASN B 245 -3.30 24.49 21.82
CA ASN B 245 -4.41 25.42 21.71
C ASN B 245 -5.44 24.91 20.70
N PHE B 246 -4.96 24.30 19.62
CA PHE B 246 -5.80 23.69 18.61
C PHE B 246 -6.34 22.36 19.14
N GLY B 247 -7.27 22.46 20.11
CA GLY B 247 -7.79 21.30 20.81
C GLY B 247 -8.79 20.51 19.97
N GLU B 248 -9.28 21.15 18.90
CA GLU B 248 -10.19 20.52 17.95
C GLU B 248 -9.54 19.27 17.38
N PHE B 249 -8.22 19.34 17.18
CA PHE B 249 -7.43 18.23 16.67
C PHE B 249 -7.19 17.20 17.77
N LYS B 250 -6.89 17.69 18.99
CA LYS B 250 -6.59 16.82 20.12
C LYS B 250 -7.80 15.98 20.51
N ASN B 251 -9.00 16.54 20.33
CA ASN B 251 -10.24 15.85 20.63
C ASN B 251 -10.54 14.81 19.53
N GLY B 252 -10.06 15.08 18.31
CA GLY B 252 -10.21 14.15 17.19
C GLY B 252 -9.42 12.87 17.41
N GLU B 253 -9.68 11.87 16.55
CA GLU B 253 -9.12 10.53 16.70
C GLU B 253 -7.67 10.50 16.20
N SER B 254 -7.36 11.40 15.24
CA SER B 254 -6.06 11.42 14.59
C SER B 254 -4.94 11.86 15.54
N PHE B 255 -5.29 12.35 16.74
CA PHE B 255 -4.31 12.84 17.68
C PHE B 255 -3.45 11.70 18.20
N ASN B 256 -4.09 10.59 18.62
CA ASN B 256 -3.37 9.41 19.05
C ASN B 256 -2.22 9.15 18.08
N LEU B 257 -2.50 9.24 16.78
CA LEU B 257 -1.53 8.96 15.74
C LEU B 257 -0.42 10.00 15.77
N TYR B 258 -0.80 11.28 15.92
CA TYR B 258 0.17 12.36 15.99
C TYR B 258 1.20 12.08 17.07
N GLU B 259 0.72 11.77 18.28
CA GLU B 259 1.60 11.47 19.41
C GLU B 259 2.41 10.20 19.13
N GLN B 260 1.75 9.18 18.55
CA GLN B 260 2.39 7.91 18.28
C GLN B 260 3.67 8.12 17.48
N GLU B 261 3.58 8.88 16.39
CA GLU B 261 4.73 9.13 15.53
C GLU B 261 5.68 10.15 16.15
N LEU B 262 5.19 10.95 17.09
CA LEU B 262 6.00 11.98 17.75
C LEU B 262 6.78 11.38 18.91
N VAL B 263 6.07 10.76 19.86
CA VAL B 263 6.67 10.38 21.13
C VAL B 263 7.20 8.95 21.06
N GLU B 264 6.50 8.07 20.34
CA GLU B 264 6.84 6.65 20.35
C GLU B 264 7.89 6.35 19.27
N ARG B 265 7.82 7.02 18.11
CA ARG B 265 8.66 6.68 16.98
C ARG B 265 9.64 7.79 16.62
N TRP B 266 9.45 9.00 17.18
CA TRP B 266 10.34 10.12 16.91
C TRP B 266 10.41 10.38 15.41
N ASN B 267 9.26 10.27 14.74
CA ASN B 267 9.14 10.51 13.32
C ASN B 267 8.39 11.83 13.12
N LEU B 268 9.15 12.93 13.12
CA LEU B 268 8.58 14.27 13.04
C LEU B 268 7.90 14.45 11.70
N ALA B 269 8.50 13.88 10.65
CA ALA B 269 7.97 13.94 9.29
C ALA B 269 6.55 13.39 9.26
N ALA B 270 6.34 12.24 9.91
CA ALA B 270 5.03 11.60 9.92
C ALA B 270 4.03 12.47 10.67
N ALA B 271 4.41 12.92 11.86
CA ALA B 271 3.54 13.75 12.69
C ALA B 271 3.08 14.99 11.90
N SER B 272 4.01 15.60 11.16
CA SER B 272 3.73 16.80 10.39
C SER B 272 2.89 16.49 9.16
N ASP B 273 3.00 15.26 8.66
CA ASP B 273 2.21 14.80 7.52
C ASP B 273 0.75 14.59 7.93
N ILE B 274 0.50 14.41 9.24
CA ILE B 274 -0.84 14.25 9.76
C ILE B 274 -1.44 15.62 10.04
N LEU B 275 -0.70 16.44 10.78
CA LEU B 275 -1.22 17.70 11.29
C LEU B 275 -1.66 18.61 10.14
N ARG B 276 -0.89 18.59 9.05
CA ARG B 276 -1.08 19.49 7.93
C ARG B 276 -2.50 19.38 7.37
N ILE B 277 -2.97 18.14 7.15
CA ILE B 277 -4.26 17.94 6.51
C ILE B 277 -5.37 18.11 7.55
N SER B 278 -5.11 17.69 8.79
CA SER B 278 -6.06 17.87 9.87
C SER B 278 -6.24 19.37 10.16
N ALA B 279 -5.20 20.17 9.86
CA ALA B 279 -5.30 21.61 9.95
C ALA B 279 -6.20 22.17 8.85
N LEU B 280 -5.95 21.74 7.60
CA LEU B 280 -6.70 22.21 6.46
C LEU B 280 -8.19 21.87 6.61
N LYS B 281 -8.49 20.74 7.25
CA LYS B 281 -9.86 20.29 7.38
C LYS B 281 -10.65 21.24 8.27
N GLU B 282 -10.00 21.76 9.32
CA GLU B 282 -10.71 22.47 10.38
C GLU B 282 -10.43 23.97 10.34
N ILE B 283 -9.49 24.41 9.49
CA ILE B 283 -9.11 25.81 9.40
C ILE B 283 -9.34 26.30 7.97
N GLY B 284 -8.72 25.62 7.00
CA GLY B 284 -8.82 25.97 5.60
C GLY B 284 -7.74 26.97 5.21
N GLY B 285 -7.04 26.68 4.11
CA GLY B 285 -5.99 27.55 3.60
C GLY B 285 -5.02 26.80 2.68
N MET B 286 -3.75 27.23 2.69
CA MET B 286 -2.70 26.53 1.97
C MET B 286 -1.61 26.10 2.94
N TYR B 287 -1.37 24.78 3.01
CA TYR B 287 -0.25 24.24 3.78
C TYR B 287 0.97 24.17 2.88
N LEU B 288 2.13 24.54 3.45
CA LEU B 288 3.40 24.44 2.76
C LEU B 288 4.42 23.78 3.69
N ASP B 289 5.28 22.95 3.10
CA ASP B 289 6.53 22.55 3.76
C ASP B 289 7.39 23.80 3.88
N VAL B 290 8.26 23.81 4.90
CA VAL B 290 9.05 24.98 5.23
C VAL B 290 10.13 25.21 4.18
N ASP B 291 10.50 24.14 3.45
CA ASP B 291 11.56 24.19 2.46
C ASP B 291 11.07 24.83 1.16
N MET B 292 9.80 25.27 1.12
CA MET B 292 9.20 25.80 -0.09
C MET B 292 9.41 27.32 -0.14
N LEU B 293 9.35 27.88 -1.35
CA LEU B 293 9.44 29.32 -1.56
C LEU B 293 8.36 29.75 -2.55
N PRO B 294 7.92 31.03 -2.52
CA PRO B 294 6.81 31.50 -3.36
C PRO B 294 7.18 31.53 -4.84
N GLY B 295 6.15 31.68 -5.68
CA GLY B 295 6.28 31.54 -7.12
C GLY B 295 6.95 32.77 -7.75
N ILE B 296 7.91 32.52 -8.64
CA ILE B 296 8.50 33.57 -9.46
C ILE B 296 7.48 34.00 -10.52
N GLN B 297 7.49 35.29 -10.87
CA GLN B 297 6.54 35.86 -11.80
C GLN B 297 6.70 35.22 -13.17
N PRO B 298 5.60 34.96 -13.92
CA PRO B 298 5.68 34.51 -15.30
C PRO B 298 6.48 35.45 -16.22
N ASP B 299 6.33 36.76 -16.00
CA ASP B 299 6.91 37.77 -16.87
C ASP B 299 8.40 37.93 -16.58
N LEU B 300 8.77 38.00 -15.30
CA LEU B 300 10.09 38.42 -14.86
C LEU B 300 11.17 38.00 -15.86
N PHE B 301 11.31 36.68 -16.06
CA PHE B 301 12.37 36.14 -16.90
C PHE B 301 11.75 35.47 -18.13
N GLU B 302 10.93 36.21 -18.88
CA GLU B 302 10.30 35.70 -20.08
C GLU B 302 11.14 36.03 -21.31
N SER B 303 12.08 36.98 -21.17
CA SER B 303 12.92 37.43 -22.27
C SER B 303 14.10 36.49 -22.48
N ILE B 304 14.56 35.84 -21.40
CA ILE B 304 15.73 34.98 -21.44
C ILE B 304 15.31 33.61 -21.98
N GLU B 305 16.24 32.92 -22.63
CA GLU B 305 15.99 31.59 -23.19
C GLU B 305 16.93 30.59 -22.52
N LYS B 306 16.52 29.31 -22.53
CA LYS B 306 17.21 28.26 -21.79
C LYS B 306 18.37 27.72 -22.62
N PRO B 307 19.48 27.24 -21.98
CA PRO B 307 20.51 26.49 -22.69
C PRO B 307 20.02 25.11 -23.10
N SER B 308 20.70 24.51 -24.10
CA SER B 308 20.29 23.24 -24.66
C SER B 308 20.74 22.07 -23.78
N SER B 309 21.95 22.18 -23.22
CA SER B 309 22.58 21.08 -22.51
C SER B 309 21.92 20.86 -21.14
N VAL B 310 21.79 21.94 -20.36
CA VAL B 310 21.30 21.87 -19.00
C VAL B 310 19.80 21.57 -19.01
N THR B 311 19.34 20.86 -17.96
CA THR B 311 17.97 20.38 -17.88
C THR B 311 17.07 21.50 -17.37
N VAL B 312 15.75 21.25 -17.40
CA VAL B 312 14.73 22.27 -17.13
C VAL B 312 14.66 22.56 -15.64
N ASP B 313 14.86 21.53 -14.80
CA ASP B 313 14.82 21.67 -13.36
C ASP B 313 16.05 22.44 -12.87
N PHE B 314 17.14 22.38 -13.64
CA PHE B 314 18.37 23.11 -13.35
C PHE B 314 18.11 24.60 -13.56
N TRP B 315 17.33 24.91 -14.62
CA TRP B 315 17.00 26.28 -15.00
C TRP B 315 16.18 26.95 -13.91
N GLU B 316 15.15 26.24 -13.43
CA GLU B 316 14.26 26.76 -12.39
C GLU B 316 15.01 26.92 -11.06
N MET B 317 16.03 26.08 -10.86
CA MET B 317 16.80 26.09 -9.62
C MET B 317 17.71 27.33 -9.57
N THR B 318 18.19 27.75 -10.75
CA THR B 318 19.09 28.90 -10.85
C THR B 318 18.28 30.20 -10.82
N LYS B 319 17.10 30.20 -11.45
CA LYS B 319 16.18 31.33 -11.37
C LYS B 319 16.06 31.79 -9.92
N LEU B 320 15.98 30.83 -8.99
CA LEU B 320 15.93 31.12 -7.57
C LEU B 320 17.29 31.62 -7.08
N GLU B 321 18.37 30.92 -7.45
CA GLU B 321 19.72 31.26 -7.00
C GLU B 321 20.08 32.69 -7.42
N ALA B 322 19.63 33.09 -8.62
CA ALA B 322 19.92 34.42 -9.15
C ALA B 322 19.40 35.50 -8.21
N ILE B 323 18.16 35.33 -7.73
CA ILE B 323 17.52 36.26 -6.82
C ILE B 323 18.44 36.51 -5.62
N MET B 324 18.94 35.42 -5.02
CA MET B 324 19.56 35.49 -3.70
C MET B 324 21.03 35.91 -3.78
N LYS B 325 21.54 36.11 -5.00
CA LYS B 325 22.92 36.58 -5.18
C LYS B 325 22.95 38.10 -5.15
N TYR B 326 21.98 38.74 -5.84
CA TYR B 326 22.03 40.17 -6.09
C TYR B 326 21.11 40.92 -5.12
N LYS B 327 19.87 40.46 -4.99
CA LYS B 327 18.92 41.10 -4.09
C LYS B 327 19.20 40.69 -2.64
N GLU B 328 19.80 39.50 -2.47
CA GLU B 328 20.36 39.07 -1.19
C GLU B 328 19.31 39.14 -0.08
N TYR B 329 18.25 38.33 -0.22
CA TYR B 329 17.18 38.29 0.77
C TYR B 329 17.52 37.30 1.88
N ILE B 330 18.37 36.31 1.57
CA ILE B 330 18.64 35.19 2.46
C ILE B 330 20.15 34.96 2.54
N PRO B 331 20.72 34.71 3.74
CA PRO B 331 22.17 34.64 3.91
C PRO B 331 22.83 33.40 3.29
N GLU B 332 23.60 33.65 2.22
CA GLU B 332 24.42 32.62 1.58
C GLU B 332 23.55 31.46 1.11
N TYR B 333 22.46 31.79 0.40
CA TYR B 333 21.72 30.81 -0.37
C TYR B 333 22.61 30.37 -1.53
N THR B 334 23.11 29.13 -1.46
CA THR B 334 24.23 28.68 -2.28
C THR B 334 24.09 29.17 -3.72
N SER B 335 25.17 29.76 -4.23
CA SER B 335 25.27 30.20 -5.62
C SER B 335 26.08 29.17 -6.41
N GLU B 336 25.71 27.89 -6.26
CA GLU B 336 26.45 26.79 -6.84
C GLU B 336 26.22 26.76 -8.35
N HIS B 337 24.95 26.56 -8.74
CA HIS B 337 24.59 26.29 -10.12
C HIS B 337 24.61 27.58 -10.95
N PHE B 338 24.57 28.73 -10.28
CA PHE B 338 24.67 30.02 -10.97
C PHE B 338 26.10 30.26 -11.41
N ASP B 339 27.07 29.71 -10.64
CA ASP B 339 28.48 29.85 -10.97
C ASP B 339 28.94 28.71 -11.89
N MET B 340 28.01 27.83 -12.28
CA MET B 340 28.26 26.83 -13.32
C MET B 340 27.54 27.26 -14.60
N LEU B 341 27.73 28.54 -14.98
CA LEU B 341 27.01 29.15 -16.09
C LEU B 341 27.97 29.96 -16.94
N ASP B 342 27.49 30.38 -18.12
CA ASP B 342 28.21 31.30 -18.99
C ASP B 342 28.12 32.70 -18.37
N GLU B 343 29.23 33.45 -18.45
CA GLU B 343 29.31 34.76 -17.84
C GLU B 343 28.44 35.77 -18.59
N GLU B 344 28.26 35.56 -19.90
CA GLU B 344 27.46 36.43 -20.73
C GLU B 344 26.01 36.40 -20.28
N VAL B 345 25.51 35.21 -19.93
CA VAL B 345 24.14 35.02 -19.48
C VAL B 345 24.03 35.34 -17.98
N GLN B 346 25.11 35.13 -17.24
CA GLN B 346 25.17 35.54 -15.84
C GLN B 346 24.90 37.03 -15.73
N SER B 347 25.50 37.81 -16.65
CA SER B 347 25.31 39.25 -16.70
C SER B 347 23.93 39.61 -17.22
N SER B 348 23.35 38.72 -18.05
CA SER B 348 21.99 38.91 -18.54
C SER B 348 21.01 38.91 -17.37
N PHE B 349 21.22 37.99 -16.40
CA PHE B 349 20.45 37.96 -15.17
C PHE B 349 20.76 39.23 -14.36
N GLU B 350 22.03 39.40 -13.97
CA GLU B 350 22.47 40.52 -13.16
C GLU B 350 21.81 41.81 -13.64
N SER B 351 21.79 42.03 -14.96
CA SER B 351 21.25 43.24 -15.55
C SER B 351 19.73 43.31 -15.37
N VAL B 352 19.02 42.30 -15.88
CA VAL B 352 17.57 42.33 -15.97
C VAL B 352 16.94 42.12 -14.59
N LEU B 353 17.66 41.40 -13.71
CA LEU B 353 17.17 41.10 -12.37
C LEU B 353 17.26 42.35 -11.49
N ALA B 354 18.37 43.07 -11.61
CA ALA B 354 18.59 44.28 -10.82
C ALA B 354 17.76 45.44 -11.36
N SER B 355 17.08 45.24 -12.49
CA SER B 355 16.23 46.25 -13.10
C SER B 355 14.81 46.21 -12.51
N LYS B 356 14.70 45.79 -11.24
CA LYS B 356 13.45 45.86 -10.51
C LYS B 356 13.75 46.33 -9.09
N SER B 357 12.80 47.06 -8.49
CA SER B 357 13.03 47.81 -7.27
C SER B 357 12.93 46.91 -6.05
N ASP B 358 11.70 46.51 -5.68
CA ASP B 358 11.45 45.79 -4.45
C ASP B 358 10.95 44.38 -4.78
N LYS B 359 10.36 43.71 -3.79
CA LYS B 359 10.15 42.27 -3.83
C LYS B 359 8.87 41.92 -4.61
N SER B 360 7.92 42.87 -4.67
CA SER B 360 6.63 42.63 -5.31
C SER B 360 6.79 42.34 -6.80
N GLU B 361 7.86 42.86 -7.41
CA GLU B 361 8.10 42.69 -8.83
C GLU B 361 8.75 41.32 -9.10
N ILE B 362 9.27 40.68 -8.03
CA ILE B 362 9.96 39.41 -8.15
C ILE B 362 8.93 38.27 -8.01
N PHE B 363 8.40 38.09 -6.80
CA PHE B 363 7.54 36.95 -6.49
C PHE B 363 6.08 37.33 -6.70
N SER B 364 5.34 36.43 -7.38
CA SER B 364 3.89 36.58 -7.53
C SER B 364 3.21 36.16 -6.23
N SER B 365 2.24 36.96 -5.79
CA SER B 365 1.48 36.70 -4.58
C SER B 365 0.25 35.85 -4.92
N LEU B 366 -0.43 35.37 -3.87
CA LEU B 366 -1.55 34.45 -4.01
C LEU B 366 -2.84 35.25 -4.18
N GLY B 367 -3.11 36.12 -3.20
CA GLY B 367 -4.30 36.97 -3.22
C GLY B 367 -5.57 36.17 -3.00
N ASP B 368 -6.54 36.36 -3.91
CA ASP B 368 -7.80 35.63 -3.86
C ASP B 368 -7.60 34.24 -4.46
N MET B 369 -8.19 33.24 -3.81
CA MET B 369 -8.00 31.83 -4.17
C MET B 369 -9.36 31.13 -4.18
N GLU B 370 -9.65 30.44 -5.29
CA GLU B 370 -10.89 29.68 -5.42
C GLU B 370 -10.56 28.20 -5.56
N ALA B 371 -11.40 27.37 -4.92
CA ALA B 371 -11.28 25.92 -5.01
C ALA B 371 -12.61 25.29 -4.60
N SER B 372 -12.87 24.07 -5.10
CA SER B 372 -14.12 23.38 -4.83
C SER B 372 -14.13 22.87 -3.39
N PRO B 373 -15.31 22.74 -2.74
CA PRO B 373 -15.42 22.06 -1.46
C PRO B 373 -15.26 20.54 -1.53
N LEU B 374 -15.11 20.00 -2.75
CA LEU B 374 -14.92 18.57 -2.94
C LEU B 374 -13.43 18.24 -3.08
N GLU B 375 -12.59 19.26 -3.35
CA GLU B 375 -11.22 19.00 -3.77
C GLU B 375 -10.22 19.54 -2.74
N VAL B 376 -9.01 18.99 -2.81
CA VAL B 376 -7.85 19.44 -2.06
C VAL B 376 -6.64 19.38 -2.99
N LYS B 377 -6.24 20.54 -3.53
CA LYS B 377 -5.20 20.59 -4.55
C LYS B 377 -3.85 20.24 -3.93
N ILE B 378 -3.01 19.55 -4.69
CA ILE B 378 -1.76 18.99 -4.19
C ILE B 378 -0.66 19.19 -5.23
N ALA B 379 0.58 19.33 -4.75
CA ALA B 379 1.71 19.66 -5.62
C ALA B 379 2.21 18.42 -6.34
N PHE B 380 2.94 18.66 -7.44
CA PHE B 380 3.53 17.62 -8.25
C PHE B 380 5.02 17.89 -8.42
N ASN B 381 5.86 17.01 -7.84
CA ASN B 381 7.27 16.98 -8.18
C ASN B 381 7.43 16.11 -9.42
N SER B 382 8.69 15.80 -9.78
CA SER B 382 8.98 15.02 -10.97
C SER B 382 8.35 13.63 -10.88
N LYS B 383 8.41 13.02 -9.67
CA LYS B 383 8.02 11.64 -9.45
C LYS B 383 6.67 11.57 -8.73
N GLY B 384 5.63 12.17 -9.31
CA GLY B 384 4.27 12.02 -8.83
C GLY B 384 3.84 13.22 -7.98
N ILE B 385 2.79 13.00 -7.16
CA ILE B 385 2.27 14.04 -6.28
C ILE B 385 3.20 14.16 -5.08
N ILE B 386 2.95 15.20 -4.27
CA ILE B 386 3.68 15.41 -3.03
C ILE B 386 2.88 16.37 -2.15
N ASN B 387 2.93 16.12 -0.83
CA ASN B 387 2.09 16.83 0.12
C ASN B 387 2.85 18.01 0.72
N GLN B 388 3.66 18.68 -0.10
CA GLN B 388 4.40 19.85 0.34
C GLN B 388 3.63 21.12 -0.01
N GLY B 389 2.63 21.00 -0.90
CA GLY B 389 1.78 22.12 -1.27
C GLY B 389 0.31 21.68 -1.34
N LEU B 390 -0.47 22.07 -0.33
CA LEU B 390 -1.85 21.65 -0.20
C LEU B 390 -2.76 22.87 -0.08
N ILE B 391 -3.49 23.18 -1.15
CA ILE B 391 -4.61 24.12 -1.09
C ILE B 391 -5.86 23.34 -0.70
N SER B 392 -6.72 23.95 0.12
CA SER B 392 -7.97 23.34 0.51
C SER B 392 -8.94 24.38 1.05
N VAL B 393 -10.25 24.09 0.92
CA VAL B 393 -11.30 24.89 1.52
C VAL B 393 -11.64 24.27 2.88
N LYS B 394 -12.15 25.10 3.80
CA LYS B 394 -12.49 24.62 5.14
C LYS B 394 -13.45 23.44 5.01
N ASP B 395 -13.12 22.35 5.72
CA ASP B 395 -13.96 21.16 5.78
C ASP B 395 -14.37 20.73 4.37
N SER B 396 -13.37 20.55 3.51
CA SER B 396 -13.58 19.99 2.18
C SER B 396 -13.96 18.52 2.30
N TYR B 397 -14.61 17.99 1.25
CA TYR B 397 -15.03 16.59 1.26
C TYR B 397 -13.79 15.71 1.06
N CYS B 398 -12.83 16.17 0.24
CA CYS B 398 -11.57 15.47 0.09
C CYS B 398 -10.76 15.55 1.39
N SER B 399 -10.63 16.76 1.94
CA SER B 399 -9.86 16.96 3.17
C SER B 399 -10.30 15.96 4.23
N ASN B 400 -11.62 15.76 4.35
CA ASN B 400 -12.18 14.73 5.21
C ASN B 400 -11.62 13.36 4.80
N LEU B 401 -11.88 12.96 3.56
CA LEU B 401 -11.51 11.64 3.04
C LEU B 401 -10.04 11.32 3.37
N ILE B 402 -9.16 12.31 3.20
CA ILE B 402 -7.73 12.11 3.37
C ILE B 402 -7.43 11.73 4.81
N VAL B 403 -8.13 12.36 5.76
CA VAL B 403 -7.92 12.10 7.17
C VAL B 403 -8.46 10.70 7.49
N LYS B 404 -9.63 10.37 6.96
CA LYS B 404 -10.26 9.07 7.17
C LYS B 404 -9.38 7.96 6.57
N GLN B 405 -8.66 8.29 5.49
CA GLN B 405 -7.70 7.38 4.89
C GLN B 405 -6.55 7.13 5.87
N ILE B 406 -5.94 8.22 6.36
CA ILE B 406 -4.81 8.14 7.28
C ILE B 406 -5.25 7.38 8.54
N GLU B 407 -6.42 7.75 9.08
CA GLU B 407 -6.94 7.09 10.28
C GLU B 407 -6.98 5.58 10.08
N ASN B 408 -7.50 5.14 8.93
CA ASN B 408 -7.77 3.73 8.67
C ASN B 408 -6.47 2.97 8.45
N ARG B 409 -5.48 3.63 7.82
CA ARG B 409 -4.19 3.01 7.57
C ARG B 409 -3.52 2.69 8.91
N TYR B 410 -3.45 3.68 9.79
CA TYR B 410 -2.87 3.51 11.11
C TYR B 410 -3.70 2.49 11.90
N LYS B 411 -5.00 2.39 11.62
CA LYS B 411 -5.82 1.36 12.21
C LYS B 411 -5.24 -0.01 11.85
N ILE B 412 -5.07 -0.27 10.55
CA ILE B 412 -4.57 -1.55 10.06
C ILE B 412 -3.18 -1.82 10.63
N LEU B 413 -2.36 -0.76 10.72
CA LEU B 413 -1.00 -0.86 11.23
C LEU B 413 -1.03 -1.33 12.68
N ASN B 414 -1.70 -0.57 13.54
CA ASN B 414 -1.69 -0.80 14.97
C ASN B 414 -2.40 -2.10 15.32
N ASN B 415 -3.43 -2.45 14.53
CA ASN B 415 -4.23 -3.63 14.78
C ASN B 415 -3.46 -4.89 14.38
N SER B 416 -2.24 -4.70 13.85
CA SER B 416 -1.31 -5.80 13.61
C SER B 416 -0.04 -5.61 14.45
N LEU B 417 0.38 -4.35 14.64
CA LEU B 417 1.63 -4.02 15.30
C LEU B 417 1.50 -4.19 16.82
N ASN B 418 0.49 -3.54 17.40
CA ASN B 418 0.37 -3.43 18.85
C ASN B 418 0.32 -4.81 19.51
N PRO B 419 -0.37 -5.82 18.92
CA PRO B 419 -0.24 -7.20 19.40
C PRO B 419 1.20 -7.66 19.57
N ALA B 420 2.02 -7.44 18.54
CA ALA B 420 3.38 -7.95 18.49
C ALA B 420 4.29 -7.22 19.47
N ILE B 421 4.15 -5.89 19.53
CA ILE B 421 5.03 -5.06 20.33
C ILE B 421 4.78 -5.31 21.83
N SER B 422 3.54 -5.62 22.20
CA SER B 422 3.14 -5.73 23.59
C SER B 422 3.92 -6.85 24.29
N GLU B 423 3.87 -8.05 23.71
CA GLU B 423 4.65 -9.17 24.19
C GLU B 423 6.12 -8.92 23.85
N ASP B 424 6.82 -8.20 24.74
CA ASP B 424 8.12 -7.62 24.43
C ASP B 424 9.12 -8.71 24.08
N ASN B 425 9.85 -8.49 22.98
CA ASN B 425 10.87 -9.42 22.50
C ASN B 425 12.02 -8.61 21.89
N ASP B 426 13.01 -9.32 21.35
CA ASP B 426 14.06 -8.73 20.53
C ASP B 426 13.44 -8.06 19.32
N PHE B 427 14.10 -7.00 18.82
CA PHE B 427 13.66 -6.28 17.64
C PHE B 427 13.29 -7.26 16.52
N ASN B 428 14.22 -8.17 16.21
CA ASN B 428 14.09 -9.04 15.05
C ASN B 428 12.84 -9.91 15.19
N THR B 429 12.65 -10.51 16.38
CA THR B 429 11.55 -11.42 16.62
C THR B 429 10.23 -10.65 16.63
N THR B 430 10.26 -9.37 16.99
CA THR B 430 9.09 -8.50 16.91
C THR B 430 8.72 -8.28 15.46
N THR B 431 9.72 -7.91 14.64
CA THR B 431 9.49 -7.58 13.24
C THR B 431 8.93 -8.80 12.51
N ASN B 432 9.45 -9.99 12.84
CA ASN B 432 9.05 -11.22 12.18
C ASN B 432 7.66 -11.67 12.63
N THR B 433 7.16 -11.11 13.75
CA THR B 433 5.78 -11.31 14.17
C THR B 433 4.89 -10.32 13.41
N PHE B 434 5.25 -9.03 13.52
CA PHE B 434 4.50 -7.93 12.96
C PHE B 434 4.17 -8.18 11.49
N ILE B 435 5.19 -8.61 10.73
CA ILE B 435 5.03 -8.81 9.29
C ILE B 435 4.18 -10.04 9.04
N ASP B 436 4.52 -11.16 9.70
CA ASP B 436 3.78 -12.40 9.54
C ASP B 436 2.28 -12.15 9.66
N SER B 437 1.88 -11.37 10.67
CA SER B 437 0.48 -11.08 10.94
C SER B 437 -0.11 -10.20 9.85
N ILE B 438 0.69 -9.26 9.31
CA ILE B 438 0.24 -8.41 8.22
C ILE B 438 -0.10 -9.27 7.01
N MET B 439 0.79 -10.21 6.66
CA MET B 439 0.64 -11.03 5.47
C MET B 439 -0.57 -11.97 5.59
N ALA B 440 -0.97 -12.28 6.82
CA ALA B 440 -2.17 -13.07 7.06
C ALA B 440 -3.41 -12.26 6.73
N GLU B 441 -3.41 -10.98 7.14
CA GLU B 441 -4.59 -10.12 7.03
C GLU B 441 -4.46 -9.22 5.80
N ALA B 442 -3.92 -9.78 4.70
CA ALA B 442 -3.57 -9.01 3.52
C ALA B 442 -4.17 -9.66 2.27
N ASN B 443 -5.15 -8.98 1.66
CA ASN B 443 -5.81 -9.48 0.47
C ASN B 443 -5.10 -8.92 -0.77
N ALA B 444 -5.69 -9.11 -1.94
CA ALA B 444 -5.08 -8.75 -3.21
C ALA B 444 -5.31 -7.28 -3.56
N ASP B 445 -6.05 -6.57 -2.70
CA ASP B 445 -6.21 -5.13 -2.84
C ASP B 445 -5.08 -4.43 -2.07
N ASN B 446 -5.03 -4.65 -0.76
CA ASN B 446 -4.11 -3.94 0.10
C ASN B 446 -2.69 -4.51 0.01
N GLY B 447 -2.49 -5.50 -0.86
CA GLY B 447 -1.20 -6.18 -0.99
C GLY B 447 -0.05 -5.21 -1.20
N ARG B 448 -0.18 -4.33 -2.20
CA ARG B 448 0.89 -3.43 -2.60
C ARG B 448 1.18 -2.42 -1.48
N PHE B 449 0.14 -2.06 -0.71
CA PHE B 449 0.29 -1.18 0.43
C PHE B 449 0.98 -1.93 1.57
N MET B 450 0.45 -3.10 1.90
CA MET B 450 0.89 -3.88 3.05
C MET B 450 2.39 -4.14 3.00
N MET B 451 2.93 -4.41 1.81
CA MET B 451 4.35 -4.63 1.64
C MET B 451 5.11 -3.53 2.38
N GLU B 452 4.82 -2.28 2.03
CA GLU B 452 5.55 -1.14 2.55
C GLU B 452 5.30 -0.99 4.06
N LEU B 453 4.09 -1.35 4.51
CA LEU B 453 3.72 -1.17 5.91
C LEU B 453 4.60 -2.03 6.81
N GLY B 454 5.06 -3.19 6.31
CA GLY B 454 5.85 -4.13 7.10
C GLY B 454 7.20 -3.58 7.52
N LYS B 455 7.64 -2.48 6.89
CA LYS B 455 8.94 -1.88 7.19
C LYS B 455 8.79 -0.74 8.19
N TYR B 456 7.65 -0.70 8.91
CA TYR B 456 7.26 0.48 9.67
C TYR B 456 8.24 0.72 10.82
N LEU B 457 8.78 -0.36 11.40
CA LEU B 457 9.71 -0.24 12.51
C LEU B 457 11.02 0.40 12.03
N ARG B 458 11.37 0.15 10.76
CA ARG B 458 12.67 0.53 10.23
C ARG B 458 12.68 1.98 9.73
N VAL B 459 11.54 2.68 9.81
CA VAL B 459 11.44 4.02 9.26
C VAL B 459 12.43 4.93 9.98
N GLY B 460 13.43 5.43 9.23
CA GLY B 460 14.33 6.45 9.71
C GLY B 460 15.70 5.90 10.12
N PHE B 461 15.84 4.58 10.16
CA PHE B 461 17.09 3.95 10.58
C PHE B 461 17.52 2.88 9.58
N PHE B 462 17.04 3.00 8.34
CA PHE B 462 17.31 2.02 7.29
C PHE B 462 17.21 2.71 5.93
N PRO B 463 17.88 2.19 4.89
CA PRO B 463 17.68 2.69 3.53
C PRO B 463 16.45 2.08 2.88
N ASP B 464 15.82 2.86 1.97
CA ASP B 464 14.74 2.37 1.12
C ASP B 464 13.57 1.91 1.99
N VAL B 465 12.92 2.88 2.65
CA VAL B 465 11.76 2.64 3.48
C VAL B 465 10.70 3.69 3.17
N LYS B 466 9.67 3.27 2.42
CA LYS B 466 8.65 4.18 1.91
C LYS B 466 7.37 4.04 2.72
N THR B 467 7.47 3.48 3.93
CA THR B 467 6.29 3.18 4.73
C THR B 467 5.53 4.47 5.03
N THR B 468 6.28 5.47 5.52
CA THR B 468 5.71 6.72 5.96
C THR B 468 4.91 7.39 4.83
N ILE B 469 5.31 7.13 3.57
CA ILE B 469 4.61 7.67 2.41
C ILE B 469 3.25 6.98 2.24
N ASN B 470 3.16 5.72 2.64
CA ASN B 470 1.94 4.94 2.47
C ASN B 470 1.00 5.10 3.67
N LEU B 471 1.45 5.83 4.70
CA LEU B 471 0.63 6.07 5.89
C LEU B 471 0.05 7.48 5.84
N SER B 472 0.91 8.48 6.05
CA SER B 472 0.49 9.86 6.22
C SER B 472 0.80 10.69 4.98
N GLY B 473 1.47 10.07 4.00
CA GLY B 473 2.04 10.78 2.86
C GLY B 473 1.22 10.59 1.58
N PRO B 474 1.77 10.99 0.41
CA PRO B 474 1.05 10.98 -0.87
C PRO B 474 0.00 9.90 -1.13
N GLU B 475 0.40 8.63 -0.97
CA GLU B 475 -0.48 7.49 -1.26
C GLU B 475 -1.89 7.76 -0.72
N ALA B 476 -1.96 8.17 0.55
CA ALA B 476 -3.22 8.44 1.21
C ALA B 476 -4.04 9.47 0.42
N TYR B 477 -3.37 10.54 -0.02
CA TYR B 477 -4.02 11.59 -0.79
C TYR B 477 -4.51 11.03 -2.11
N ALA B 478 -3.71 10.13 -2.72
CA ALA B 478 -4.09 9.46 -3.94
C ALA B 478 -5.34 8.61 -3.69
N ALA B 479 -5.31 7.84 -2.59
CA ALA B 479 -6.44 7.00 -2.22
C ALA B 479 -7.71 7.84 -2.11
N ALA B 480 -7.60 8.97 -1.39
CA ALA B 480 -8.74 9.85 -1.15
C ALA B 480 -9.37 10.30 -2.46
N TYR B 481 -8.53 10.55 -3.48
CA TYR B 481 -9.01 10.93 -4.80
C TYR B 481 -9.72 9.73 -5.42
N GLN B 482 -9.14 8.53 -5.25
CA GLN B 482 -9.76 7.31 -5.74
C GLN B 482 -11.10 7.10 -5.03
N ASP B 483 -11.13 7.30 -3.71
CA ASP B 483 -12.36 7.27 -2.95
C ASP B 483 -13.40 8.18 -3.58
N LEU B 484 -12.96 9.39 -3.99
CA LEU B 484 -13.85 10.36 -4.59
C LEU B 484 -14.43 9.83 -5.89
N LEU B 485 -13.54 9.48 -6.82
CA LEU B 485 -13.92 9.21 -8.20
C LEU B 485 -14.55 7.82 -8.34
N MET B 486 -14.19 6.90 -7.46
CA MET B 486 -14.79 5.56 -7.46
C MET B 486 -16.05 5.54 -6.58
N PHE B 487 -16.43 6.71 -6.04
CA PHE B 487 -17.62 6.85 -5.22
C PHE B 487 -17.59 5.80 -4.10
N LYS B 488 -16.42 5.65 -3.48
CA LYS B 488 -16.26 4.67 -2.40
C LYS B 488 -15.52 5.35 -1.25
N GLU B 489 -15.13 4.55 -0.26
CA GLU B 489 -14.39 5.06 0.88
C GLU B 489 -13.57 3.92 1.47
N GLY B 490 -12.25 4.15 1.59
CA GLY B 490 -11.33 3.14 2.08
C GLY B 490 -10.75 2.29 0.96
N SER B 491 -10.47 2.91 -0.19
CA SER B 491 -9.61 2.30 -1.20
C SER B 491 -8.18 2.36 -0.71
N MET B 492 -7.44 1.25 -0.86
CA MET B 492 -6.08 1.15 -0.35
C MET B 492 -5.09 0.99 -1.51
N ASN B 493 -5.43 0.14 -2.48
CA ASN B 493 -4.64 0.02 -3.69
C ASN B 493 -5.08 1.11 -4.67
N ILE B 494 -4.09 1.81 -5.26
CA ILE B 494 -4.37 2.91 -6.16
C ILE B 494 -4.23 2.44 -7.60
N HIS B 495 -5.24 2.76 -8.42
CA HIS B 495 -5.23 2.43 -9.84
C HIS B 495 -5.42 3.69 -10.68
N LEU B 496 -5.22 4.86 -10.06
CA LEU B 496 -5.34 6.13 -10.75
C LEU B 496 -4.03 6.41 -11.48
N ILE B 497 -4.15 6.87 -12.74
CA ILE B 497 -2.99 7.20 -13.55
C ILE B 497 -2.70 8.70 -13.37
N GLU B 498 -1.44 9.09 -13.59
CA GLU B 498 -0.98 10.46 -13.40
C GLU B 498 -2.01 11.46 -13.94
N ALA B 499 -2.50 11.20 -15.16
CA ALA B 499 -3.43 12.10 -15.85
C ALA B 499 -4.66 12.37 -14.98
N ASP B 500 -5.13 11.34 -14.27
CA ASP B 500 -6.34 11.45 -13.45
C ASP B 500 -6.06 12.33 -12.23
N LEU B 501 -4.83 12.26 -11.69
CA LEU B 501 -4.47 13.01 -10.50
C LEU B 501 -4.27 14.48 -10.82
N ARG B 502 -3.94 14.80 -12.09
CA ARG B 502 -3.72 16.17 -12.51
C ARG B 502 -4.94 17.04 -12.22
N ASN B 503 -6.11 16.40 -12.12
CA ASN B 503 -7.36 17.10 -11.84
C ASN B 503 -7.30 17.82 -10.49
N PHE B 504 -6.31 17.47 -9.65
CA PHE B 504 -6.17 18.08 -8.34
C PHE B 504 -4.80 18.71 -8.17
N GLU B 505 -4.23 19.26 -9.26
CA GLU B 505 -2.90 19.84 -9.20
C GLU B 505 -3.02 21.32 -8.86
N ILE B 506 -2.22 21.76 -7.85
CA ILE B 506 -2.04 23.17 -7.58
C ILE B 506 -1.18 23.77 -8.70
N SER B 507 -1.71 24.80 -9.37
CA SER B 507 -1.03 25.39 -10.51
C SER B 507 0.43 25.67 -10.16
N LYS B 508 1.31 25.35 -11.12
CA LYS B 508 2.74 25.29 -10.89
C LYS B 508 3.31 26.66 -10.52
N THR B 509 2.62 27.73 -10.95
CA THR B 509 3.10 29.09 -10.83
C THR B 509 2.99 29.60 -9.40
N ASN B 510 2.18 28.93 -8.56
CA ASN B 510 1.96 29.38 -7.20
C ASN B 510 3.14 29.01 -6.30
N ILE B 511 3.77 27.86 -6.57
CA ILE B 511 4.83 27.34 -5.70
C ILE B 511 6.11 27.21 -6.51
N SER B 512 7.18 27.86 -6.04
CA SER B 512 8.54 27.59 -6.50
C SER B 512 9.11 26.44 -5.68
N GLN B 513 9.09 25.23 -6.26
CA GLN B 513 9.42 24.01 -5.54
C GLN B 513 10.92 23.78 -5.53
N SER B 514 11.63 24.31 -6.53
CA SER B 514 13.01 23.93 -6.80
C SER B 514 13.97 24.72 -5.92
N THR B 515 13.77 24.64 -4.60
CA THR B 515 14.54 25.42 -3.64
C THR B 515 15.83 24.68 -3.29
N GLU B 516 16.69 25.34 -2.50
CA GLU B 516 17.93 24.73 -2.03
C GLU B 516 17.59 23.61 -1.06
N GLN B 517 16.80 23.93 -0.03
CA GLN B 517 16.55 23.01 1.06
C GLN B 517 15.75 21.80 0.61
N GLU B 518 15.02 21.93 -0.52
CA GLU B 518 14.27 20.81 -1.06
C GLU B 518 15.22 19.81 -1.74
N MET B 519 16.31 20.31 -2.32
CA MET B 519 17.34 19.43 -2.86
C MET B 519 18.12 18.79 -1.72
N ALA B 520 18.11 19.44 -0.55
CA ALA B 520 18.64 18.86 0.68
C ALA B 520 17.66 17.85 1.29
N SER B 521 16.35 18.07 1.08
CA SER B 521 15.31 17.13 1.48
C SER B 521 15.27 15.91 0.57
N LEU B 522 15.73 16.09 -0.68
CA LEU B 522 15.61 15.10 -1.73
C LEU B 522 16.85 14.20 -1.77
N TRP B 523 17.74 14.34 -0.77
CA TRP B 523 18.93 13.52 -0.64
C TRP B 523 18.62 12.05 -0.98
N SER B 524 17.49 11.53 -0.48
CA SER B 524 17.00 10.19 -0.77
C SER B 524 17.96 9.13 -0.23
N PHE B 525 17.53 8.41 0.81
CA PHE B 525 18.36 7.43 1.49
C PHE B 525 18.54 6.22 0.58
N ASP B 526 19.45 6.34 -0.40
CA ASP B 526 19.76 5.27 -1.33
C ASP B 526 20.66 4.26 -0.62
N ASP B 527 20.58 2.99 -1.02
CA ASP B 527 21.37 1.93 -0.39
C ASP B 527 22.86 2.26 -0.49
N ALA B 528 23.25 2.91 -1.58
CA ALA B 528 24.64 3.27 -1.83
C ALA B 528 25.10 4.38 -0.90
N ARG B 529 24.28 5.43 -0.76
CA ARG B 529 24.58 6.55 0.13
C ARG B 529 24.81 6.03 1.55
N ALA B 530 24.06 4.98 1.91
CA ALA B 530 24.18 4.34 3.22
C ALA B 530 25.60 3.81 3.42
N LYS B 531 26.14 3.11 2.41
CA LYS B 531 27.45 2.49 2.49
C LYS B 531 28.51 3.53 2.84
N ALA B 532 28.50 4.67 2.14
CA ALA B 532 29.48 5.71 2.35
C ALA B 532 29.37 6.29 3.76
N GLN B 533 28.15 6.30 4.32
CA GLN B 533 27.93 6.77 5.67
C GLN B 533 28.54 5.80 6.69
N PHE B 534 28.44 4.50 6.40
CA PHE B 534 29.05 3.47 7.23
C PHE B 534 30.56 3.66 7.24
N GLU B 535 31.14 3.88 6.06
CA GLU B 535 32.57 4.13 5.92
C GLU B 535 32.96 5.40 6.68
N GLU B 536 32.08 6.41 6.66
CA GLU B 536 32.31 7.67 7.33
C GLU B 536 32.27 7.47 8.84
N TYR B 537 31.29 6.71 9.33
CA TYR B 537 31.18 6.41 10.76
C TYR B 537 32.41 5.61 11.20
N LYS B 538 32.88 4.71 10.32
CA LYS B 538 33.99 3.83 10.62
C LYS B 538 35.29 4.63 10.64
N ARG B 539 35.34 5.74 9.89
CA ARG B 539 36.45 6.66 9.92
C ARG B 539 36.53 7.36 11.28
N ASN B 540 35.37 7.75 11.83
CA ASN B 540 35.30 8.63 12.98
C ASN B 540 36.02 8.03 14.19
N TYR B 541 35.59 6.84 14.62
CA TYR B 541 36.07 6.26 15.87
C TYR B 541 37.55 5.92 15.74
N PHE B 542 38.01 5.60 14.51
CA PHE B 542 39.43 5.43 14.25
C PHE B 542 39.93 6.63 13.42
N GLY C 1 -29.61 12.74 36.77
CA GLY C 1 -28.46 12.11 36.08
C GLY C 1 -28.04 10.82 36.80
N SER C 2 -28.82 9.75 36.60
CA SER C 2 -28.58 8.47 37.21
C SER C 2 -27.33 7.83 36.60
N GLY C 3 -26.42 7.35 37.45
CA GLY C 3 -25.19 6.71 37.00
C GLY C 3 -25.47 5.30 36.48
N GLY C 4 -26.43 4.61 37.11
CA GLY C 4 -26.78 3.25 36.75
C GLY C 4 -25.75 2.24 37.28
N SER C 5 -25.92 0.97 36.88
CA SER C 5 -25.07 -0.12 37.35
C SER C 5 -23.70 -0.05 36.67
N LEU C 6 -23.63 0.60 35.51
CA LEU C 6 -22.42 0.60 34.71
C LEU C 6 -21.29 1.22 35.51
N VAL C 7 -20.12 0.58 35.45
CA VAL C 7 -18.99 0.90 36.30
C VAL C 7 -18.32 2.18 35.80
N ASN C 8 -17.64 2.87 36.72
CA ASN C 8 -16.88 4.07 36.42
C ASN C 8 -15.48 3.67 35.97
N ARG C 9 -14.82 4.54 35.20
CA ARG C 9 -13.49 4.29 34.69
C ARG C 9 -12.65 3.56 35.74
N LYS C 10 -12.53 4.15 36.93
CA LYS C 10 -11.60 3.68 37.94
C LYS C 10 -12.01 2.27 38.40
N GLN C 11 -13.31 1.98 38.37
CA GLN C 11 -13.82 0.67 38.74
C GLN C 11 -13.35 -0.36 37.71
N LEU C 12 -13.53 -0.04 36.42
CA LEU C 12 -13.16 -0.94 35.35
C LEU C 12 -11.65 -1.16 35.36
N GLU C 13 -10.88 -0.10 35.64
CA GLU C 13 -9.44 -0.22 35.81
C GLU C 13 -9.16 -1.28 36.87
N LYS C 14 -9.90 -1.23 38.00
CA LYS C 14 -9.72 -2.16 39.09
C LYS C 14 -10.18 -3.57 38.69
N MET C 15 -11.17 -3.66 37.79
CA MET C 15 -11.69 -4.93 37.33
C MET C 15 -10.62 -5.71 36.57
N ALA C 16 -9.80 -5.01 35.78
CA ALA C 16 -8.86 -5.64 34.86
C ALA C 16 -7.43 -5.56 35.40
N ASN C 17 -6.97 -4.33 35.68
CA ASN C 17 -5.59 -4.05 36.05
C ASN C 17 -4.86 -5.31 36.50
N VAL C 18 -4.16 -5.96 35.56
CA VAL C 18 -3.26 -7.06 35.86
C VAL C 18 -1.92 -6.46 36.30
N ARG C 19 -1.24 -7.13 37.24
CA ARG C 19 -0.06 -6.58 37.87
C ARG C 19 1.12 -6.62 36.90
N PHE C 20 1.90 -5.53 36.89
CA PHE C 20 3.05 -5.36 36.02
C PHE C 20 2.63 -5.57 34.57
N ARG C 21 1.84 -4.60 34.07
CA ARG C 21 1.48 -4.50 32.66
C ARG C 21 0.92 -3.10 32.42
N THR C 22 1.43 -2.42 31.39
CA THR C 22 1.02 -1.06 31.08
C THR C 22 -0.28 -1.10 30.27
N GLN C 23 -0.89 0.08 30.09
CA GLN C 23 -2.13 0.23 29.37
C GLN C 23 -1.83 0.57 27.91
N GLU C 24 -2.54 -0.09 26.99
CA GLU C 24 -2.26 0.00 25.56
C GLU C 24 -2.99 1.21 24.98
N ASP C 25 -2.64 1.57 23.73
CA ASP C 25 -3.36 2.58 22.98
C ASP C 25 -4.82 2.14 22.83
N GLU C 26 -5.07 0.82 22.79
CA GLU C 26 -6.38 0.27 22.50
C GLU C 26 -7.20 -0.04 23.75
N TYR C 27 -6.55 -0.14 24.91
CA TYR C 27 -7.25 -0.41 26.17
C TYR C 27 -7.77 0.89 26.76
N VAL C 28 -6.92 1.92 26.74
CA VAL C 28 -7.27 3.23 27.25
C VAL C 28 -8.47 3.76 26.45
N ALA C 29 -8.61 3.29 25.21
CA ALA C 29 -9.72 3.64 24.34
C ALA C 29 -11.06 3.47 25.06
N ILE C 30 -11.20 2.36 25.80
CA ILE C 30 -12.43 2.06 26.51
C ILE C 30 -12.57 3.04 27.68
N LEU C 31 -11.48 3.25 28.40
CA LEU C 31 -11.48 4.02 29.64
C LEU C 31 -11.86 5.48 29.34
N ASP C 32 -11.25 6.07 28.32
CA ASP C 32 -11.51 7.45 27.95
C ASP C 32 -12.95 7.61 27.48
N ALA C 33 -13.50 6.55 26.86
CA ALA C 33 -14.85 6.58 26.33
C ALA C 33 -15.89 6.32 27.43
N LEU C 34 -15.54 5.42 28.37
CA LEU C 34 -16.42 5.08 29.49
C LEU C 34 -16.55 6.28 30.42
N GLU C 35 -15.42 6.98 30.64
CA GLU C 35 -15.40 8.18 31.46
C GLU C 35 -16.35 9.21 30.86
N GLU C 36 -16.29 9.37 29.53
CA GLU C 36 -17.14 10.32 28.82
C GLU C 36 -18.62 9.99 29.07
N TYR C 37 -18.96 8.70 28.98
CA TYR C 37 -20.35 8.26 29.07
C TYR C 37 -21.00 8.76 30.36
N HIS C 38 -20.26 8.67 31.47
CA HIS C 38 -20.79 8.99 32.78
C HIS C 38 -21.03 10.49 32.96
N ASN C 39 -20.51 11.30 32.02
CA ASN C 39 -20.63 12.75 32.09
C ASN C 39 -21.72 13.25 31.13
N MET C 40 -22.62 12.35 30.69
CA MET C 40 -23.64 12.68 29.71
C MET C 40 -25.02 12.73 30.37
N SER C 41 -25.14 13.48 31.46
CA SER C 41 -26.38 13.58 32.22
C SER C 41 -27.44 14.31 31.39
N GLU C 42 -27.02 15.39 30.72
CA GLU C 42 -27.93 16.29 30.03
C GLU C 42 -28.38 15.69 28.70
N ASN C 43 -27.64 14.69 28.19
CA ASN C 43 -27.86 14.15 26.86
C ASN C 43 -29.05 13.19 26.86
N THR C 44 -29.54 12.87 25.66
CA THR C 44 -30.72 12.06 25.46
C THR C 44 -30.38 10.59 25.75
N VAL C 45 -31.41 9.81 26.08
CA VAL C 45 -31.25 8.38 26.36
C VAL C 45 -30.72 7.67 25.13
N VAL C 46 -31.15 8.10 23.94
CA VAL C 46 -30.73 7.50 22.67
C VAL C 46 -29.24 7.80 22.45
N GLU C 47 -28.79 9.00 22.83
CA GLU C 47 -27.41 9.40 22.68
C GLU C 47 -26.54 8.61 23.65
N LYS C 48 -27.09 8.29 24.83
CA LYS C 48 -26.41 7.46 25.81
C LYS C 48 -26.20 6.05 25.24
N TYR C 49 -27.21 5.55 24.51
CA TYR C 49 -27.15 4.20 23.95
C TYR C 49 -26.03 4.11 22.91
N LEU C 50 -25.96 5.11 22.02
CA LEU C 50 -24.96 5.11 20.96
C LEU C 50 -23.56 5.17 21.56
N LYS C 51 -23.42 5.78 22.74
CA LYS C 51 -22.12 5.84 23.41
C LYS C 51 -21.78 4.46 23.98
N LEU C 52 -22.79 3.73 24.46
CA LEU C 52 -22.60 2.35 24.89
C LEU C 52 -22.24 1.50 23.67
N LYS C 53 -22.96 1.71 22.56
CA LYS C 53 -22.71 1.01 21.31
C LYS C 53 -21.22 1.08 20.98
N ASP C 54 -20.66 2.30 21.03
CA ASP C 54 -19.27 2.53 20.70
C ASP C 54 -18.36 1.90 21.74
N ILE C 55 -18.77 1.97 23.01
CA ILE C 55 -18.01 1.34 24.08
C ILE C 55 -17.95 -0.16 23.86
N ASN C 56 -19.11 -0.78 23.62
CA ASN C 56 -19.20 -2.21 23.42
C ASN C 56 -18.25 -2.63 22.30
N SER C 57 -18.25 -1.84 21.22
CA SER C 57 -17.44 -2.13 20.05
C SER C 57 -15.95 -1.97 20.38
N LEU C 58 -15.61 -0.96 21.19
CA LEU C 58 -14.23 -0.69 21.56
C LEU C 58 -13.66 -1.83 22.38
N THR C 59 -14.47 -2.42 23.26
CA THR C 59 -14.02 -3.47 24.16
C THR C 59 -13.75 -4.75 23.38
N ASP C 60 -14.61 -5.07 22.40
CA ASP C 60 -14.48 -6.31 21.66
C ASP C 60 -13.34 -6.21 20.63
N ILE C 61 -12.84 -5.00 20.38
CA ILE C 61 -11.60 -4.82 19.64
C ILE C 61 -10.42 -5.17 20.56
N CYS C 62 -10.47 -4.64 21.79
CA CYS C 62 -9.38 -4.78 22.74
C CYS C 62 -9.16 -6.24 23.13
N ILE C 63 -10.23 -7.04 23.11
CA ILE C 63 -10.13 -8.46 23.43
C ILE C 63 -9.69 -9.25 22.20
N ASP C 64 -10.03 -8.74 21.00
CA ASP C 64 -9.70 -9.42 19.76
C ASP C 64 -8.28 -9.07 19.33
N THR C 65 -7.83 -7.85 19.65
CA THR C 65 -6.49 -7.40 19.32
C THR C 65 -5.46 -8.29 20.03
N TYR C 66 -5.58 -8.37 21.36
CA TYR C 66 -4.72 -9.21 22.17
C TYR C 66 -5.57 -10.33 22.76
N LYS C 67 -5.38 -11.57 22.26
CA LYS C 67 -6.15 -12.71 22.73
C LYS C 67 -5.42 -13.41 23.88
N LYS C 68 -4.19 -12.98 24.16
CA LYS C 68 -3.44 -13.43 25.33
C LYS C 68 -3.93 -12.68 26.57
N SER C 69 -4.04 -11.35 26.44
CA SER C 69 -4.39 -10.45 27.53
C SER C 69 -5.27 -11.16 28.57
N GLY C 70 -4.79 -11.20 29.81
CA GLY C 70 -5.54 -11.75 30.93
C GLY C 70 -6.76 -10.90 31.26
N ARG C 71 -6.72 -9.62 30.84
CA ARG C 71 -7.84 -8.70 31.01
C ARG C 71 -9.12 -9.30 30.44
N ASN C 72 -9.02 -9.93 29.26
CA ASN C 72 -10.15 -10.39 28.48
C ASN C 72 -11.32 -10.84 29.36
N LYS C 73 -11.05 -11.82 30.25
CA LYS C 73 -12.09 -12.44 31.05
C LYS C 73 -12.88 -11.39 31.83
N ALA C 74 -12.20 -10.33 32.26
CA ALA C 74 -12.84 -9.21 32.95
C ALA C 74 -13.63 -8.35 31.97
N LEU C 75 -13.04 -8.09 30.79
CA LEU C 75 -13.68 -7.30 29.75
C LEU C 75 -14.85 -8.07 29.12
N LYS C 76 -14.76 -9.41 29.13
CA LYS C 76 -15.87 -10.27 28.73
C LYS C 76 -17.05 -10.02 29.67
N LYS C 77 -16.74 -9.78 30.94
CA LYS C 77 -17.76 -9.52 31.95
C LYS C 77 -18.28 -8.09 31.81
N PHE C 78 -17.40 -7.16 31.41
CA PHE C 78 -17.77 -5.76 31.23
C PHE C 78 -18.84 -5.63 30.14
N LYS C 79 -18.81 -6.53 29.16
CA LYS C 79 -19.80 -6.52 28.08
C LYS C 79 -21.19 -6.79 28.66
N GLU C 80 -21.27 -7.68 29.66
CA GLU C 80 -22.54 -8.05 30.27
C GLU C 80 -23.18 -6.81 30.91
N TYR C 81 -22.37 -6.00 31.61
CA TYR C 81 -22.87 -4.82 32.30
C TYR C 81 -23.50 -3.86 31.31
N LEU C 82 -22.86 -3.72 30.13
CA LEU C 82 -23.33 -2.79 29.11
C LEU C 82 -24.76 -3.14 28.70
N VAL C 83 -25.06 -4.44 28.57
CA VAL C 83 -26.38 -4.91 28.22
C VAL C 83 -27.36 -4.47 29.30
N THR C 84 -27.04 -4.82 30.56
CA THR C 84 -27.86 -4.48 31.70
C THR C 84 -28.09 -2.98 31.75
N GLU C 85 -27.04 -2.20 31.48
CA GLU C 85 -27.12 -0.74 31.49
C GLU C 85 -28.08 -0.26 30.40
N VAL C 86 -28.08 -0.94 29.24
CA VAL C 86 -29.02 -0.62 28.18
C VAL C 86 -30.45 -0.88 28.66
N LEU C 87 -30.64 -2.00 29.38
CA LEU C 87 -31.94 -2.36 29.91
C LEU C 87 -32.35 -1.36 31.00
N GLU C 88 -31.38 -0.93 31.81
CA GLU C 88 -31.65 0.04 32.85
C GLU C 88 -32.01 1.39 32.23
N LEU C 89 -31.36 1.75 31.12
CA LEU C 89 -31.71 2.96 30.39
C LEU C 89 -33.14 2.86 29.90
N LYS C 90 -33.49 1.70 29.32
CA LYS C 90 -34.82 1.47 28.77
C LYS C 90 -35.87 1.71 29.84
N ASN C 91 -35.78 0.98 30.95
CA ASN C 91 -36.84 0.94 31.95
C ASN C 91 -36.95 2.28 32.69
N ASN C 92 -35.80 2.86 33.07
CA ASN C 92 -35.79 3.95 34.02
C ASN C 92 -36.26 5.26 33.38
N ASN C 93 -35.77 5.56 32.16
CA ASN C 93 -36.02 6.84 31.52
C ASN C 93 -37.12 6.69 30.47
N LEU C 94 -38.36 6.99 30.86
CA LEU C 94 -39.53 6.75 30.03
C LEU C 94 -40.08 8.07 29.48
N THR C 95 -40.88 7.95 28.41
CA THR C 95 -41.47 9.08 27.71
C THR C 95 -42.95 8.75 27.44
N PRO C 96 -43.87 9.75 27.51
CA PRO C 96 -45.26 9.51 27.14
C PRO C 96 -45.43 9.19 25.66
N VAL C 97 -46.24 8.16 25.37
CA VAL C 97 -46.46 7.71 24.00
C VAL C 97 -47.63 8.49 23.43
N GLU C 98 -47.62 8.68 22.10
CA GLU C 98 -48.68 9.38 21.40
C GLU C 98 -49.93 8.52 21.42
N LYS C 99 -51.07 9.11 21.80
CA LYS C 99 -52.32 8.37 21.95
C LYS C 99 -52.95 8.14 20.58
N ASN C 100 -52.44 7.14 19.86
CA ASN C 100 -52.93 6.80 18.53
C ASN C 100 -53.07 5.29 18.41
N LEU C 101 -54.31 4.78 18.46
CA LEU C 101 -54.60 3.41 18.07
C LEU C 101 -54.52 3.32 16.56
N HIS C 102 -53.72 2.37 16.05
CA HIS C 102 -53.62 2.11 14.62
C HIS C 102 -54.23 0.75 14.32
N PHE C 103 -55.03 0.70 13.24
CA PHE C 103 -55.50 -0.54 12.64
C PHE C 103 -55.19 -0.47 11.15
N VAL C 104 -55.17 -1.64 10.50
CA VAL C 104 -54.88 -1.72 9.08
C VAL C 104 -55.80 -2.78 8.46
N TRP C 105 -56.35 -2.46 7.29
CA TRP C 105 -57.05 -3.41 6.45
C TRP C 105 -56.99 -2.93 5.00
N ILE C 106 -56.26 -3.68 4.17
CA ILE C 106 -56.04 -3.32 2.78
C ILE C 106 -56.26 -4.55 1.90
N GLY C 107 -56.57 -4.32 0.62
CA GLY C 107 -56.70 -5.39 -0.36
C GLY C 107 -58.15 -5.59 -0.80
N GLY C 108 -59.09 -5.38 0.14
CA GLY C 108 -60.52 -5.54 -0.15
C GLY C 108 -61.36 -4.66 0.77
N GLN C 109 -62.68 -4.88 0.73
CA GLN C 109 -63.62 -4.16 1.57
C GLN C 109 -63.41 -4.59 3.02
N ILE C 110 -63.53 -3.63 3.94
CA ILE C 110 -63.41 -3.91 5.36
C ILE C 110 -64.65 -4.67 5.81
N ASN C 111 -64.42 -5.75 6.59
CA ASN C 111 -65.48 -6.62 7.08
C ASN C 111 -66.12 -5.97 8.31
N ASP C 112 -67.39 -6.28 8.53
CA ASP C 112 -68.16 -5.67 9.61
C ASP C 112 -67.72 -6.20 10.97
N THR C 113 -67.38 -7.50 11.03
CA THR C 113 -66.94 -8.12 12.27
C THR C 113 -65.63 -7.47 12.72
N ALA C 114 -64.82 -7.03 11.75
CA ALA C 114 -63.60 -6.31 12.02
C ALA C 114 -63.91 -4.95 12.64
N ILE C 115 -64.89 -4.24 12.05
CA ILE C 115 -65.28 -2.90 12.48
C ILE C 115 -65.85 -2.96 13.90
N ASN C 116 -66.63 -4.01 14.18
CA ASN C 116 -67.22 -4.19 15.50
C ASN C 116 -66.11 -4.31 16.55
N TYR C 117 -65.04 -5.04 16.22
CA TYR C 117 -63.91 -5.20 17.12
C TYR C 117 -63.24 -3.85 17.35
N ILE C 118 -63.07 -3.07 16.27
CA ILE C 118 -62.43 -1.77 16.35
C ILE C 118 -63.23 -0.86 17.28
N ASN C 119 -64.56 -0.81 17.07
CA ASN C 119 -65.41 0.12 17.80
C ASN C 119 -65.28 -0.11 19.31
N GLN C 120 -65.08 -1.38 19.73
CA GLN C 120 -64.92 -1.70 21.14
C GLN C 120 -63.81 -0.84 21.74
N TRP C 121 -62.65 -0.82 21.07
CA TRP C 121 -61.55 0.03 21.47
C TRP C 121 -61.99 1.50 21.47
N LYS C 122 -62.57 1.91 20.33
CA LYS C 122 -62.89 3.31 20.06
C LYS C 122 -63.81 3.87 21.15
N ASP C 123 -64.74 3.02 21.63
CA ASP C 123 -65.73 3.44 22.63
C ASP C 123 -65.03 3.76 23.95
N VAL C 124 -64.31 2.77 24.51
CA VAL C 124 -63.76 2.89 25.85
C VAL C 124 -62.60 3.89 25.87
N ASN C 125 -61.91 4.02 24.73
CA ASN C 125 -60.79 4.95 24.60
C ASN C 125 -61.23 6.14 23.75
N SER C 126 -61.78 7.16 24.42
CA SER C 126 -62.28 8.35 23.75
C SER C 126 -61.14 9.31 23.43
N ASP C 127 -60.08 9.28 24.25
CA ASP C 127 -58.97 10.22 24.14
C ASP C 127 -58.07 9.84 22.96
N TYR C 128 -57.96 8.55 22.66
CA TYR C 128 -57.07 8.08 21.60
C TYR C 128 -57.66 8.43 20.23
N ASN C 129 -56.78 8.96 19.35
CA ASN C 129 -57.13 9.18 17.95
C ASN C 129 -56.90 7.89 17.19
N VAL C 130 -57.99 7.20 16.84
CA VAL C 130 -57.92 5.95 16.10
C VAL C 130 -57.70 6.25 14.62
N ASN C 131 -56.92 5.39 13.96
CA ASN C 131 -56.67 5.50 12.52
C ASN C 131 -56.67 4.10 11.91
N VAL C 132 -57.78 3.74 11.29
CA VAL C 132 -57.89 2.49 10.55
C VAL C 132 -57.38 2.73 9.13
N PHE C 133 -56.15 2.25 8.85
CA PHE C 133 -55.52 2.48 7.56
C PHE C 133 -56.24 1.70 6.47
N TYR C 134 -56.22 2.25 5.25
CA TYR C 134 -56.73 1.56 4.07
C TYR C 134 -55.92 2.02 2.86
N ASP C 135 -56.26 1.48 1.69
CA ASP C 135 -55.60 1.86 0.46
C ASP C 135 -56.67 2.04 -0.62
N SER C 136 -56.82 3.28 -1.10
CA SER C 136 -57.80 3.60 -2.13
C SER C 136 -57.43 2.94 -3.45
N ASN C 137 -56.12 2.91 -3.75
CA ASN C 137 -55.63 2.37 -5.01
C ASN C 137 -55.89 0.87 -5.10
N ALA C 138 -55.91 0.18 -3.95
CA ALA C 138 -56.04 -1.26 -3.93
C ALA C 138 -57.21 -1.70 -3.05
N PHE C 139 -58.40 -1.79 -3.65
CA PHE C 139 -59.55 -2.42 -3.04
C PHE C 139 -59.83 -3.77 -3.70
N LEU C 140 -59.16 -4.04 -4.84
CA LEU C 140 -59.50 -5.18 -5.68
C LEU C 140 -58.35 -6.19 -5.73
N ILE C 141 -57.36 -6.05 -4.84
CA ILE C 141 -56.27 -7.01 -4.79
C ILE C 141 -56.82 -8.35 -4.31
N ASN C 142 -57.67 -8.31 -3.28
CA ASN C 142 -58.18 -9.52 -2.65
C ASN C 142 -59.07 -10.29 -3.62
N THR C 143 -59.89 -9.56 -4.39
CA THR C 143 -60.80 -10.15 -5.36
C THR C 143 -60.01 -10.70 -6.55
N LEU C 144 -58.87 -10.08 -6.86
CA LEU C 144 -57.99 -10.53 -7.92
C LEU C 144 -57.44 -11.92 -7.58
N LYS C 145 -56.94 -12.06 -6.36
CA LYS C 145 -56.46 -13.34 -5.84
C LYS C 145 -57.60 -14.36 -5.86
N LYS C 146 -58.71 -14.00 -5.22
CA LYS C 146 -59.90 -14.85 -5.10
C LYS C 146 -60.29 -15.42 -6.46
N THR C 147 -60.26 -14.59 -7.51
CA THR C 147 -60.66 -14.99 -8.85
C THR C 147 -59.63 -15.98 -9.42
N VAL C 148 -58.35 -15.70 -9.19
CA VAL C 148 -57.28 -16.51 -9.77
C VAL C 148 -57.25 -17.88 -9.11
N VAL C 149 -57.00 -17.90 -7.80
CA VAL C 149 -56.80 -19.14 -7.05
C VAL C 149 -57.97 -20.10 -7.31
N GLU C 150 -59.20 -19.57 -7.30
CA GLU C 150 -60.38 -20.40 -7.51
C GLU C 150 -60.39 -20.92 -8.94
N SER C 151 -60.00 -20.06 -9.90
CA SER C 151 -59.94 -20.43 -11.30
C SER C 151 -58.75 -21.35 -11.57
N ALA C 152 -57.80 -21.40 -10.63
CA ALA C 152 -56.66 -22.31 -10.72
C ALA C 152 -57.02 -23.67 -10.12
N ILE C 153 -57.88 -23.67 -9.09
CA ILE C 153 -58.36 -24.91 -8.48
C ILE C 153 -59.20 -25.67 -9.52
N ASN C 154 -60.14 -24.95 -10.15
CA ASN C 154 -61.06 -25.55 -11.12
C ASN C 154 -60.27 -26.22 -12.24
N ASP C 155 -59.19 -25.57 -12.72
CA ASP C 155 -58.36 -26.11 -13.77
C ASP C 155 -57.62 -27.36 -13.29
N THR C 156 -57.14 -27.32 -12.03
CA THR C 156 -56.30 -28.38 -11.50
C THR C 156 -57.12 -29.66 -11.31
N LEU C 157 -58.35 -29.52 -10.79
CA LEU C 157 -59.20 -30.67 -10.52
C LEU C 157 -59.54 -31.40 -11.82
N GLU C 158 -59.74 -30.66 -12.91
CA GLU C 158 -60.15 -31.26 -14.17
C GLU C 158 -58.98 -31.97 -14.83
N SER C 159 -57.75 -31.57 -14.48
CA SER C 159 -56.55 -32.23 -15.00
C SER C 159 -56.42 -33.63 -14.41
N PHE C 160 -57.06 -33.85 -13.25
CA PHE C 160 -57.02 -35.14 -12.57
C PHE C 160 -58.07 -36.07 -13.18
N ARG C 161 -59.35 -35.72 -13.00
CA ARG C 161 -60.49 -36.57 -13.31
C ARG C 161 -60.06 -37.99 -13.66
N GLU C 162 -59.40 -38.16 -14.81
CA GLU C 162 -59.06 -39.48 -15.34
C GLU C 162 -57.95 -40.14 -14.52
N ASN C 163 -57.66 -39.60 -13.33
CA ASN C 163 -56.66 -40.17 -12.43
C ASN C 163 -57.09 -39.96 -10.98
N LEU C 164 -58.40 -40.02 -10.71
CA LEU C 164 -58.92 -39.54 -9.44
C LEU C 164 -58.62 -40.55 -8.33
N ASN C 165 -58.64 -41.85 -8.67
CA ASN C 165 -58.41 -42.91 -7.70
C ASN C 165 -56.95 -43.36 -7.71
N ASP C 166 -56.14 -42.70 -8.55
CA ASP C 166 -54.72 -43.04 -8.66
C ASP C 166 -53.98 -42.39 -7.49
N PRO C 167 -53.32 -43.17 -6.61
CA PRO C 167 -52.80 -42.64 -5.35
C PRO C 167 -51.54 -41.79 -5.47
N ARG C 168 -51.07 -41.59 -6.71
CA ARG C 168 -49.99 -40.65 -6.99
C ARG C 168 -50.53 -39.21 -6.87
N PHE C 169 -51.79 -39.01 -7.28
CA PHE C 169 -52.41 -37.69 -7.26
C PHE C 169 -52.98 -37.42 -5.87
N ASP C 170 -52.07 -37.14 -4.91
CA ASP C 170 -52.44 -36.87 -3.54
C ASP C 170 -52.55 -35.37 -3.34
N TYR C 171 -52.73 -34.93 -2.08
CA TYR C 171 -52.88 -33.52 -1.77
C TYR C 171 -51.63 -32.75 -2.17
N ASN C 172 -50.46 -33.37 -2.02
CA ASN C 172 -49.19 -32.73 -2.33
C ASN C 172 -49.12 -32.43 -3.83
N LYS C 173 -49.45 -33.43 -4.66
CA LYS C 173 -49.37 -33.28 -6.11
C LYS C 173 -50.39 -32.26 -6.61
N PHE C 174 -51.47 -32.07 -5.84
CA PHE C 174 -52.54 -31.16 -6.22
C PHE C 174 -52.05 -29.71 -6.10
N PHE C 175 -51.62 -29.32 -4.89
CA PHE C 175 -51.19 -27.97 -4.62
C PHE C 175 -49.99 -27.60 -5.50
N ARG C 176 -49.14 -28.59 -5.78
CA ARG C 176 -47.96 -28.39 -6.59
C ARG C 176 -48.36 -28.04 -8.02
N LYS C 177 -49.38 -28.72 -8.55
CA LYS C 177 -49.91 -28.44 -9.87
C LYS C 177 -50.68 -27.12 -9.87
N ARG C 178 -51.38 -26.83 -8.77
CA ARG C 178 -52.15 -25.60 -8.64
C ARG C 178 -51.22 -24.40 -8.68
N MET C 179 -50.16 -24.45 -7.86
CA MET C 179 -49.23 -23.34 -7.74
C MET C 179 -48.57 -23.06 -9.09
N GLU C 180 -48.30 -24.12 -9.86
CA GLU C 180 -47.69 -24.01 -11.17
C GLU C 180 -48.55 -23.11 -12.07
N ILE C 181 -49.87 -23.25 -11.96
CA ILE C 181 -50.81 -22.44 -12.72
C ILE C 181 -50.91 -21.06 -12.08
N ILE C 182 -51.09 -21.03 -10.75
CA ILE C 182 -51.26 -19.77 -10.02
C ILE C 182 -50.10 -18.83 -10.35
N TYR C 183 -48.87 -19.36 -10.36
CA TYR C 183 -47.69 -18.56 -10.66
C TYR C 183 -47.81 -17.96 -12.06
N ASP C 184 -48.25 -18.78 -13.02
CA ASP C 184 -48.35 -18.37 -14.41
C ASP C 184 -49.38 -17.25 -14.56
N LYS C 185 -50.52 -17.40 -13.86
CA LYS C 185 -51.57 -16.39 -13.87
C LYS C 185 -51.08 -15.12 -13.18
N GLN C 186 -50.48 -15.29 -12.00
CA GLN C 186 -50.01 -14.18 -11.17
C GLN C 186 -48.95 -13.38 -11.92
N LYS C 187 -48.06 -14.09 -12.62
CA LYS C 187 -46.98 -13.45 -13.37
C LYS C 187 -47.54 -12.69 -14.57
N ASN C 188 -48.52 -13.30 -15.25
CA ASN C 188 -49.14 -12.70 -16.42
C ASN C 188 -49.72 -11.33 -16.05
N PHE C 189 -50.43 -11.27 -14.92
CA PHE C 189 -50.99 -10.04 -14.39
C PHE C 189 -49.90 -9.01 -14.14
N ILE C 190 -48.75 -9.47 -13.66
CA ILE C 190 -47.62 -8.59 -13.37
C ILE C 190 -47.12 -7.95 -14.67
N ASN C 191 -46.87 -8.79 -15.69
CA ASN C 191 -46.32 -8.30 -16.94
C ASN C 191 -47.27 -7.30 -17.59
N TYR C 192 -48.58 -7.50 -17.38
CA TYR C 192 -49.60 -6.56 -17.82
C TYR C 192 -49.49 -5.28 -17.00
N TYR C 193 -49.41 -5.42 -15.67
CA TYR C 193 -49.34 -4.28 -14.76
C TYR C 193 -48.12 -3.43 -15.06
N LYS C 194 -46.95 -4.08 -15.25
CA LYS C 194 -45.70 -3.38 -15.45
C LYS C 194 -45.50 -2.99 -16.91
N ALA C 195 -46.53 -3.17 -17.74
CA ALA C 195 -46.58 -2.63 -19.08
C ALA C 195 -47.62 -1.52 -19.17
N GLN C 196 -48.69 -1.63 -18.37
CA GLN C 196 -49.74 -0.63 -18.32
C GLN C 196 -49.26 0.61 -17.57
N ARG C 197 -48.52 0.40 -16.47
CA ARG C 197 -48.00 1.50 -15.68
C ARG C 197 -46.85 2.17 -16.42
N GLU C 198 -46.09 1.39 -17.19
CA GLU C 198 -45.00 1.90 -18.01
C GLU C 198 -45.56 2.77 -19.12
N GLU C 199 -46.76 2.41 -19.60
CA GLU C 199 -47.42 3.11 -20.69
C GLU C 199 -48.06 4.40 -20.19
N ASN C 200 -48.86 4.29 -19.11
CA ASN C 200 -49.64 5.41 -18.60
C ASN C 200 -49.38 5.57 -17.10
N PRO C 201 -48.27 6.22 -16.68
CA PRO C 201 -48.00 6.45 -15.25
C PRO C 201 -48.97 7.37 -14.52
N GLU C 202 -50.25 7.36 -14.94
CA GLU C 202 -51.32 7.99 -14.19
C GLU C 202 -52.49 7.02 -14.07
N LEU C 203 -52.17 5.72 -14.00
CA LEU C 203 -53.16 4.66 -13.76
C LEU C 203 -52.88 4.07 -12.38
N ILE C 204 -53.94 3.92 -11.58
CA ILE C 204 -53.83 3.35 -10.24
C ILE C 204 -53.89 1.82 -10.36
N ILE C 205 -53.78 1.14 -9.22
CA ILE C 205 -53.72 -0.32 -9.18
C ILE C 205 -55.05 -0.90 -9.70
N ASP C 206 -56.15 -0.47 -9.06
CA ASP C 206 -57.48 -1.00 -9.35
C ASP C 206 -57.80 -0.93 -10.83
N ASP C 207 -57.50 0.22 -11.45
CA ASP C 207 -57.79 0.44 -12.87
C ASP C 207 -57.16 -0.66 -13.71
N ILE C 208 -55.97 -1.12 -13.31
CA ILE C 208 -55.30 -2.21 -14.00
C ILE C 208 -55.96 -3.54 -13.64
N VAL C 209 -56.37 -3.68 -12.36
CA VAL C 209 -57.01 -4.89 -11.89
C VAL C 209 -58.33 -5.09 -12.63
N LYS C 210 -59.25 -4.13 -12.51
CA LYS C 210 -60.60 -4.26 -13.03
C LYS C 210 -60.58 -4.62 -14.52
N THR C 211 -59.64 -4.02 -15.26
CA THR C 211 -59.51 -4.26 -16.69
C THR C 211 -59.00 -5.68 -16.92
N TYR C 212 -58.10 -6.15 -16.05
CA TYR C 212 -57.54 -7.49 -16.15
C TYR C 212 -58.63 -8.54 -15.93
N LEU C 213 -59.52 -8.28 -14.97
CA LEU C 213 -60.62 -9.19 -14.69
C LEU C 213 -61.62 -9.18 -15.85
N SER C 214 -61.79 -8.00 -16.47
CA SER C 214 -62.76 -7.82 -17.54
C SER C 214 -62.38 -8.64 -18.77
N ASN C 215 -61.10 -8.53 -19.17
CA ASN C 215 -60.63 -9.13 -20.41
C ASN C 215 -60.52 -10.65 -20.26
N GLU C 216 -59.97 -11.09 -19.12
CA GLU C 216 -59.57 -12.48 -18.95
C GLU C 216 -60.66 -13.28 -18.25
N TYR C 217 -61.04 -12.85 -17.04
CA TYR C 217 -61.90 -13.64 -16.17
C TYR C 217 -63.37 -13.20 -16.29
N SER C 218 -63.68 -12.41 -17.34
CA SER C 218 -65.07 -12.15 -17.72
C SER C 218 -65.86 -11.55 -16.56
N LYS C 219 -65.42 -10.38 -16.09
CA LYS C 219 -66.08 -9.68 -15.00
C LYS C 219 -66.57 -8.32 -15.50
N GLU C 220 -67.80 -7.95 -15.11
CA GLU C 220 -68.38 -6.66 -15.45
C GLU C 220 -67.82 -5.60 -14.51
N ILE C 221 -67.29 -4.52 -15.09
CA ILE C 221 -66.52 -3.51 -14.37
C ILE C 221 -67.43 -2.75 -13.42
N ASP C 222 -68.67 -2.47 -13.84
CA ASP C 222 -69.60 -1.65 -13.09
C ASP C 222 -69.90 -2.27 -11.73
N GLU C 223 -69.89 -3.61 -11.66
CA GLU C 223 -70.11 -4.33 -10.41
C GLU C 223 -68.95 -4.09 -9.45
N LEU C 224 -67.74 -3.93 -10.00
CA LEU C 224 -66.55 -3.66 -9.19
C LEU C 224 -66.56 -2.21 -8.72
N ASN C 225 -67.06 -1.31 -9.57
CA ASN C 225 -67.07 0.12 -9.26
C ASN C 225 -68.05 0.42 -8.13
N THR C 226 -69.10 -0.40 -8.00
CA THR C 226 -70.02 -0.30 -6.88
C THR C 226 -69.35 -0.85 -5.62
N TYR C 227 -68.53 -1.91 -5.80
CA TYR C 227 -67.82 -2.54 -4.70
C TYR C 227 -66.83 -1.55 -4.09
N ILE C 228 -65.99 -0.93 -4.93
CA ILE C 228 -64.97 0.01 -4.46
C ILE C 228 -65.67 1.21 -3.83
N GLU C 229 -66.81 1.62 -4.38
CA GLU C 229 -67.56 2.75 -3.86
C GLU C 229 -68.17 2.40 -2.51
N GLU C 230 -68.76 1.20 -2.42
CA GLU C 230 -69.36 0.71 -1.18
C GLU C 230 -68.27 0.57 -0.11
N SER C 231 -67.05 0.21 -0.53
CA SER C 231 -65.93 0.04 0.37
C SER C 231 -65.46 1.39 0.90
N LEU C 232 -65.21 2.33 -0.03
CA LEU C 232 -64.62 3.63 0.31
C LEU C 232 -65.52 4.36 1.30
N ASN C 233 -66.84 4.30 1.08
CA ASN C 233 -67.81 4.85 2.01
C ASN C 233 -67.66 4.19 3.38
N LYS C 234 -67.59 2.85 3.39
CA LYS C 234 -67.62 2.07 4.62
C LYS C 234 -66.41 2.39 5.49
N ILE C 235 -65.24 2.60 4.86
CA ILE C 235 -64.02 2.88 5.59
C ILE C 235 -63.99 4.36 5.99
N THR C 236 -64.37 5.25 5.06
CA THR C 236 -64.34 6.68 5.31
C THR C 236 -65.19 7.00 6.55
N GLN C 237 -66.33 6.34 6.67
CA GLN C 237 -67.24 6.54 7.80
C GLN C 237 -66.60 6.04 9.10
N ASN C 238 -65.74 5.01 9.00
CA ASN C 238 -65.08 4.43 10.15
C ASN C 238 -63.62 4.84 10.20
N SER C 239 -63.38 6.14 10.44
CA SER C 239 -62.06 6.64 10.81
C SER C 239 -60.98 6.14 9.86
N GLY C 240 -61.23 6.30 8.56
CA GLY C 240 -60.35 5.76 7.54
C GLY C 240 -59.19 6.69 7.20
N ASN C 241 -57.96 6.25 7.46
CA ASN C 241 -56.77 6.92 7.02
C ASN C 241 -56.23 6.23 5.77
N ASP C 242 -56.00 7.01 4.71
CA ASP C 242 -55.46 6.46 3.47
C ASP C 242 -53.94 6.43 3.58
N VAL C 243 -53.33 5.45 2.90
CA VAL C 243 -51.89 5.29 2.90
C VAL C 243 -51.27 6.24 1.88
N ARG C 244 -52.08 6.69 0.91
CA ARG C 244 -51.60 7.56 -0.16
C ARG C 244 -51.42 8.98 0.38
N ASN C 245 -52.18 9.32 1.43
CA ASN C 245 -52.01 10.58 2.14
C ASN C 245 -50.74 10.53 3.00
N PHE C 246 -50.46 9.36 3.59
CA PHE C 246 -49.26 9.14 4.36
C PHE C 246 -48.08 8.96 3.40
N GLY C 247 -47.67 10.08 2.78
CA GLY C 247 -46.64 10.06 1.75
C GLY C 247 -45.24 9.89 2.34
N GLU C 248 -45.12 10.13 3.65
CA GLU C 248 -43.87 9.96 4.37
C GLU C 248 -43.37 8.52 4.20
N PHE C 249 -44.32 7.58 4.16
CA PHE C 249 -44.04 6.17 3.95
C PHE C 249 -43.72 5.90 2.48
N LYS C 250 -44.50 6.51 1.58
CA LYS C 250 -44.35 6.31 0.14
C LYS C 250 -42.98 6.80 -0.33
N ASN C 251 -42.47 7.86 0.30
CA ASN C 251 -41.17 8.42 -0.04
C ASN C 251 -40.06 7.53 0.52
N GLY C 252 -40.34 6.81 1.61
CA GLY C 252 -39.40 5.87 2.20
C GLY C 252 -39.14 4.67 1.30
N GLU C 253 -38.11 3.89 1.65
CA GLU C 253 -37.65 2.78 0.82
C GLU C 253 -38.57 1.57 0.98
N SER C 254 -39.21 1.46 2.14
CA SER C 254 -40.02 0.30 2.48
C SER C 254 -41.30 0.24 1.64
N PHE C 255 -41.60 1.30 0.87
CA PHE C 255 -42.81 1.34 0.08
C PHE C 255 -42.75 0.32 -1.05
N ASN C 256 -41.63 0.29 -1.79
CA ASN C 256 -41.43 -0.71 -2.82
C ASN C 256 -41.89 -2.07 -2.31
N LEU C 257 -41.50 -2.39 -1.08
CA LEU C 257 -41.80 -3.68 -0.47
C LEU C 257 -43.31 -3.80 -0.25
N TYR C 258 -43.93 -2.74 0.26
CA TYR C 258 -45.36 -2.72 0.50
C TYR C 258 -46.11 -3.10 -0.77
N GLU C 259 -45.79 -2.44 -1.88
CA GLU C 259 -46.42 -2.70 -3.16
C GLU C 259 -46.09 -4.12 -3.63
N GLN C 260 -44.82 -4.52 -3.45
CA GLN C 260 -44.36 -5.82 -3.90
C GLN C 260 -45.28 -6.93 -3.35
N GLU C 261 -45.52 -6.89 -2.03
CA GLU C 261 -46.33 -7.91 -1.39
C GLU C 261 -47.82 -7.69 -1.66
N LEU C 262 -48.20 -6.45 -2.04
CA LEU C 262 -49.59 -6.11 -2.32
C LEU C 262 -49.96 -6.49 -3.75
N VAL C 263 -49.22 -5.94 -4.72
CA VAL C 263 -49.62 -6.00 -6.12
C VAL C 263 -49.02 -7.23 -6.79
N GLU C 264 -47.78 -7.60 -6.42
CA GLU C 264 -47.06 -8.66 -7.11
C GLU C 264 -47.40 -10.02 -6.50
N ARG C 265 -47.59 -10.08 -5.17
CA ARG C 265 -47.74 -11.37 -4.49
C ARG C 265 -49.12 -11.54 -3.87
N TRP C 266 -49.91 -10.46 -3.79
CA TRP C 266 -51.26 -10.52 -3.22
C TRP C 266 -51.20 -11.09 -1.80
N ASN C 267 -50.18 -10.66 -1.05
CA ASN C 267 -49.98 -11.07 0.33
C ASN C 267 -50.31 -9.88 1.23
N LEU C 268 -51.59 -9.74 1.58
CA LEU C 268 -52.09 -8.62 2.34
C LEU C 268 -51.47 -8.63 3.73
N ALA C 269 -51.32 -9.84 4.28
CA ALA C 269 -50.72 -10.04 5.60
C ALA C 269 -49.33 -9.41 5.65
N ALA C 270 -48.52 -9.66 4.61
CA ALA C 270 -47.16 -9.15 4.56
C ALA C 270 -47.17 -7.64 4.49
N ALA C 271 -47.98 -7.09 3.57
CA ALA C 271 -48.09 -5.65 3.38
C ALA C 271 -48.44 -4.97 4.70
N SER C 272 -49.38 -5.56 5.45
CA SER C 272 -49.85 -4.99 6.70
C SER C 272 -48.80 -5.17 7.81
N ASP C 273 -47.95 -6.19 7.67
CA ASP C 273 -46.87 -6.43 8.62
C ASP C 273 -45.76 -5.39 8.44
N ILE C 274 -45.71 -4.74 7.27
CA ILE C 274 -44.73 -3.70 6.99
C ILE C 274 -45.29 -2.35 7.47
N LEU C 275 -46.52 -2.05 7.05
CA LEU C 275 -47.10 -0.73 7.26
C LEU C 275 -47.19 -0.41 8.75
N ARG C 276 -47.52 -1.43 9.55
CA ARG C 276 -47.78 -1.26 10.97
C ARG C 276 -46.58 -0.62 11.67
N ILE C 277 -45.37 -1.12 11.41
CA ILE C 277 -44.19 -0.66 12.12
C ILE C 277 -43.71 0.65 11.50
N SER C 278 -43.84 0.78 10.18
CA SER C 278 -43.51 2.01 9.49
C SER C 278 -44.43 3.14 9.93
N ALA C 279 -45.66 2.78 10.36
CA ALA C 279 -46.59 3.74 10.94
C ALA C 279 -46.10 4.17 12.31
N LEU C 280 -45.77 3.20 13.17
CA LEU C 280 -45.33 3.48 14.53
C LEU C 280 -44.08 4.36 14.53
N LYS C 281 -43.22 4.18 13.53
CA LYS C 281 -41.95 4.90 13.46
C LYS C 281 -42.21 6.39 13.26
N GLU C 282 -43.22 6.73 12.44
CA GLU C 282 -43.40 8.09 11.97
C GLU C 282 -44.61 8.76 12.62
N ILE C 283 -45.42 8.00 13.37
CA ILE C 283 -46.62 8.53 14.01
C ILE C 283 -46.51 8.34 15.53
N GLY C 284 -46.31 7.08 15.94
CA GLY C 284 -46.21 6.73 17.35
C GLY C 284 -47.58 6.41 17.93
N GLY C 285 -47.67 5.27 18.63
CA GLY C 285 -48.91 4.85 19.27
C GLY C 285 -48.92 3.35 19.54
N MET C 286 -50.12 2.74 19.49
CA MET C 286 -50.26 1.30 19.62
C MET C 286 -50.92 0.74 18.37
N TYR C 287 -50.22 -0.16 17.67
CA TYR C 287 -50.80 -0.88 16.55
C TYR C 287 -51.45 -2.16 17.08
N LEU C 288 -52.63 -2.47 16.53
CA LEU C 288 -53.34 -3.71 16.83
C LEU C 288 -53.78 -4.37 15.54
N ASP C 289 -53.73 -5.71 15.52
CA ASP C 289 -54.47 -6.48 14.54
C ASP C 289 -55.96 -6.29 14.82
N VAL C 290 -56.77 -6.42 13.77
CA VAL C 290 -58.19 -6.10 13.86
C VAL C 290 -58.91 -7.19 14.65
N ASP C 291 -58.31 -8.38 14.74
CA ASP C 291 -58.92 -9.51 15.44
C ASP C 291 -58.76 -9.38 16.95
N MET C 292 -58.14 -8.30 17.42
CA MET C 292 -57.86 -8.11 18.84
C MET C 292 -59.01 -7.37 19.50
N LEU C 293 -59.12 -7.54 20.83
CA LEU C 293 -60.11 -6.85 21.64
C LEU C 293 -59.45 -6.30 22.90
N PRO C 294 -60.01 -5.23 23.52
CA PRO C 294 -59.38 -4.58 24.68
C PRO C 294 -59.38 -5.47 25.93
N GLY C 295 -58.58 -5.06 26.92
CA GLY C 295 -58.32 -5.87 28.09
C GLY C 295 -59.50 -5.88 29.07
N ILE C 296 -59.84 -7.07 29.56
CA ILE C 296 -60.81 -7.23 30.63
C ILE C 296 -60.17 -6.73 31.94
N GLN C 297 -60.99 -6.15 32.81
CA GLN C 297 -60.53 -5.57 34.07
C GLN C 297 -59.94 -6.67 34.95
N PRO C 298 -58.84 -6.40 35.70
CA PRO C 298 -58.32 -7.34 36.70
C PRO C 298 -59.35 -7.74 37.75
N ASP C 299 -60.18 -6.78 38.18
CA ASP C 299 -61.11 -6.96 39.27
C ASP C 299 -62.34 -7.76 38.82
N LEU C 300 -62.88 -7.40 37.65
CA LEU C 300 -64.19 -7.85 37.21
C LEU C 300 -64.48 -9.27 37.70
N PHE C 301 -63.66 -10.24 37.25
CA PHE C 301 -63.89 -11.64 37.55
C PHE C 301 -62.77 -12.17 38.44
N GLU C 302 -62.54 -11.50 39.58
CA GLU C 302 -61.51 -11.92 40.52
C GLU C 302 -62.09 -12.83 41.59
N SER C 303 -63.43 -12.85 41.71
CA SER C 303 -64.12 -13.64 42.73
C SER C 303 -64.29 -15.09 42.26
N ILE C 304 -64.38 -15.30 40.95
CA ILE C 304 -64.64 -16.62 40.39
C ILE C 304 -63.31 -17.38 40.32
N GLU C 305 -63.38 -18.71 40.41
CA GLU C 305 -62.21 -19.57 40.35
C GLU C 305 -62.32 -20.49 39.14
N LYS C 306 -61.17 -20.96 38.66
CA LYS C 306 -61.07 -21.72 37.41
C LYS C 306 -61.38 -23.19 37.67
N PRO C 307 -61.97 -23.93 36.70
CA PRO C 307 -62.06 -25.39 36.79
C PRO C 307 -60.69 -26.05 36.61
N SER C 308 -60.59 -27.30 37.10
CA SER C 308 -59.32 -28.02 37.11
C SER C 308 -59.03 -28.62 35.73
N SER C 309 -60.06 -29.13 35.06
CA SER C 309 -59.91 -29.88 33.82
C SER C 309 -59.54 -28.95 32.66
N VAL C 310 -60.33 -27.89 32.49
CA VAL C 310 -60.19 -26.99 31.34
C VAL C 310 -58.93 -26.15 31.50
N THR C 311 -58.32 -25.80 30.37
CA THR C 311 -57.03 -25.11 30.34
C THR C 311 -57.25 -23.61 30.56
N VAL C 312 -56.15 -22.88 30.72
CA VAL C 312 -56.16 -21.49 31.14
C VAL C 312 -56.59 -20.59 29.97
N ASP C 313 -56.19 -20.96 28.75
CA ASP C 313 -56.54 -20.20 27.55
C ASP C 313 -58.02 -20.37 27.24
N PHE C 314 -58.60 -21.50 27.67
CA PHE C 314 -60.03 -21.76 27.52
C PHE C 314 -60.81 -20.81 28.42
N TRP C 315 -60.27 -20.57 29.62
CA TRP C 315 -60.89 -19.72 30.63
C TRP C 315 -60.96 -18.27 30.13
N GLU C 316 -59.85 -17.78 29.59
CA GLU C 316 -59.77 -16.41 29.08
C GLU C 316 -60.66 -16.24 27.85
N MET C 317 -60.86 -17.33 27.10
CA MET C 317 -61.65 -17.29 25.88
C MET C 317 -63.13 -17.16 26.22
N THR C 318 -63.55 -17.77 27.34
CA THR C 318 -64.93 -17.75 27.77
C THR C 318 -65.25 -16.42 28.47
N LYS C 319 -64.29 -15.90 29.24
CA LYS C 319 -64.42 -14.59 29.86
C LYS C 319 -64.93 -13.58 28.82
N LEU C 320 -64.40 -13.68 27.60
CA LEU C 320 -64.82 -12.85 26.48
C LEU C 320 -66.22 -13.25 26.01
N GLU C 321 -66.45 -14.57 25.83
CA GLU C 321 -67.72 -15.08 25.34
C GLU C 321 -68.86 -14.67 26.26
N ALA C 322 -68.60 -14.67 27.57
CA ALA C 322 -69.59 -14.32 28.58
C ALA C 322 -70.13 -12.91 28.33
N ILE C 323 -69.22 -11.97 28.07
CA ILE C 323 -69.58 -10.58 27.81
C ILE C 323 -70.63 -10.51 26.69
N MET C 324 -70.36 -11.22 25.59
CA MET C 324 -71.09 -11.02 24.35
C MET C 324 -72.41 -11.80 24.34
N LYS C 325 -72.68 -12.58 25.39
CA LYS C 325 -73.94 -13.31 25.49
C LYS C 325 -75.00 -12.42 26.14
N TYR C 326 -74.61 -11.70 27.21
CA TYR C 326 -75.56 -11.01 28.06
C TYR C 326 -75.60 -9.51 27.71
N LYS C 327 -74.43 -8.88 27.62
CA LYS C 327 -74.36 -7.46 27.30
C LYS C 327 -74.55 -7.26 25.79
N GLU C 328 -74.22 -8.28 25.00
CA GLU C 328 -74.56 -8.35 23.58
C GLU C 328 -74.07 -7.10 22.85
N TYR C 329 -72.74 -6.92 22.81
CA TYR C 329 -72.14 -5.78 22.12
C TYR C 329 -71.92 -6.10 20.64
N ILE C 330 -71.80 -7.40 20.32
CA ILE C 330 -71.40 -7.84 18.99
C ILE C 330 -72.34 -8.95 18.53
N PRO C 331 -72.79 -8.95 17.25
CA PRO C 331 -73.81 -9.91 16.80
C PRO C 331 -73.34 -11.35 16.67
N GLU C 332 -73.85 -12.20 17.57
CA GLU C 332 -73.62 -13.64 17.53
C GLU C 332 -72.12 -13.94 17.60
N TYR C 333 -71.44 -13.34 18.57
CA TYR C 333 -70.10 -13.75 18.94
C TYR C 333 -70.23 -15.12 19.60
N THR C 334 -69.76 -16.16 18.91
CA THR C 334 -70.10 -17.54 19.20
C THR C 334 -70.06 -17.80 20.70
N SER C 335 -71.13 -18.41 21.22
CA SER C 335 -71.22 -18.84 22.61
C SER C 335 -70.95 -20.34 22.69
N GLU C 336 -69.86 -20.78 22.05
CA GLU C 336 -69.54 -22.19 21.93
C GLU C 336 -69.05 -22.71 23.28
N HIS C 337 -67.94 -22.15 23.76
CA HIS C 337 -67.24 -22.67 24.93
C HIS C 337 -67.96 -22.31 26.22
N PHE C 338 -68.84 -21.31 26.16
CA PHE C 338 -69.64 -20.91 27.31
C PHE C 338 -70.75 -21.95 27.53
N ASP C 339 -71.20 -22.58 26.44
CA ASP C 339 -72.25 -23.61 26.52
C ASP C 339 -71.62 -25.00 26.74
N MET C 340 -70.29 -25.05 26.86
CA MET C 340 -69.60 -26.27 27.27
C MET C 340 -69.13 -26.10 28.71
N LEU C 341 -70.05 -25.64 29.58
CA LEU C 341 -69.74 -25.29 30.96
C LEU C 341 -70.81 -25.85 31.90
N ASP C 342 -70.51 -25.80 33.20
CA ASP C 342 -71.48 -26.13 34.23
C ASP C 342 -72.48 -24.98 34.34
N GLU C 343 -73.76 -25.32 34.53
CA GLU C 343 -74.83 -24.32 34.57
C GLU C 343 -74.75 -23.49 35.84
N GLU C 344 -74.21 -24.08 36.92
CA GLU C 344 -74.08 -23.39 38.20
C GLU C 344 -73.11 -22.22 38.05
N VAL C 345 -72.02 -22.43 37.30
CA VAL C 345 -71.00 -21.41 37.09
C VAL C 345 -71.42 -20.49 35.93
N GLN C 346 -72.21 -21.01 34.99
CA GLN C 346 -72.80 -20.19 33.94
C GLN C 346 -73.63 -19.08 34.56
N SER C 347 -74.40 -19.44 35.60
CA SER C 347 -75.24 -18.49 36.32
C SER C 347 -74.39 -17.57 37.20
N SER C 348 -73.22 -18.06 37.64
CA SER C 348 -72.28 -17.24 38.39
C SER C 348 -71.81 -16.06 37.55
N PHE C 349 -71.53 -16.32 36.26
CA PHE C 349 -71.20 -15.27 35.30
C PHE C 349 -72.43 -14.38 35.11
N GLU C 350 -73.52 -14.97 34.62
CA GLU C 350 -74.75 -14.24 34.32
C GLU C 350 -75.07 -13.25 35.43
N SER C 351 -74.94 -13.70 36.69
CA SER C 351 -75.25 -12.89 37.85
C SER C 351 -74.26 -11.74 38.01
N VAL C 352 -72.97 -12.08 38.14
CA VAL C 352 -71.95 -11.12 38.51
C VAL C 352 -71.62 -10.21 37.31
N LEU C 353 -71.82 -10.72 36.09
CA LEU C 353 -71.52 -9.97 34.88
C LEU C 353 -72.59 -8.90 34.64
N ALA C 354 -73.86 -9.28 34.86
CA ALA C 354 -74.99 -8.37 34.67
C ALA C 354 -75.08 -7.37 35.82
N SER C 355 -74.22 -7.52 36.85
CA SER C 355 -74.19 -6.62 37.99
C SER C 355 -73.26 -5.43 37.72
N LYS C 356 -73.15 -5.04 36.44
CA LYS C 356 -72.45 -3.83 36.05
C LYS C 356 -73.25 -3.12 34.96
N SER C 357 -73.18 -1.78 34.96
CA SER C 357 -74.09 -0.96 34.17
C SER C 357 -73.64 -0.88 32.71
N ASP C 358 -72.56 -0.12 32.45
CA ASP C 358 -72.14 0.18 31.10
C ASP C 358 -70.77 -0.46 30.85
N LYS C 359 -70.08 0.00 29.80
CA LYS C 359 -68.95 -0.73 29.24
C LYS C 359 -67.66 -0.41 30.00
N SER C 360 -67.61 0.76 30.65
CA SER C 360 -66.41 1.21 31.35
C SER C 360 -66.03 0.28 32.50
N GLU C 361 -67.03 -0.41 33.06
CA GLU C 361 -66.82 -1.31 34.19
C GLU C 361 -66.31 -2.67 33.69
N ILE C 362 -66.44 -2.94 32.38
CA ILE C 362 -66.04 -4.20 31.79
C ILE C 362 -64.58 -4.12 31.36
N PHE C 363 -64.30 -3.32 30.32
CA PHE C 363 -62.98 -3.26 29.70
C PHE C 363 -62.16 -2.15 30.33
N SER C 364 -60.90 -2.46 30.67
CA SER C 364 -59.95 -1.48 31.13
C SER C 364 -59.42 -0.68 29.94
N SER C 365 -59.36 0.65 30.10
CA SER C 365 -58.87 1.54 29.07
C SER C 365 -57.36 1.73 29.22
N LEU C 366 -56.74 2.36 28.21
CA LEU C 366 -55.30 2.52 28.15
C LEU C 366 -54.89 3.79 28.88
N GLY C 367 -55.47 4.92 28.48
CA GLY C 367 -55.20 6.21 29.10
C GLY C 367 -53.79 6.70 28.79
N ASP C 368 -53.05 7.07 29.85
CA ASP C 368 -51.69 7.52 29.72
C ASP C 368 -50.77 6.30 29.60
N MET C 369 -49.79 6.40 28.69
CA MET C 369 -48.91 5.29 28.35
C MET C 369 -47.47 5.79 28.31
N GLU C 370 -46.58 5.09 29.03
CA GLU C 370 -45.16 5.42 29.05
C GLU C 370 -44.37 4.27 28.44
N ALA C 371 -43.33 4.62 27.67
CA ALA C 371 -42.42 3.66 27.08
C ALA C 371 -41.12 4.37 26.70
N SER C 372 -40.02 3.60 26.65
CA SER C 372 -38.71 4.16 26.34
C SER C 372 -38.64 4.51 24.86
N PRO C 373 -37.83 5.52 24.46
CA PRO C 373 -37.53 5.77 23.04
C PRO C 373 -36.60 4.74 22.41
N LEU C 374 -36.11 3.78 23.21
CA LEU C 374 -35.23 2.73 22.70
C LEU C 374 -36.05 1.47 22.40
N GLU C 375 -37.28 1.36 22.92
CA GLU C 375 -38.01 0.10 22.92
C GLU C 375 -39.28 0.20 22.07
N VAL C 376 -39.75 -0.98 21.65
CA VAL C 376 -41.03 -1.15 20.97
C VAL C 376 -41.67 -2.42 21.54
N LYS C 377 -42.65 -2.26 22.45
CA LYS C 377 -43.22 -3.38 23.16
C LYS C 377 -44.06 -4.22 22.21
N ILE C 378 -44.05 -5.54 22.41
CA ILE C 378 -44.66 -6.49 21.48
C ILE C 378 -45.37 -7.58 22.28
N ALA C 379 -46.45 -8.13 21.69
CA ALA C 379 -47.31 -9.07 22.37
C ALA C 379 -46.69 -10.47 22.36
N PHE C 380 -47.17 -11.32 23.28
CA PHE C 380 -46.72 -12.70 23.43
C PHE C 380 -47.94 -13.62 23.40
N ASN C 381 -48.06 -14.43 22.36
CA ASN C 381 -48.98 -15.56 22.35
C ASN C 381 -48.28 -16.73 23.03
N SER C 382 -48.90 -17.92 22.96
CA SER C 382 -48.35 -19.10 23.60
C SER C 382 -46.99 -19.46 23.00
N LYS C 383 -46.86 -19.32 21.67
CA LYS C 383 -45.68 -19.76 20.94
C LYS C 383 -44.80 -18.58 20.53
N GLY C 384 -44.36 -17.78 21.51
CA GLY C 384 -43.37 -16.74 21.29
C GLY C 384 -44.03 -15.36 21.16
N ILE C 385 -43.29 -14.43 20.56
CA ILE C 385 -43.78 -13.07 20.35
C ILE C 385 -44.75 -13.07 19.18
N ILE C 386 -45.43 -11.94 18.97
CA ILE C 386 -46.33 -11.76 17.85
C ILE C 386 -46.57 -10.26 17.65
N ASN C 387 -46.68 -9.86 16.38
CA ASN C 387 -46.75 -8.45 16.01
C ASN C 387 -48.19 -8.00 15.87
N GLN C 388 -49.08 -8.52 16.73
CA GLN C 388 -50.48 -8.14 16.73
C GLN C 388 -50.73 -7.04 17.75
N GLY C 389 -49.77 -6.83 18.67
CA GLY C 389 -49.84 -5.76 19.64
C GLY C 389 -48.50 -5.06 19.79
N LEU C 390 -48.40 -3.85 19.22
CA LEU C 390 -47.15 -3.10 19.19
C LEU C 390 -47.35 -1.72 19.79
N ILE C 391 -46.84 -1.51 21.01
CA ILE C 391 -46.69 -0.17 21.59
C ILE C 391 -45.34 0.38 21.14
N SER C 392 -45.30 1.70 20.85
CA SER C 392 -44.06 2.36 20.48
C SER C 392 -44.19 3.87 20.66
N VAL C 393 -43.04 4.51 20.88
CA VAL C 393 -42.95 5.96 20.91
C VAL C 393 -42.53 6.43 19.52
N LYS C 394 -42.91 7.67 19.16
CA LYS C 394 -42.60 8.22 17.86
C LYS C 394 -41.09 8.12 17.62
N ASP C 395 -40.72 7.58 16.46
CA ASP C 395 -39.33 7.47 16.03
C ASP C 395 -38.48 6.88 17.16
N SER C 396 -38.90 5.70 17.64
CA SER C 396 -38.13 4.93 18.61
C SER C 396 -36.89 4.38 17.92
N TYR C 397 -35.86 4.04 18.71
CA TYR C 397 -34.62 3.50 18.17
C TYR C 397 -34.86 2.06 17.71
N CYS C 398 -35.71 1.32 18.46
CA CYS C 398 -36.10 -0.01 18.04
C CYS C 398 -36.98 0.06 16.79
N SER C 399 -37.99 0.94 16.81
CA SER C 399 -38.91 1.08 15.68
C SER C 399 -38.12 1.26 14.39
N ASN C 400 -37.07 2.09 14.45
CA ASN C 400 -36.13 2.24 13.34
C ASN C 400 -35.53 0.89 12.98
N LEU C 401 -34.84 0.27 13.94
CA LEU C 401 -34.12 -0.98 13.73
C LEU C 401 -35.00 -2.01 13.03
N ILE C 402 -36.27 -2.10 13.45
CA ILE C 402 -37.17 -3.12 12.95
C ILE C 402 -37.40 -2.91 11.45
N VAL C 403 -37.52 -1.64 11.04
CA VAL C 403 -37.75 -1.31 9.65
C VAL C 403 -36.49 -1.64 8.84
N LYS C 404 -35.33 -1.27 9.39
CA LYS C 404 -34.05 -1.51 8.75
C LYS C 404 -33.81 -3.01 8.60
N GLN C 405 -34.33 -3.79 9.56
CA GLN C 405 -34.29 -5.25 9.49
C GLN C 405 -35.13 -5.74 8.31
N ILE C 406 -36.39 -5.29 8.26
CA ILE C 406 -37.31 -5.70 7.21
C ILE C 406 -36.73 -5.29 5.85
N GLU C 407 -36.25 -4.05 5.75
CA GLU C 407 -35.66 -3.54 4.52
C GLU C 407 -34.57 -4.49 4.02
N ASN C 408 -33.69 -4.91 4.93
CA ASN C 408 -32.50 -5.67 4.59
C ASN C 408 -32.86 -7.10 4.20
N ARG C 409 -33.89 -7.66 4.85
CA ARG C 409 -34.34 -9.01 4.55
C ARG C 409 -34.85 -9.05 3.11
N TYR C 410 -35.75 -8.12 2.77
CA TYR C 410 -36.29 -8.02 1.41
C TYR C 410 -35.17 -7.71 0.42
N LYS C 411 -34.12 -7.01 0.88
CA LYS C 411 -32.94 -6.80 0.06
C LYS C 411 -32.36 -8.16 -0.34
N ILE C 412 -32.06 -9.00 0.65
CA ILE C 412 -31.46 -10.31 0.42
C ILE C 412 -32.38 -11.16 -0.46
N LEU C 413 -33.69 -11.05 -0.23
CA LEU C 413 -34.68 -11.81 -0.98
C LEU C 413 -34.62 -11.42 -2.45
N ASN C 414 -34.82 -10.14 -2.74
CA ASN C 414 -34.95 -9.64 -4.10
C ASN C 414 -33.62 -9.77 -4.85
N ASN C 415 -32.51 -9.63 -4.12
CA ASN C 415 -31.18 -9.67 -4.71
C ASN C 415 -30.81 -11.11 -5.06
N SER C 416 -31.69 -12.07 -4.75
CA SER C 416 -31.57 -13.44 -5.20
C SER C 416 -32.76 -13.81 -6.09
N LEU C 417 -33.95 -13.29 -5.77
CA LEU C 417 -35.19 -13.65 -6.44
C LEU C 417 -35.27 -12.98 -7.82
N ASN C 418 -35.10 -11.65 -7.86
CA ASN C 418 -35.37 -10.86 -9.06
C ASN C 418 -34.53 -11.36 -10.24
N PRO C 419 -33.24 -11.75 -10.05
CA PRO C 419 -32.49 -12.43 -11.10
C PRO C 419 -33.24 -13.60 -11.72
N ALA C 420 -33.78 -14.49 -10.87
CA ALA C 420 -34.37 -15.73 -11.31
C ALA C 420 -35.72 -15.48 -12.00
N ILE C 421 -36.52 -14.58 -11.44
CA ILE C 421 -37.87 -14.34 -11.95
C ILE C 421 -37.81 -13.66 -13.32
N SER C 422 -36.78 -12.83 -13.55
CA SER C 422 -36.69 -12.02 -14.75
C SER C 422 -36.63 -12.89 -16.00
N GLU C 423 -35.67 -13.82 -16.02
CA GLU C 423 -35.56 -14.80 -17.09
C GLU C 423 -36.70 -15.81 -16.94
N ASP C 424 -37.87 -15.47 -17.52
CA ASP C 424 -39.12 -16.14 -17.22
C ASP C 424 -39.04 -17.62 -17.61
N ASN C 425 -39.48 -18.48 -16.69
CA ASN C 425 -39.49 -19.93 -16.89
C ASN C 425 -40.72 -20.50 -16.20
N ASP C 426 -40.84 -21.84 -16.21
CA ASP C 426 -41.84 -22.54 -15.43
C ASP C 426 -41.63 -22.26 -13.95
N PHE C 427 -42.72 -22.30 -13.18
CA PHE C 427 -42.66 -22.08 -11.74
C PHE C 427 -41.54 -22.90 -11.12
N ASN C 428 -41.52 -24.21 -11.42
CA ASN C 428 -40.63 -25.14 -10.75
C ASN C 428 -39.17 -24.76 -11.02
N THR C 429 -38.86 -24.47 -12.29
CA THR C 429 -37.49 -24.15 -12.71
C THR C 429 -37.07 -22.80 -12.14
N THR C 430 -38.04 -21.91 -11.90
CA THR C 430 -37.77 -20.63 -11.24
C THR C 430 -37.39 -20.89 -9.79
N THR C 431 -38.19 -21.71 -9.09
CA THR C 431 -37.99 -21.96 -7.68
C THR C 431 -36.63 -22.63 -7.47
N ASN C 432 -36.26 -23.54 -8.38
CA ASN C 432 -35.01 -24.28 -8.26
C ASN C 432 -33.81 -23.41 -8.61
N THR C 433 -34.05 -22.25 -9.25
CA THR C 433 -33.00 -21.25 -9.45
C THR C 433 -32.89 -20.40 -8.19
N PHE C 434 -34.03 -19.83 -7.79
CA PHE C 434 -34.14 -18.92 -6.66
C PHE C 434 -33.46 -19.50 -5.42
N ILE C 435 -33.74 -20.77 -5.13
CA ILE C 435 -33.22 -21.42 -3.94
C ILE C 435 -31.73 -21.68 -4.10
N ASP C 436 -31.34 -22.27 -5.24
CA ASP C 436 -29.94 -22.58 -5.51
C ASP C 436 -29.06 -21.36 -5.23
N SER C 437 -29.51 -20.18 -5.69
CA SER C 437 -28.75 -18.95 -5.53
C SER C 437 -28.73 -18.49 -4.07
N ILE C 438 -29.82 -18.74 -3.33
CA ILE C 438 -29.88 -18.42 -1.92
C ILE C 438 -28.83 -19.23 -1.18
N MET C 439 -28.75 -20.54 -1.47
CA MET C 439 -27.88 -21.46 -0.75
C MET C 439 -26.41 -21.13 -1.03
N ALA C 440 -26.13 -20.49 -2.18
CA ALA C 440 -24.80 -20.05 -2.51
C ALA C 440 -24.40 -18.86 -1.62
N GLU C 441 -25.34 -17.93 -1.41
CA GLU C 441 -25.07 -16.69 -0.71
C GLU C 441 -25.54 -16.79 0.74
N ALA C 442 -25.32 -17.97 1.35
CA ALA C 442 -25.88 -18.28 2.66
C ALA C 442 -24.78 -18.82 3.58
N ASN C 443 -24.43 -18.03 4.60
CA ASN C 443 -23.40 -18.41 5.56
C ASN C 443 -24.06 -19.12 6.74
N ALA C 444 -23.28 -19.35 7.81
CA ALA C 444 -23.73 -20.12 8.96
C ALA C 444 -24.50 -19.25 9.95
N ASP C 445 -24.61 -17.95 9.67
CA ASP C 445 -25.45 -17.05 10.45
C ASP C 445 -26.85 -17.06 9.88
N ASN C 446 -26.98 -16.64 8.62
CA ASN C 446 -28.29 -16.46 7.99
C ASN C 446 -28.90 -17.79 7.56
N GLY C 447 -28.20 -18.90 7.85
CA GLY C 447 -28.64 -20.22 7.41
C GLY C 447 -30.08 -20.52 7.81
N ARG C 448 -30.39 -20.36 9.09
CA ARG C 448 -31.69 -20.73 9.64
C ARG C 448 -32.78 -19.84 9.05
N PHE C 449 -32.43 -18.59 8.74
CA PHE C 449 -33.34 -17.66 8.09
C PHE C 449 -33.55 -18.06 6.63
N MET C 450 -32.44 -18.25 5.92
CA MET C 450 -32.44 -18.49 4.49
C MET C 450 -33.32 -19.68 4.13
N MET C 451 -33.29 -20.73 4.95
CA MET C 451 -34.13 -21.90 4.73
C MET C 451 -35.56 -21.44 4.44
N GLU C 452 -36.13 -20.66 5.35
CA GLU C 452 -37.52 -20.25 5.25
C GLU C 452 -37.72 -19.33 4.05
N LEU C 453 -36.71 -18.52 3.73
CA LEU C 453 -36.82 -17.55 2.65
C LEU C 453 -37.05 -18.25 1.31
N GLY C 454 -36.50 -19.46 1.15
CA GLY C 454 -36.56 -20.19 -0.11
C GLY C 454 -37.98 -20.60 -0.49
N LYS C 455 -38.92 -20.54 0.47
CA LYS C 455 -40.30 -20.92 0.23
C LYS C 455 -41.16 -19.71 -0.12
N TYR C 456 -40.51 -18.60 -0.52
CA TYR C 456 -41.18 -17.30 -0.58
C TYR C 456 -42.25 -17.30 -1.67
N LEU C 457 -42.02 -18.04 -2.76
CA LEU C 457 -42.98 -18.11 -3.85
C LEU C 457 -44.25 -18.83 -3.39
N ARG C 458 -44.09 -19.78 -2.47
CA ARG C 458 -45.17 -20.67 -2.08
C ARG C 458 -46.06 -20.05 -1.00
N VAL C 459 -45.74 -18.83 -0.55
CA VAL C 459 -46.47 -18.23 0.55
C VAL C 459 -47.93 -18.03 0.14
N GLY C 460 -48.83 -18.75 0.82
CA GLY C 460 -50.26 -18.53 0.69
C GLY C 460 -50.95 -19.59 -0.18
N PHE C 461 -50.16 -20.46 -0.82
CA PHE C 461 -50.72 -21.48 -1.71
C PHE C 461 -50.11 -22.84 -1.38
N PHE C 462 -49.62 -23.01 -0.16
CA PHE C 462 -48.95 -24.23 0.28
C PHE C 462 -49.10 -24.35 1.80
N PRO C 463 -49.02 -25.58 2.35
CA PRO C 463 -48.94 -25.76 3.80
C PRO C 463 -47.52 -25.56 4.32
N ASP C 464 -47.41 -25.11 5.57
CA ASP C 464 -46.14 -25.04 6.29
C ASP C 464 -45.18 -24.13 5.54
N VAL C 465 -45.50 -22.82 5.53
CA VAL C 465 -44.67 -21.81 4.91
C VAL C 465 -44.56 -20.62 5.86
N LYS C 466 -43.40 -20.51 6.52
CA LYS C 466 -43.21 -19.52 7.57
C LYS C 466 -42.34 -18.36 7.06
N THR C 467 -42.25 -18.22 5.73
CA THR C 467 -41.37 -17.25 5.12
C THR C 467 -41.76 -15.85 5.57
N THR C 468 -43.05 -15.55 5.45
CA THR C 468 -43.58 -14.23 5.74
C THR C 468 -43.26 -13.80 7.17
N ILE C 469 -43.13 -14.78 8.08
CA ILE C 469 -42.78 -14.51 9.46
C ILE C 469 -41.32 -14.06 9.57
N ASN C 470 -40.46 -14.57 8.67
CA ASN C 470 -39.04 -14.28 8.72
C ASN C 470 -38.71 -13.02 7.92
N LEU C 471 -39.71 -12.43 7.25
CA LEU C 471 -39.52 -11.21 6.47
C LEU C 471 -40.05 -10.02 7.24
N SER C 472 -41.38 -9.91 7.34
CA SER C 472 -42.05 -8.74 7.88
C SER C 472 -42.59 -9.02 9.28
N GLY C 473 -42.47 -10.28 9.74
CA GLY C 473 -43.14 -10.74 10.95
C GLY C 473 -42.18 -10.86 12.13
N PRO C 474 -42.61 -11.52 13.23
CA PRO C 474 -41.86 -11.61 14.48
C PRO C 474 -40.33 -11.65 14.43
N GLU C 475 -39.78 -12.60 13.66
CA GLU C 475 -38.34 -12.80 13.57
C GLU C 475 -37.63 -11.46 13.49
N ALA C 476 -38.08 -10.59 12.57
CA ALA C 476 -37.50 -9.29 12.35
C ALA C 476 -37.46 -8.49 13.65
N TYR C 477 -38.58 -8.50 14.39
CA TYR C 477 -38.69 -7.78 15.65
C TYR C 477 -37.71 -8.39 16.66
N ALA C 478 -37.56 -9.71 16.62
CA ALA C 478 -36.59 -10.40 17.47
C ALA C 478 -35.18 -9.93 17.12
N ALA C 479 -34.88 -9.92 15.81
CA ALA C 479 -33.59 -9.49 15.32
C ALA C 479 -33.28 -8.09 15.85
N ALA C 480 -34.24 -7.17 15.69
CA ALA C 480 -34.07 -5.78 16.09
C ALA C 480 -33.69 -5.67 17.56
N TYR C 481 -34.26 -6.53 18.40
CA TYR C 481 -33.92 -6.58 19.80
C TYR C 481 -32.49 -7.09 19.96
N GLN C 482 -32.12 -8.10 19.17
CA GLN C 482 -30.77 -8.62 19.18
C GLN C 482 -29.80 -7.53 18.73
N ASP C 483 -30.17 -6.80 17.66
CA ASP C 483 -29.41 -5.65 17.20
C ASP C 483 -29.18 -4.69 18.36
N LEU C 484 -30.22 -4.46 19.17
CA LEU C 484 -30.15 -3.54 20.29
C LEU C 484 -29.13 -4.05 21.32
N LEU C 485 -29.35 -5.28 21.80
CA LEU C 485 -28.65 -5.78 22.98
C LEU C 485 -27.23 -6.23 22.60
N MET C 486 -27.02 -6.63 21.35
CA MET C 486 -25.70 -7.01 20.89
C MET C 486 -24.94 -5.80 20.34
N PHE C 487 -25.56 -4.61 20.45
CA PHE C 487 -24.96 -3.37 20.00
C PHE C 487 -24.48 -3.51 18.56
N LYS C 488 -25.33 -4.11 17.72
CA LYS C 488 -24.99 -4.37 16.34
C LYS C 488 -26.17 -3.91 15.48
N GLU C 489 -26.12 -4.22 14.18
CA GLU C 489 -27.17 -3.87 13.26
C GLU C 489 -27.11 -4.84 12.09
N GLY C 490 -28.23 -5.53 11.83
CA GLY C 490 -28.30 -6.52 10.77
C GLY C 490 -27.93 -7.93 11.27
N SER C 491 -28.34 -8.26 12.49
CA SER C 491 -28.34 -9.64 12.94
C SER C 491 -29.49 -10.37 12.28
N MET C 492 -29.24 -11.58 11.77
CA MET C 492 -30.24 -12.33 11.03
C MET C 492 -30.62 -13.61 11.79
N ASN C 493 -29.62 -14.31 12.33
CA ASN C 493 -29.87 -15.45 13.19
C ASN C 493 -30.11 -14.95 14.61
N ILE C 494 -31.17 -15.47 15.25
CA ILE C 494 -31.56 -15.03 16.59
C ILE C 494 -31.06 -16.06 17.61
N HIS C 495 -30.41 -15.55 18.66
CA HIS C 495 -29.92 -16.38 19.74
C HIS C 495 -30.48 -15.88 21.07
N LEU C 496 -31.52 -15.06 21.01
CA LEU C 496 -32.18 -14.54 22.21
C LEU C 496 -33.15 -15.59 22.73
N ILE C 497 -33.14 -15.79 24.05
CA ILE C 497 -34.03 -16.74 24.70
C ILE C 497 -35.28 -15.99 25.15
N GLU C 498 -36.40 -16.70 25.28
CA GLU C 498 -37.69 -16.12 25.63
C GLU C 498 -37.55 -15.09 26.73
N ALA C 499 -36.79 -15.43 27.79
CA ALA C 499 -36.62 -14.58 28.95
C ALA C 499 -36.08 -13.20 28.56
N ASP C 500 -35.18 -13.17 27.56
CA ASP C 500 -34.56 -11.94 27.11
C ASP C 500 -35.57 -11.06 26.39
N LEU C 501 -36.50 -11.70 25.66
CA LEU C 501 -37.49 -10.98 24.86
C LEU C 501 -38.57 -10.38 25.77
N ARG C 502 -38.77 -10.98 26.95
CA ARG C 502 -39.79 -10.51 27.89
C ARG C 502 -39.56 -9.05 28.26
N ASN C 503 -38.31 -8.58 28.11
CA ASN C 503 -37.95 -7.20 28.40
C ASN C 503 -38.74 -6.23 27.53
N PHE C 504 -39.37 -6.73 26.45
CA PHE C 504 -40.12 -5.88 25.55
C PHE C 504 -41.55 -6.37 25.42
N GLU C 505 -42.12 -6.92 26.51
CA GLU C 505 -43.48 -7.45 26.45
C GLU C 505 -44.46 -6.35 26.83
N ILE C 506 -45.51 -6.19 26.01
CA ILE C 506 -46.65 -5.36 26.36
C ILE C 506 -47.45 -6.08 27.44
N SER C 507 -47.65 -5.42 28.58
CA SER C 507 -48.31 -6.03 29.72
C SER C 507 -49.61 -6.71 29.27
N LYS C 508 -49.84 -7.91 29.80
CA LYS C 508 -50.85 -8.81 29.29
C LYS C 508 -52.25 -8.23 29.47
N THR C 509 -52.40 -7.34 30.46
CA THR C 509 -53.70 -6.82 30.87
C THR C 509 -54.23 -5.80 29.86
N ASN C 510 -53.36 -5.27 28.99
CA ASN C 510 -53.76 -4.25 28.03
C ASN C 510 -54.52 -4.86 26.86
N ILE C 511 -54.14 -6.08 26.45
CA ILE C 511 -54.71 -6.71 25.27
C ILE C 511 -55.37 -8.03 25.67
N SER C 512 -56.67 -8.16 25.34
CA SER C 512 -57.35 -9.44 25.38
C SER C 512 -57.15 -10.15 24.04
N GLN C 513 -56.22 -11.10 24.02
CA GLN C 513 -55.76 -11.72 22.79
C GLN C 513 -56.67 -12.88 22.39
N SER C 514 -57.35 -13.47 23.37
CA SER C 514 -58.04 -14.74 23.19
C SER C 514 -59.42 -14.53 22.58
N THR C 515 -59.47 -13.86 21.42
CA THR C 515 -60.73 -13.50 20.78
C THR C 515 -61.21 -14.65 19.91
N GLU C 516 -62.43 -14.50 19.36
CA GLU C 516 -62.98 -15.49 18.45
C GLU C 516 -62.16 -15.51 17.16
N GLN C 517 -62.02 -14.32 16.54
CA GLN C 517 -61.45 -14.21 15.21
C GLN C 517 -59.97 -14.59 15.22
N GLU C 518 -59.32 -14.51 16.40
CA GLU C 518 -57.91 -14.88 16.50
C GLU C 518 -57.78 -16.41 16.47
N MET C 519 -58.78 -17.13 17.02
CA MET C 519 -58.81 -18.57 16.94
C MET C 519 -59.15 -18.99 15.51
N ALA C 520 -59.83 -18.10 14.78
CA ALA C 520 -60.10 -18.29 13.37
C ALA C 520 -58.86 -17.94 12.53
N SER C 521 -58.03 -17.00 13.01
CA SER C 521 -56.79 -16.67 12.31
C SER C 521 -55.69 -17.69 12.65
N LEU C 522 -55.88 -18.43 13.75
CA LEU C 522 -54.87 -19.36 14.24
C LEU C 522 -55.12 -20.77 13.70
N TRP C 523 -56.05 -20.90 12.75
CA TRP C 523 -56.36 -22.16 12.10
C TRP C 523 -55.08 -22.94 11.79
N SER C 524 -54.05 -22.24 11.28
CA SER C 524 -52.73 -22.79 11.03
C SER C 524 -52.79 -23.84 9.91
N PHE C 525 -52.23 -23.50 8.75
CA PHE C 525 -52.28 -24.34 7.56
C PHE C 525 -51.37 -25.55 7.78
N ASP C 526 -51.88 -26.54 8.52
CA ASP C 526 -51.13 -27.76 8.77
C ASP C 526 -51.28 -28.66 7.54
N ASP C 527 -50.30 -29.54 7.34
CA ASP C 527 -50.28 -30.43 6.19
C ASP C 527 -51.54 -31.27 6.15
N ALA C 528 -52.06 -31.63 7.34
CA ALA C 528 -53.23 -32.49 7.45
C ALA C 528 -54.50 -31.73 7.03
N ARG C 529 -54.64 -30.49 7.53
CA ARG C 529 -55.79 -29.65 7.20
C ARG C 529 -55.87 -29.48 5.69
N ALA C 530 -54.70 -29.42 5.03
CA ALA C 530 -54.60 -29.32 3.60
C ALA C 530 -55.30 -30.50 2.91
N LYS C 531 -55.01 -31.71 3.39
CA LYS C 531 -55.54 -32.94 2.79
C LYS C 531 -57.07 -32.89 2.75
N ALA C 532 -57.69 -32.51 3.87
CA ALA C 532 -59.14 -32.47 3.97
C ALA C 532 -59.72 -31.44 3.00
N GLN C 533 -58.96 -30.37 2.73
CA GLN C 533 -59.39 -29.34 1.80
C GLN C 533 -59.35 -29.88 0.37
N PHE C 534 -58.35 -30.71 0.06
CA PHE C 534 -58.25 -31.37 -1.23
C PHE C 534 -59.46 -32.27 -1.44
N GLU C 535 -59.79 -33.05 -0.41
CA GLU C 535 -60.95 -33.93 -0.45
C GLU C 535 -62.23 -33.11 -0.62
N GLU C 536 -62.27 -31.93 0.00
CA GLU C 536 -63.43 -31.04 -0.08
C GLU C 536 -63.55 -30.47 -1.49
N TYR C 537 -62.42 -30.04 -2.07
CA TYR C 537 -62.41 -29.53 -3.43
C TYR C 537 -62.81 -30.64 -4.40
N LYS C 538 -62.38 -31.87 -4.11
CA LYS C 538 -62.65 -33.02 -4.96
C LYS C 538 -64.13 -33.40 -4.89
N ARG C 539 -64.76 -33.10 -3.75
CA ARG C 539 -66.19 -33.28 -3.58
C ARG C 539 -66.96 -32.32 -4.49
N ASN C 540 -66.49 -31.07 -4.59
CA ASN C 540 -67.25 -29.98 -5.19
C ASN C 540 -67.57 -30.30 -6.66
N TYR C 541 -66.54 -30.54 -7.47
CA TYR C 541 -66.71 -30.64 -8.91
C TYR C 541 -67.52 -31.91 -9.24
N PHE C 542 -67.42 -32.93 -8.38
CA PHE C 542 -68.28 -34.10 -8.48
C PHE C 542 -69.29 -34.08 -7.34
#